data_1X44
#
_entry.id   1X44
#
_entity_poly.entity_id   1
_entity_poly.type   'polypeptide(L)'
_entity_poly.pdbx_seq_one_letter_code
;GSSGSSGIMVTKQLEDTTAYCGERVELECEVSEDDANVKWFKNGEEIIPGPKSRYRIRVEGKKHILIIEGATKADAAEYS
VMTTGGQSSAKLSVDLKSGPSSG
;
_entity_poly.pdbx_strand_id   A
#
# COMPACT_ATOMS: atom_id res chain seq x y z
N GLY A 1 6.70 -23.27 17.08
CA GLY A 1 6.38 -21.86 17.10
C GLY A 1 6.50 -21.21 15.74
N SER A 2 7.67 -20.65 15.45
CA SER A 2 7.90 -19.99 14.17
C SER A 2 8.43 -20.98 13.14
N SER A 3 7.51 -21.63 12.43
CA SER A 3 7.88 -22.60 11.41
C SER A 3 7.08 -22.38 10.12
N GLY A 4 7.66 -21.63 9.19
CA GLY A 4 6.99 -21.36 7.93
C GLY A 4 7.94 -21.38 6.75
N SER A 5 7.40 -21.63 5.56
CA SER A 5 8.21 -21.68 4.36
C SER A 5 9.32 -20.63 4.38
N SER A 6 10.37 -20.87 3.61
CA SER A 6 11.50 -19.96 3.56
C SER A 6 11.03 -18.53 3.25
N GLY A 7 10.66 -18.30 1.99
CA GLY A 7 10.19 -16.99 1.59
C GLY A 7 8.93 -16.56 2.33
N ILE A 8 8.41 -15.39 1.99
CA ILE A 8 7.21 -14.87 2.63
C ILE A 8 6.02 -14.90 1.67
N MET A 9 4.85 -15.23 2.20
CA MET A 9 3.64 -15.29 1.39
C MET A 9 2.59 -14.31 1.90
N VAL A 10 2.01 -13.54 0.99
CA VAL A 10 0.99 -12.56 1.36
C VAL A 10 -0.34 -13.24 1.66
N THR A 11 -0.62 -13.41 2.95
CA THR A 11 -1.86 -14.05 3.38
C THR A 11 -3.07 -13.22 2.98
N LYS A 12 -2.99 -11.92 3.22
CA LYS A 12 -4.09 -11.01 2.89
C LYS A 12 -3.71 -10.11 1.72
N GLN A 13 -4.38 -10.29 0.59
CA GLN A 13 -4.12 -9.48 -0.59
C GLN A 13 -4.83 -8.14 -0.52
N LEU A 14 -4.19 -7.11 -1.06
CA LEU A 14 -4.76 -5.77 -1.05
C LEU A 14 -6.16 -5.77 -1.66
N GLU A 15 -6.99 -4.83 -1.22
CA GLU A 15 -8.36 -4.72 -1.72
C GLU A 15 -8.60 -3.34 -2.31
N ASP A 16 -9.32 -3.30 -3.43
CA ASP A 16 -9.64 -2.04 -4.09
C ASP A 16 -10.06 -0.98 -3.08
N THR A 17 -9.44 0.20 -3.18
CA THR A 17 -9.75 1.29 -2.27
C THR A 17 -10.18 2.54 -3.03
N THR A 18 -11.28 3.14 -2.60
CA THR A 18 -11.80 4.34 -3.25
C THR A 18 -11.79 5.53 -2.28
N ALA A 19 -10.85 6.44 -2.48
CA ALA A 19 -10.74 7.62 -1.63
C ALA A 19 -11.00 8.90 -2.43
N TYR A 20 -11.17 10.01 -1.72
CA TYR A 20 -11.43 11.29 -2.37
C TYR A 20 -10.13 12.07 -2.59
N CYS A 21 -10.25 13.22 -3.24
CA CYS A 21 -9.08 14.05 -3.53
C CYS A 21 -8.56 14.70 -2.25
N GLY A 22 -7.25 14.56 -2.01
CA GLY A 22 -6.65 15.13 -0.83
C GLY A 22 -6.84 14.25 0.40
N GLU A 23 -7.74 13.29 0.30
CA GLU A 23 -8.03 12.38 1.41
C GLU A 23 -6.81 11.51 1.73
N ARG A 24 -6.86 10.83 2.86
CA ARG A 24 -5.76 9.95 3.27
C ARG A 24 -6.07 8.50 2.96
N VAL A 25 -5.23 7.89 2.12
CA VAL A 25 -5.42 6.49 1.74
C VAL A 25 -4.59 5.56 2.63
N GLU A 26 -5.18 4.44 3.01
CA GLU A 26 -4.50 3.47 3.86
C GLU A 26 -4.67 2.06 3.31
N LEU A 27 -3.55 1.44 2.94
CA LEU A 27 -3.56 0.09 2.40
C LEU A 27 -3.00 -0.91 3.40
N GLU A 28 -3.89 -1.75 3.95
CA GLU A 28 -3.48 -2.76 4.92
C GLU A 28 -3.30 -4.12 4.26
N CYS A 29 -2.42 -4.93 4.82
CA CYS A 29 -2.16 -6.26 4.28
C CYS A 29 -1.47 -7.14 5.32
N GLU A 30 -1.45 -8.45 5.06
CA GLU A 30 -0.82 -9.39 5.98
C GLU A 30 0.12 -10.33 5.23
N VAL A 31 1.16 -10.80 5.92
CA VAL A 31 2.13 -11.70 5.32
C VAL A 31 2.28 -12.98 6.14
N SER A 32 3.19 -13.85 5.72
CA SER A 32 3.41 -15.11 6.41
C SER A 32 4.40 -14.93 7.57
N GLU A 33 5.37 -14.05 7.37
CA GLU A 33 6.38 -13.79 8.40
C GLU A 33 6.00 -12.55 9.21
N ASP A 34 6.65 -12.40 10.36
CA ASP A 34 6.38 -11.26 11.24
C ASP A 34 7.43 -10.17 11.05
N ASP A 35 7.12 -8.97 11.52
CA ASP A 35 8.04 -7.84 11.40
C ASP A 35 8.83 -7.91 10.10
N ALA A 36 8.16 -8.31 9.03
CA ALA A 36 8.81 -8.43 7.72
C ALA A 36 9.00 -7.06 7.08
N ASN A 37 9.63 -7.04 5.91
CA ASN A 37 9.88 -5.80 5.20
C ASN A 37 9.42 -5.91 3.74
N VAL A 38 8.14 -5.61 3.50
CA VAL A 38 7.58 -5.67 2.16
C VAL A 38 7.99 -4.46 1.33
N LYS A 39 7.89 -4.58 0.02
CA LYS A 39 8.25 -3.49 -0.88
C LYS A 39 7.03 -2.98 -1.63
N TRP A 40 6.62 -1.75 -1.34
CA TRP A 40 5.46 -1.14 -1.98
C TRP A 40 5.86 -0.44 -3.27
N PHE A 41 5.18 -0.78 -4.36
CA PHE A 41 5.47 -0.18 -5.66
C PHE A 41 4.22 0.47 -6.24
N LYS A 42 4.39 1.69 -6.77
CA LYS A 42 3.28 2.43 -7.36
C LYS A 42 3.31 2.32 -8.89
N ASN A 43 2.45 1.46 -9.43
CA ASN A 43 2.37 1.27 -10.87
C ASN A 43 3.67 0.69 -11.41
N GLY A 44 4.34 -0.11 -10.58
CA GLY A 44 5.59 -0.72 -10.99
C GLY A 44 6.80 0.01 -10.43
N GLU A 45 6.63 1.28 -10.12
CA GLU A 45 7.72 2.09 -9.57
C GLU A 45 7.95 1.77 -8.10
N GLU A 46 9.19 1.88 -7.66
CA GLU A 46 9.53 1.60 -6.27
C GLU A 46 9.37 2.86 -5.41
N ILE A 47 8.63 2.72 -4.31
CA ILE A 47 8.40 3.84 -3.41
C ILE A 47 9.55 4.00 -2.42
N ILE A 48 9.89 5.25 -2.12
CA ILE A 48 10.98 5.54 -1.18
C ILE A 48 10.57 6.60 -0.16
N PRO A 49 10.00 6.14 0.96
CA PRO A 49 9.54 7.03 2.03
C PRO A 49 10.70 7.68 2.77
N GLY A 50 10.42 8.26 3.93
CA GLY A 50 11.45 8.91 4.72
C GLY A 50 10.92 10.07 5.53
N PRO A 51 11.82 10.88 6.09
CA PRO A 51 11.47 12.04 6.91
C PRO A 51 10.85 13.16 6.08
N LYS A 52 11.08 13.12 4.76
CA LYS A 52 10.54 14.12 3.87
C LYS A 52 9.87 13.47 2.66
N SER A 53 8.97 12.54 2.93
CA SER A 53 8.25 11.83 1.86
C SER A 53 6.74 11.89 2.10
N ARG A 54 5.99 11.47 1.09
CA ARG A 54 4.53 11.47 1.19
C ARG A 54 4.02 10.13 1.70
N TYR A 55 4.62 9.04 1.22
CA TYR A 55 4.23 7.70 1.62
C TYR A 55 4.92 7.30 2.93
N ARG A 56 4.17 6.65 3.80
CA ARG A 56 4.70 6.21 5.08
C ARG A 56 4.38 4.74 5.34
N ILE A 57 5.38 3.88 5.22
CA ILE A 57 5.21 2.46 5.44
C ILE A 57 5.29 2.11 6.92
N ARG A 58 4.23 1.51 7.45
CA ARG A 58 4.19 1.13 8.85
C ARG A 58 4.09 -0.39 9.01
N VAL A 59 4.81 -0.93 9.97
CA VAL A 59 4.81 -2.37 10.21
C VAL A 59 4.18 -2.70 11.56
N GLU A 60 3.13 -3.51 11.53
CA GLU A 60 2.43 -3.90 12.75
C GLU A 60 2.29 -5.42 12.84
N GLY A 61 3.16 -6.04 13.64
CA GLY A 61 3.11 -7.48 13.80
C GLY A 61 3.36 -8.22 12.50
N LYS A 62 2.29 -8.78 11.93
CA LYS A 62 2.39 -9.51 10.68
C LYS A 62 1.55 -8.85 9.58
N LYS A 63 1.30 -7.56 9.74
CA LYS A 63 0.51 -6.80 8.78
C LYS A 63 1.14 -5.44 8.50
N HIS A 64 1.12 -5.02 7.24
CA HIS A 64 1.68 -3.73 6.85
C HIS A 64 0.58 -2.74 6.50
N ILE A 65 0.90 -1.46 6.59
CA ILE A 65 -0.07 -0.41 6.29
C ILE A 65 0.59 0.74 5.54
N LEU A 66 0.29 0.85 4.24
CA LEU A 66 0.85 1.91 3.42
C LEU A 66 -0.09 3.11 3.34
N ILE A 67 0.22 4.14 4.13
CA ILE A 67 -0.60 5.34 4.15
C ILE A 67 -0.11 6.37 3.14
N ILE A 68 -1.04 7.14 2.57
CA ILE A 68 -0.69 8.15 1.59
C ILE A 68 -1.24 9.52 1.99
N GLU A 69 -0.34 10.45 2.30
CA GLU A 69 -0.74 11.80 2.69
C GLU A 69 -1.17 12.62 1.48
N GLY A 70 -2.47 12.88 1.38
CA GLY A 70 -2.98 13.65 0.27
C GLY A 70 -3.14 12.82 -0.99
N ALA A 71 -4.29 12.17 -1.13
CA ALA A 71 -4.55 11.33 -2.29
C ALA A 71 -5.18 12.15 -3.42
N THR A 72 -4.35 12.60 -4.36
CA THR A 72 -4.82 13.39 -5.49
C THR A 72 -5.13 12.51 -6.69
N LYS A 73 -5.67 13.12 -7.74
CA LYS A 73 -6.01 12.39 -8.96
C LYS A 73 -4.80 11.63 -9.49
N ALA A 74 -3.62 11.97 -8.99
CA ALA A 74 -2.39 11.32 -9.41
C ALA A 74 -2.08 10.10 -8.54
N ASP A 75 -2.35 10.23 -7.25
CA ASP A 75 -2.10 9.13 -6.31
C ASP A 75 -2.85 7.88 -6.72
N ALA A 76 -4.01 8.07 -7.36
CA ALA A 76 -4.83 6.96 -7.81
C ALA A 76 -4.08 6.11 -8.83
N ALA A 77 -3.44 5.05 -8.36
CA ALA A 77 -2.69 4.16 -9.23
C ALA A 77 -2.69 2.72 -8.70
N GLU A 78 -2.19 1.79 -9.50
CA GLU A 78 -2.14 0.39 -9.11
C GLU A 78 -0.98 0.14 -8.15
N TYR A 79 -1.30 0.06 -6.85
CA TYR A 79 -0.28 -0.17 -5.83
C TYR A 79 -0.06 -1.67 -5.63
N SER A 80 1.15 -2.13 -5.94
CA SER A 80 1.48 -3.54 -5.78
C SER A 80 2.67 -3.71 -4.84
N VAL A 81 2.56 -4.68 -3.93
CA VAL A 81 3.63 -4.95 -2.97
C VAL A 81 4.47 -6.15 -3.41
N MET A 82 5.71 -6.19 -2.93
CA MET A 82 6.62 -7.28 -3.28
C MET A 82 7.41 -7.73 -2.05
N THR A 83 7.31 -9.02 -1.72
CA THR A 83 8.02 -9.57 -0.58
C THR A 83 9.10 -10.54 -1.02
N THR A 84 9.74 -11.19 -0.05
CA THR A 84 10.79 -12.16 -0.33
C THR A 84 10.26 -13.34 -1.13
N GLY A 85 8.95 -13.56 -1.05
CA GLY A 85 8.33 -14.67 -1.76
C GLY A 85 6.85 -14.45 -1.98
N GLY A 86 6.47 -13.24 -2.34
CA GLY A 86 5.07 -12.94 -2.57
C GLY A 86 4.86 -11.59 -3.25
N GLN A 87 3.69 -11.40 -3.82
CA GLN A 87 3.37 -10.15 -4.50
C GLN A 87 1.87 -9.91 -4.52
N SER A 88 1.48 -8.64 -4.47
CA SER A 88 0.05 -8.27 -4.49
C SER A 88 -0.17 -6.99 -5.28
N SER A 89 -1.42 -6.75 -5.68
CA SER A 89 -1.76 -5.56 -6.45
C SER A 89 -3.16 -5.09 -6.10
N ALA A 90 -3.37 -3.78 -6.18
CA ALA A 90 -4.67 -3.19 -5.88
C ALA A 90 -4.94 -1.97 -6.77
N LYS A 91 -6.19 -1.52 -6.77
CA LYS A 91 -6.58 -0.36 -7.56
C LYS A 91 -7.11 0.76 -6.68
N LEU A 92 -6.45 1.92 -6.74
CA LEU A 92 -6.86 3.07 -5.95
C LEU A 92 -7.45 4.16 -6.83
N SER A 93 -8.76 4.36 -6.72
CA SER A 93 -9.45 5.37 -7.51
C SER A 93 -9.75 6.60 -6.67
N VAL A 94 -9.32 7.76 -7.16
CA VAL A 94 -9.55 9.02 -6.46
C VAL A 94 -10.72 9.79 -7.06
N ASP A 95 -11.63 10.23 -6.19
CA ASP A 95 -12.80 10.98 -6.64
C ASP A 95 -12.77 12.41 -6.10
N LEU A 96 -13.08 13.36 -6.97
CA LEU A 96 -13.09 14.77 -6.59
C LEU A 96 -14.40 15.14 -5.89
N LYS A 97 -14.33 15.33 -4.58
CA LYS A 97 -15.51 15.69 -3.80
C LYS A 97 -16.42 16.63 -4.59
N SER A 98 -17.67 16.22 -4.78
CA SER A 98 -18.63 17.02 -5.52
C SER A 98 -19.33 18.01 -4.61
N GLY A 99 -19.63 19.19 -5.14
CA GLY A 99 -20.30 20.21 -4.35
C GLY A 99 -19.33 21.17 -3.70
N PRO A 100 -19.81 22.36 -3.33
CA PRO A 100 -18.99 23.40 -2.68
C PRO A 100 -18.57 23.01 -1.27
N SER A 101 -17.27 22.93 -1.04
CA SER A 101 -16.75 22.57 0.28
C SER A 101 -16.84 23.75 1.24
N SER A 102 -17.97 23.87 1.92
CA SER A 102 -18.18 24.96 2.87
C SER A 102 -18.83 24.45 4.15
N GLY A 103 -18.48 25.07 5.28
CA GLY A 103 -19.04 24.66 6.55
C GLY A 103 -18.53 23.30 7.00
N GLY A 1 17.58 -28.46 -3.67
CA GLY A 1 17.86 -27.07 -3.37
C GLY A 1 17.09 -26.56 -2.16
N SER A 2 17.72 -26.59 -1.00
CA SER A 2 17.08 -26.13 0.23
C SER A 2 17.75 -24.86 0.75
N SER A 3 17.07 -24.16 1.66
CA SER A 3 17.59 -22.93 2.23
C SER A 3 16.89 -22.60 3.54
N GLY A 4 17.67 -22.45 4.61
CA GLY A 4 17.12 -22.15 5.91
C GLY A 4 16.01 -21.11 5.83
N SER A 5 16.30 -19.98 5.21
CA SER A 5 15.32 -18.91 5.08
C SER A 5 14.34 -19.21 3.95
N SER A 6 13.06 -18.94 4.20
CA SER A 6 12.01 -19.18 3.21
C SER A 6 11.38 -17.88 2.75
N GLY A 7 10.75 -17.91 1.58
CA GLY A 7 10.10 -16.72 1.06
C GLY A 7 8.93 -16.28 1.89
N ILE A 8 8.37 -15.12 1.56
CA ILE A 8 7.22 -14.59 2.29
C ILE A 8 5.98 -14.58 1.42
N MET A 9 4.90 -15.20 1.92
CA MET A 9 3.65 -15.26 1.19
C MET A 9 2.63 -14.28 1.77
N VAL A 10 1.93 -13.57 0.89
CA VAL A 10 0.93 -12.60 1.32
C VAL A 10 -0.37 -13.29 1.72
N THR A 11 -0.57 -13.45 3.02
CA THR A 11 -1.78 -14.10 3.53
C THR A 11 -3.02 -13.27 3.23
N LYS A 12 -2.90 -11.95 3.38
CA LYS A 12 -4.01 -11.05 3.12
C LYS A 12 -3.70 -10.11 1.97
N GLN A 13 -4.15 -10.46 0.77
CA GLN A 13 -3.91 -9.66 -0.42
C GLN A 13 -4.58 -8.28 -0.28
N LEU A 14 -4.12 -7.33 -1.08
CA LEU A 14 -4.66 -5.98 -1.05
C LEU A 14 -6.08 -5.95 -1.63
N GLU A 15 -6.88 -5.00 -1.16
CA GLU A 15 -8.26 -4.86 -1.64
C GLU A 15 -8.48 -3.49 -2.25
N ASP A 16 -9.25 -3.46 -3.33
CA ASP A 16 -9.56 -2.21 -4.01
C ASP A 16 -9.99 -1.13 -3.02
N THR A 17 -9.56 0.10 -3.28
CA THR A 17 -9.90 1.22 -2.41
C THR A 17 -10.23 2.48 -3.21
N THR A 18 -11.23 3.22 -2.76
CA THR A 18 -11.63 4.45 -3.45
C THR A 18 -11.57 5.64 -2.52
N ALA A 19 -10.58 6.50 -2.72
CA ALA A 19 -10.42 7.69 -1.90
C ALA A 19 -10.71 8.96 -2.70
N TYR A 20 -10.57 10.11 -2.05
CA TYR A 20 -10.83 11.39 -2.70
C TYR A 20 -9.55 12.22 -2.79
N CYS A 21 -9.58 13.24 -3.64
CA CYS A 21 -8.43 14.11 -3.83
C CYS A 21 -8.13 14.92 -2.56
N GLY A 22 -7.08 14.52 -1.86
CA GLY A 22 -6.71 15.21 -0.63
C GLY A 22 -6.96 14.37 0.61
N GLU A 23 -7.67 13.25 0.42
CA GLU A 23 -7.98 12.36 1.54
C GLU A 23 -6.78 11.47 1.87
N ARG A 24 -6.85 10.82 3.03
CA ARG A 24 -5.78 9.94 3.48
C ARG A 24 -6.08 8.49 3.13
N VAL A 25 -5.23 7.90 2.30
CA VAL A 25 -5.40 6.51 1.88
C VAL A 25 -4.60 5.56 2.77
N GLU A 26 -5.21 4.44 3.14
CA GLU A 26 -4.55 3.45 3.98
C GLU A 26 -4.71 2.05 3.40
N LEU A 27 -3.58 1.44 3.03
CA LEU A 27 -3.60 0.10 2.46
C LEU A 27 -3.04 -0.92 3.45
N GLU A 28 -3.90 -1.77 3.99
CA GLU A 28 -3.48 -2.78 4.94
C GLU A 28 -3.29 -4.13 4.25
N CYS A 29 -2.38 -4.94 4.79
CA CYS A 29 -2.09 -6.25 4.23
C CYS A 29 -1.36 -7.13 5.24
N GLU A 30 -1.31 -8.43 4.96
CA GLU A 30 -0.65 -9.38 5.84
C GLU A 30 0.26 -10.31 5.05
N VAL A 31 1.27 -10.86 5.73
CA VAL A 31 2.20 -11.77 5.09
C VAL A 31 2.35 -13.07 5.89
N SER A 32 3.22 -13.94 5.43
CA SER A 32 3.44 -15.22 6.09
C SER A 32 4.35 -15.06 7.31
N GLU A 33 5.39 -14.26 7.15
CA GLU A 33 6.34 -14.01 8.23
C GLU A 33 5.86 -12.87 9.13
N ASP A 34 6.69 -12.50 10.11
CA ASP A 34 6.34 -11.42 11.03
C ASP A 34 7.30 -10.25 10.87
N ASP A 35 6.84 -9.05 11.20
CA ASP A 35 7.66 -7.86 11.10
C ASP A 35 8.61 -7.94 9.91
N ALA A 36 8.10 -8.45 8.79
CA ALA A 36 8.89 -8.59 7.58
C ALA A 36 9.09 -7.24 6.89
N ASN A 37 9.89 -7.23 5.84
CA ASN A 37 10.16 -6.01 5.09
C ASN A 37 9.61 -6.09 3.68
N VAL A 38 8.38 -5.62 3.49
CA VAL A 38 7.74 -5.64 2.19
C VAL A 38 8.09 -4.40 1.37
N LYS A 39 8.03 -4.53 0.05
CA LYS A 39 8.35 -3.41 -0.84
C LYS A 39 7.10 -2.95 -1.58
N TRP A 40 6.68 -1.72 -1.29
CA TRP A 40 5.49 -1.16 -1.93
C TRP A 40 5.87 -0.46 -3.24
N PHE A 41 5.03 -0.65 -4.26
CA PHE A 41 5.27 -0.03 -5.56
C PHE A 41 4.00 0.61 -6.10
N LYS A 42 4.15 1.81 -6.66
CA LYS A 42 3.01 2.54 -7.22
C LYS A 42 2.99 2.44 -8.74
N ASN A 43 2.18 1.52 -9.26
CA ASN A 43 2.07 1.33 -10.70
C ASN A 43 3.37 0.73 -11.26
N GLY A 44 4.04 -0.07 -10.46
CA GLY A 44 5.29 -0.69 -10.90
C GLY A 44 6.51 0.03 -10.36
N GLU A 45 6.36 1.33 -10.09
CA GLU A 45 7.47 2.12 -9.57
C GLU A 45 7.70 1.84 -8.09
N GLU A 46 8.96 1.95 -7.67
CA GLU A 46 9.31 1.70 -6.27
C GLU A 46 9.10 2.95 -5.43
N ILE A 47 8.52 2.77 -4.25
CA ILE A 47 8.26 3.88 -3.34
C ILE A 47 9.36 4.03 -2.32
N ILE A 48 9.67 5.26 -1.94
CA ILE A 48 10.71 5.53 -0.96
C ILE A 48 10.23 6.53 0.10
N PRO A 49 9.71 6.00 1.21
CA PRO A 49 9.20 6.83 2.31
C PRO A 49 10.32 7.55 3.07
N GLY A 50 9.96 8.27 4.12
CA GLY A 50 10.94 8.99 4.90
C GLY A 50 10.39 10.27 5.50
N PRO A 51 11.28 11.11 6.05
CA PRO A 51 10.90 12.38 6.66
C PRO A 51 10.43 13.40 5.64
N LYS A 52 11.03 13.36 4.45
CA LYS A 52 10.68 14.28 3.38
C LYS A 52 10.00 13.54 2.23
N SER A 53 9.07 12.65 2.56
CA SER A 53 8.35 11.88 1.57
C SER A 53 6.85 11.93 1.81
N ARG A 54 6.07 11.48 0.83
CA ARG A 54 4.62 11.48 0.95
C ARG A 54 4.12 10.13 1.47
N TYR A 55 4.80 9.06 1.07
CA TYR A 55 4.42 7.71 1.49
C TYR A 55 5.06 7.37 2.83
N ARG A 56 4.27 6.77 3.72
CA ARG A 56 4.74 6.38 5.04
C ARG A 56 4.39 4.93 5.35
N ILE A 57 5.40 4.07 5.37
CA ILE A 57 5.19 2.66 5.65
C ILE A 57 5.25 2.38 7.16
N ARG A 58 4.35 1.51 7.62
CA ARG A 58 4.30 1.16 9.03
C ARG A 58 4.19 -0.35 9.22
N VAL A 59 4.93 -0.88 10.19
CA VAL A 59 4.92 -2.30 10.47
C VAL A 59 4.20 -2.61 11.78
N GLU A 60 3.17 -3.42 11.71
CA GLU A 60 2.40 -3.80 12.89
C GLU A 60 2.16 -5.30 12.95
N GLY A 61 2.92 -5.98 13.81
CA GLY A 61 2.79 -7.41 13.94
C GLY A 61 3.12 -8.15 12.66
N LYS A 62 2.11 -8.79 12.07
CA LYS A 62 2.29 -9.52 10.82
C LYS A 62 1.50 -8.89 9.69
N LYS A 63 1.20 -7.60 9.83
CA LYS A 63 0.46 -6.87 8.81
C LYS A 63 1.05 -5.48 8.58
N HIS A 64 1.16 -5.09 7.32
CA HIS A 64 1.71 -3.78 6.98
C HIS A 64 0.59 -2.80 6.64
N ILE A 65 0.90 -1.50 6.72
CA ILE A 65 -0.08 -0.46 6.43
C ILE A 65 0.58 0.71 5.72
N LEU A 66 0.30 0.86 4.44
CA LEU A 66 0.86 1.96 3.65
C LEU A 66 -0.10 3.13 3.60
N ILE A 67 0.23 4.19 4.34
CA ILE A 67 -0.60 5.39 4.38
C ILE A 67 -0.07 6.46 3.43
N ILE A 68 -0.97 7.05 2.64
CA ILE A 68 -0.59 8.08 1.69
C ILE A 68 -1.19 9.44 2.09
N GLU A 69 -0.33 10.35 2.51
CA GLU A 69 -0.78 11.68 2.92
C GLU A 69 -1.21 12.50 1.71
N GLY A 70 -2.50 12.81 1.63
CA GLY A 70 -3.02 13.59 0.52
C GLY A 70 -3.04 12.80 -0.77
N ALA A 71 -4.07 11.98 -0.95
CA ALA A 71 -4.21 11.17 -2.15
C ALA A 71 -4.83 11.97 -3.28
N THR A 72 -3.99 12.59 -4.10
CA THR A 72 -4.47 13.40 -5.22
C THR A 72 -4.97 12.51 -6.36
N LYS A 73 -5.57 13.14 -7.37
CA LYS A 73 -6.10 12.41 -8.52
C LYS A 73 -4.99 11.60 -9.20
N ALA A 74 -3.80 12.17 -9.25
CA ALA A 74 -2.66 11.50 -9.88
C ALA A 74 -2.27 10.25 -9.10
N ASP A 75 -2.32 10.33 -7.78
CA ASP A 75 -1.97 9.20 -6.94
C ASP A 75 -2.74 7.95 -7.36
N ALA A 76 -4.00 8.13 -7.73
CA ALA A 76 -4.83 7.01 -8.15
C ALA A 76 -4.09 6.10 -9.13
N ALA A 77 -3.44 5.08 -8.59
CA ALA A 77 -2.69 4.14 -9.41
C ALA A 77 -2.73 2.74 -8.81
N GLU A 78 -2.23 1.76 -9.55
CA GLU A 78 -2.20 0.38 -9.09
C GLU A 78 -1.06 0.15 -8.11
N TYR A 79 -1.38 0.14 -6.82
CA TYR A 79 -0.38 -0.07 -5.79
C TYR A 79 -0.16 -1.55 -5.52
N SER A 80 1.04 -2.04 -5.86
CA SER A 80 1.37 -3.44 -5.67
C SER A 80 2.59 -3.59 -4.76
N VAL A 81 2.56 -4.59 -3.90
CA VAL A 81 3.66 -4.84 -2.97
C VAL A 81 4.51 -6.01 -3.44
N MET A 82 5.73 -6.10 -2.91
CA MET A 82 6.64 -7.17 -3.28
C MET A 82 7.44 -7.65 -2.07
N THR A 83 7.41 -8.96 -1.82
CA THR A 83 8.12 -9.54 -0.69
C THR A 83 9.17 -10.53 -1.16
N THR A 84 9.82 -11.20 -0.20
CA THR A 84 10.85 -12.18 -0.53
C THR A 84 10.28 -13.33 -1.34
N GLY A 85 9.00 -13.62 -1.13
CA GLY A 85 8.35 -14.70 -1.86
C GLY A 85 6.87 -14.48 -2.03
N GLY A 86 6.47 -13.23 -2.26
CA GLY A 86 5.07 -12.91 -2.43
C GLY A 86 4.86 -11.58 -3.12
N GLN A 87 3.68 -11.39 -3.70
CA GLN A 87 3.35 -10.16 -4.40
C GLN A 87 1.85 -9.92 -4.41
N SER A 88 1.46 -8.64 -4.33
CA SER A 88 0.04 -8.28 -4.33
C SER A 88 -0.17 -6.97 -5.08
N SER A 89 -1.36 -6.82 -5.66
CA SER A 89 -1.70 -5.61 -6.41
C SER A 89 -3.14 -5.18 -6.12
N ALA A 90 -3.36 -3.87 -6.10
CA ALA A 90 -4.69 -3.32 -5.83
C ALA A 90 -4.99 -2.15 -6.75
N LYS A 91 -6.24 -1.69 -6.73
CA LYS A 91 -6.65 -0.57 -7.56
C LYS A 91 -7.17 0.58 -6.71
N LEU A 92 -6.63 1.78 -6.95
CA LEU A 92 -7.03 2.95 -6.19
C LEU A 92 -7.63 4.01 -7.12
N SER A 93 -8.85 4.43 -6.82
CA SER A 93 -9.54 5.43 -7.63
C SER A 93 -9.80 6.70 -6.82
N VAL A 94 -9.10 7.77 -7.20
CA VAL A 94 -9.26 9.05 -6.50
C VAL A 94 -10.29 9.92 -7.20
N ASP A 95 -11.37 10.24 -6.48
CA ASP A 95 -12.43 11.08 -7.01
C ASP A 95 -12.48 12.43 -6.31
N LEU A 96 -13.17 13.38 -6.91
CA LEU A 96 -13.29 14.72 -6.35
C LEU A 96 -14.60 14.87 -5.58
N LYS A 97 -14.51 14.90 -4.25
CA LYS A 97 -15.70 15.04 -3.41
C LYS A 97 -16.37 16.38 -3.64
N SER A 98 -17.56 16.55 -3.07
CA SER A 98 -18.31 17.79 -3.21
C SER A 98 -17.40 19.00 -3.00
N GLY A 99 -16.41 18.84 -2.14
CA GLY A 99 -15.49 19.93 -1.86
C GLY A 99 -14.29 19.48 -1.03
N PRO A 100 -13.12 20.05 -1.34
CA PRO A 100 -11.87 19.73 -0.62
C PRO A 100 -11.88 20.24 0.81
N SER A 101 -11.42 19.41 1.74
CA SER A 101 -11.37 19.78 3.15
C SER A 101 -10.09 20.54 3.45
N SER A 102 -10.16 21.41 4.46
CA SER A 102 -9.00 22.20 4.87
C SER A 102 -7.84 21.30 5.28
N GLY A 103 -6.65 21.62 4.79
CA GLY A 103 -5.48 20.83 5.12
C GLY A 103 -4.98 21.08 6.53
N GLY A 1 15.22 -26.98 17.56
CA GLY A 1 14.87 -28.33 17.15
C GLY A 1 14.77 -28.47 15.65
N SER A 2 13.84 -27.73 15.04
CA SER A 2 13.63 -27.78 13.60
C SER A 2 13.18 -26.42 13.06
N SER A 3 13.27 -26.25 11.75
CA SER A 3 12.88 -25.00 11.12
C SER A 3 12.22 -25.25 9.77
N GLY A 4 11.63 -24.21 9.20
CA GLY A 4 10.98 -24.35 7.91
C GLY A 4 10.25 -23.08 7.49
N SER A 5 10.68 -22.49 6.38
CA SER A 5 10.08 -21.26 5.88
C SER A 5 10.67 -20.88 4.53
N SER A 6 9.84 -20.92 3.49
CA SER A 6 10.28 -20.57 2.14
C SER A 6 9.65 -19.25 1.69
N GLY A 7 10.41 -18.17 1.83
CA GLY A 7 9.91 -16.87 1.42
C GLY A 7 8.70 -16.44 2.21
N ILE A 8 8.14 -15.29 1.87
CA ILE A 8 6.96 -14.77 2.56
C ILE A 8 5.76 -14.67 1.61
N MET A 9 4.65 -15.26 2.03
CA MET A 9 3.43 -15.25 1.23
C MET A 9 2.42 -14.25 1.79
N VAL A 10 1.75 -13.53 0.90
CA VAL A 10 0.75 -12.54 1.30
C VAL A 10 -0.59 -13.20 1.58
N THR A 11 -0.89 -13.41 2.87
CA THR A 11 -2.14 -14.03 3.27
C THR A 11 -3.33 -13.15 2.91
N LYS A 12 -3.25 -11.87 3.27
CA LYS A 12 -4.32 -10.93 2.99
C LYS A 12 -3.92 -9.97 1.86
N GLN A 13 -4.30 -10.31 0.63
CA GLN A 13 -3.98 -9.48 -0.52
C GLN A 13 -4.68 -8.13 -0.43
N LEU A 14 -4.11 -7.14 -1.11
CA LEU A 14 -4.68 -5.79 -1.10
C LEU A 14 -6.07 -5.79 -1.74
N GLU A 15 -6.93 -4.91 -1.24
CA GLU A 15 -8.29 -4.80 -1.77
C GLU A 15 -8.55 -3.41 -2.34
N ASP A 16 -9.23 -3.36 -3.47
CA ASP A 16 -9.54 -2.09 -4.12
C ASP A 16 -10.01 -1.06 -3.10
N THR A 17 -9.50 0.16 -3.22
CA THR A 17 -9.86 1.23 -2.31
C THR A 17 -10.27 2.49 -3.07
N THR A 18 -11.29 3.18 -2.56
CA THR A 18 -11.78 4.39 -3.20
C THR A 18 -11.73 5.57 -2.24
N ALA A 19 -10.79 6.47 -2.46
CA ALA A 19 -10.63 7.66 -1.62
C ALA A 19 -10.97 8.94 -2.39
N TYR A 20 -10.90 10.06 -1.70
CA TYR A 20 -11.20 11.36 -2.32
C TYR A 20 -9.92 12.14 -2.58
N CYS A 21 -10.00 13.13 -3.46
CA CYS A 21 -8.86 13.97 -3.78
C CYS A 21 -8.36 14.72 -2.55
N GLY A 22 -7.21 14.29 -2.03
CA GLY A 22 -6.65 14.93 -0.86
C GLY A 22 -6.79 14.08 0.39
N GLU A 23 -7.75 13.16 0.37
CA GLU A 23 -7.99 12.29 1.51
C GLU A 23 -6.76 11.42 1.80
N ARG A 24 -6.77 10.77 2.96
CA ARG A 24 -5.66 9.90 3.35
C ARG A 24 -5.98 8.44 3.05
N VAL A 25 -5.15 7.81 2.22
CA VAL A 25 -5.34 6.42 1.86
C VAL A 25 -4.49 5.51 2.73
N GLU A 26 -5.09 4.41 3.19
CA GLU A 26 -4.39 3.46 4.03
C GLU A 26 -4.60 2.02 3.54
N LEU A 27 -3.56 1.44 2.98
CA LEU A 27 -3.63 0.08 2.45
C LEU A 27 -3.04 -0.91 3.45
N GLU A 28 -3.90 -1.76 4.01
CA GLU A 28 -3.47 -2.77 4.97
C GLU A 28 -3.32 -4.14 4.32
N CYS A 29 -2.37 -4.92 4.79
CA CYS A 29 -2.13 -6.26 4.25
C CYS A 29 -1.39 -7.13 5.26
N GLU A 30 -1.53 -8.44 5.11
CA GLU A 30 -0.89 -9.39 6.01
C GLU A 30 0.03 -10.34 5.23
N VAL A 31 1.05 -10.85 5.92
CA VAL A 31 2.00 -11.77 5.30
C VAL A 31 2.10 -13.06 6.10
N SER A 32 2.95 -13.98 5.63
CA SER A 32 3.15 -15.26 6.29
C SER A 32 4.23 -15.15 7.37
N GLU A 33 4.82 -13.97 7.49
CA GLU A 33 5.87 -13.73 8.47
C GLU A 33 5.56 -12.49 9.32
N ASP A 34 6.34 -12.29 10.36
CA ASP A 34 6.15 -11.14 11.25
C ASP A 34 7.27 -10.13 11.08
N ASP A 35 7.04 -8.90 11.52
CA ASP A 35 8.03 -7.84 11.41
C ASP A 35 8.83 -7.97 10.12
N ALA A 36 8.14 -8.31 9.04
CA ALA A 36 8.78 -8.47 7.73
C ALA A 36 9.02 -7.12 7.08
N ASN A 37 9.68 -7.14 5.92
CA ASN A 37 9.97 -5.92 5.18
C ASN A 37 9.47 -6.02 3.75
N VAL A 38 8.22 -5.63 3.52
CA VAL A 38 7.63 -5.67 2.19
C VAL A 38 8.05 -4.46 1.37
N LYS A 39 7.93 -4.58 0.05
CA LYS A 39 8.29 -3.50 -0.86
C LYS A 39 7.07 -3.01 -1.63
N TRP A 40 6.68 -1.76 -1.39
CA TRP A 40 5.54 -1.17 -2.07
C TRP A 40 5.96 -0.47 -3.35
N PHE A 41 5.24 -0.74 -4.44
CA PHE A 41 5.55 -0.14 -5.72
C PHE A 41 4.32 0.54 -6.31
N LYS A 42 4.51 1.75 -6.83
CA LYS A 42 3.42 2.51 -7.43
C LYS A 42 3.45 2.42 -8.94
N ASN A 43 2.62 1.54 -9.50
CA ASN A 43 2.56 1.37 -10.95
C ASN A 43 3.88 0.84 -11.49
N GLY A 44 4.58 0.06 -10.67
CA GLY A 44 5.85 -0.50 -11.08
C GLY A 44 7.04 0.26 -10.51
N GLU A 45 6.80 1.50 -10.10
CA GLU A 45 7.86 2.33 -9.53
C GLU A 45 8.07 2.02 -8.06
N GLU A 46 9.32 2.10 -7.61
CA GLU A 46 9.65 1.82 -6.22
C GLU A 46 9.40 3.04 -5.35
N ILE A 47 8.64 2.85 -4.27
CA ILE A 47 8.32 3.93 -3.36
C ILE A 47 9.42 4.09 -2.30
N ILE A 48 9.86 5.33 -2.10
CA ILE A 48 10.90 5.63 -1.12
C ILE A 48 10.38 6.56 -0.03
N PRO A 49 9.86 5.97 1.05
CA PRO A 49 9.32 6.72 2.18
C PRO A 49 10.41 7.43 2.98
N GLY A 50 10.00 8.19 4.00
CA GLY A 50 10.96 8.89 4.82
C GLY A 50 10.32 10.02 5.62
N PRO A 51 11.16 10.86 6.24
CA PRO A 51 10.69 11.99 7.04
C PRO A 51 10.06 13.09 6.19
N LYS A 52 10.53 13.21 4.94
CA LYS A 52 10.02 14.21 4.03
C LYS A 52 9.09 13.58 2.99
N SER A 53 9.45 12.38 2.53
CA SER A 53 8.66 11.67 1.54
C SER A 53 7.18 11.72 1.88
N ARG A 54 6.33 11.41 0.90
CA ARG A 54 4.89 11.42 1.10
C ARG A 54 4.39 10.05 1.55
N TYR A 55 5.01 9.00 1.02
CA TYR A 55 4.63 7.64 1.37
C TYR A 55 5.30 7.19 2.66
N ARG A 56 4.55 6.47 3.49
CA ARG A 56 5.07 5.99 4.77
C ARG A 56 4.66 4.54 4.99
N ILE A 57 5.61 3.63 4.84
CA ILE A 57 5.35 2.21 5.03
C ILE A 57 5.52 1.81 6.49
N ARG A 58 4.42 1.49 7.15
CA ARG A 58 4.44 1.10 8.55
C ARG A 58 4.17 -0.40 8.70
N VAL A 59 4.92 -1.04 9.60
CA VAL A 59 4.76 -2.46 9.83
C VAL A 59 4.26 -2.74 11.24
N GLU A 60 3.11 -3.41 11.34
CA GLU A 60 2.52 -3.73 12.62
C GLU A 60 2.29 -5.23 12.75
N GLY A 61 3.05 -5.87 13.64
CA GLY A 61 2.92 -7.31 13.84
C GLY A 61 3.22 -8.10 12.59
N LYS A 62 2.18 -8.63 11.95
CA LYS A 62 2.34 -9.42 10.74
C LYS A 62 1.58 -8.78 9.58
N LYS A 63 1.28 -7.49 9.71
CA LYS A 63 0.57 -6.77 8.67
C LYS A 63 1.23 -5.43 8.37
N HIS A 64 1.24 -5.04 7.11
CA HIS A 64 1.85 -3.77 6.70
C HIS A 64 0.77 -2.76 6.32
N ILE A 65 1.08 -1.48 6.51
CA ILE A 65 0.15 -0.41 6.17
C ILE A 65 0.83 0.70 5.38
N LEU A 66 0.31 0.98 4.19
CA LEU A 66 0.87 2.01 3.33
C LEU A 66 -0.02 3.25 3.32
N ILE A 67 0.37 4.26 4.09
CA ILE A 67 -0.40 5.50 4.16
C ILE A 67 0.07 6.50 3.11
N ILE A 68 -0.87 7.29 2.60
CA ILE A 68 -0.56 8.29 1.58
C ILE A 68 -1.16 9.64 1.94
N GLU A 69 -0.31 10.56 2.39
CA GLU A 69 -0.77 11.90 2.76
C GLU A 69 -1.18 12.70 1.52
N GLY A 70 -2.48 12.86 1.34
CA GLY A 70 -2.98 13.61 0.19
C GLY A 70 -3.08 12.76 -1.05
N ALA A 71 -4.20 12.08 -1.22
CA ALA A 71 -4.42 11.22 -2.38
C ALA A 71 -5.08 12.00 -3.51
N THR A 72 -4.27 12.55 -4.39
CA THR A 72 -4.77 13.32 -5.53
C THR A 72 -5.14 12.41 -6.69
N LYS A 73 -5.65 13.00 -7.76
CA LYS A 73 -6.04 12.24 -8.95
C LYS A 73 -4.87 11.40 -9.47
N ALA A 74 -3.66 11.94 -9.33
CA ALA A 74 -2.46 11.24 -9.78
C ALA A 74 -2.14 10.06 -8.85
N ASP A 75 -2.42 10.23 -7.58
CA ASP A 75 -2.16 9.19 -6.59
C ASP A 75 -2.92 7.90 -6.94
N ALA A 76 -4.05 8.07 -7.61
CA ALA A 76 -4.87 6.92 -8.00
C ALA A 76 -4.13 6.03 -8.99
N ALA A 77 -3.41 5.05 -8.46
CA ALA A 77 -2.65 4.12 -9.29
C ALA A 77 -2.65 2.72 -8.69
N GLU A 78 -2.19 1.74 -9.47
CA GLU A 78 -2.13 0.36 -9.02
C GLU A 78 -0.95 0.14 -8.09
N TYR A 79 -1.23 0.06 -6.79
CA TYR A 79 -0.18 -0.16 -5.80
C TYR A 79 0.06 -1.64 -5.55
N SER A 80 1.21 -2.13 -5.97
CA SER A 80 1.56 -3.53 -5.80
C SER A 80 2.76 -3.69 -4.88
N VAL A 81 2.68 -4.68 -3.98
CA VAL A 81 3.77 -4.93 -3.04
C VAL A 81 4.60 -6.13 -3.48
N MET A 82 5.82 -6.22 -2.95
CA MET A 82 6.73 -7.32 -3.28
C MET A 82 7.52 -7.75 -2.06
N THR A 83 7.26 -8.96 -1.59
CA THR A 83 7.96 -9.50 -0.43
C THR A 83 9.04 -10.49 -0.84
N THR A 84 9.70 -11.10 0.14
CA THR A 84 10.76 -12.05 -0.12
C THR A 84 10.25 -13.24 -0.93
N GLY A 85 8.94 -13.49 -0.83
CA GLY A 85 8.35 -14.61 -1.56
C GLY A 85 6.87 -14.41 -1.79
N GLY A 86 6.49 -13.20 -2.20
CA GLY A 86 5.08 -12.92 -2.46
C GLY A 86 4.88 -11.57 -3.13
N GLN A 87 3.71 -11.37 -3.70
CA GLN A 87 3.39 -10.11 -4.38
C GLN A 87 1.88 -9.87 -4.39
N SER A 88 1.49 -8.60 -4.32
CA SER A 88 0.09 -8.22 -4.32
C SER A 88 -0.15 -6.97 -5.16
N SER A 89 -1.40 -6.73 -5.53
CA SER A 89 -1.76 -5.57 -6.33
C SER A 89 -3.16 -5.08 -5.98
N ALA A 90 -3.32 -3.76 -5.98
CA ALA A 90 -4.62 -3.15 -5.66
C ALA A 90 -4.88 -1.94 -6.54
N LYS A 91 -6.15 -1.55 -6.63
CA LYS A 91 -6.54 -0.41 -7.45
C LYS A 91 -7.10 0.71 -6.58
N LEU A 92 -6.44 1.86 -6.61
CA LEU A 92 -6.86 3.01 -5.83
C LEU A 92 -7.44 4.10 -6.73
N SER A 93 -8.71 4.45 -6.49
CA SER A 93 -9.38 5.47 -7.28
C SER A 93 -9.65 6.72 -6.43
N VAL A 94 -9.43 7.89 -7.03
CA VAL A 94 -9.65 9.15 -6.33
C VAL A 94 -10.80 9.93 -6.97
N ASP A 95 -11.72 10.40 -6.14
CA ASP A 95 -12.86 11.17 -6.63
C ASP A 95 -13.03 12.45 -5.83
N LEU A 96 -13.87 13.36 -6.33
CA LEU A 96 -14.12 14.62 -5.65
C LEU A 96 -15.38 14.55 -4.80
N LYS A 97 -15.25 14.84 -3.51
CA LYS A 97 -16.38 14.80 -2.60
C LYS A 97 -17.49 15.73 -3.07
N SER A 98 -18.73 15.30 -2.90
CA SER A 98 -19.88 16.09 -3.32
C SER A 98 -20.44 16.88 -2.13
N GLY A 99 -20.10 18.16 -2.08
CA GLY A 99 -20.57 19.02 -1.00
C GLY A 99 -20.01 20.42 -1.08
N PRO A 100 -20.65 21.28 -1.90
CA PRO A 100 -20.22 22.67 -2.08
C PRO A 100 -20.46 23.52 -0.84
N SER A 101 -21.07 22.92 0.17
CA SER A 101 -21.36 23.61 1.42
C SER A 101 -20.27 23.37 2.46
N SER A 102 -20.36 24.06 3.58
CA SER A 102 -19.38 23.93 4.65
C SER A 102 -19.40 22.51 5.22
N GLY A 103 -20.59 22.05 5.60
CA GLY A 103 -20.72 20.72 6.17
C GLY A 103 -21.61 20.70 7.39
N GLY A 1 13.11 -31.19 2.58
CA GLY A 1 14.09 -31.84 3.45
C GLY A 1 14.72 -30.87 4.44
N SER A 2 15.87 -30.33 4.08
CA SER A 2 16.59 -29.39 4.93
C SER A 2 15.72 -28.18 5.25
N SER A 3 15.77 -27.73 6.49
CA SER A 3 14.99 -26.57 6.93
C SER A 3 15.69 -25.28 6.56
N GLY A 4 15.10 -24.53 5.63
CA GLY A 4 15.69 -23.27 5.21
C GLY A 4 14.65 -22.30 4.68
N SER A 5 14.76 -21.04 5.08
CA SER A 5 13.82 -20.01 4.65
C SER A 5 13.69 -20.02 3.12
N SER A 6 12.44 -19.90 2.65
CA SER A 6 12.18 -19.89 1.22
C SER A 6 11.68 -18.53 0.77
N GLY A 7 10.62 -18.05 1.41
CA GLY A 7 10.06 -16.75 1.06
C GLY A 7 8.87 -16.39 1.93
N ILE A 8 8.31 -15.20 1.70
CA ILE A 8 7.16 -14.74 2.46
C ILE A 8 5.94 -14.57 1.55
N MET A 9 4.89 -15.31 1.86
CA MET A 9 3.65 -15.24 1.08
C MET A 9 2.67 -14.25 1.69
N VAL A 10 1.97 -13.51 0.83
CA VAL A 10 0.99 -12.53 1.29
C VAL A 10 -0.36 -13.17 1.54
N THR A 11 -0.65 -13.46 2.81
CA THR A 11 -1.92 -14.08 3.18
C THR A 11 -3.10 -13.15 2.88
N LYS A 12 -2.98 -11.90 3.31
CA LYS A 12 -4.04 -10.92 3.08
C LYS A 12 -3.67 -9.99 1.92
N GLN A 13 -4.28 -10.24 0.76
CA GLN A 13 -4.02 -9.42 -0.42
C GLN A 13 -4.72 -8.07 -0.32
N LEU A 14 -4.19 -7.09 -1.04
CA LEU A 14 -4.77 -5.74 -1.03
C LEU A 14 -6.15 -5.74 -1.68
N GLU A 15 -6.99 -4.79 -1.26
CA GLU A 15 -8.34 -4.67 -1.80
C GLU A 15 -8.57 -3.29 -2.39
N ASP A 16 -9.28 -3.23 -3.51
CA ASP A 16 -9.57 -1.97 -4.17
C ASP A 16 -10.12 -0.95 -3.17
N THR A 17 -9.50 0.23 -3.15
CA THR A 17 -9.92 1.29 -2.24
C THR A 17 -10.31 2.55 -3.01
N THR A 18 -11.39 3.20 -2.59
CA THR A 18 -11.85 4.42 -3.24
C THR A 18 -11.81 5.60 -2.27
N ALA A 19 -10.84 6.48 -2.47
CA ALA A 19 -10.69 7.66 -1.63
C ALA A 19 -10.94 8.94 -2.42
N TYR A 20 -11.06 10.06 -1.71
CA TYR A 20 -11.30 11.34 -2.35
C TYR A 20 -9.99 12.08 -2.59
N CYS A 21 -10.08 13.22 -3.28
CA CYS A 21 -8.90 14.02 -3.58
C CYS A 21 -8.41 14.77 -2.34
N GLY A 22 -7.18 14.50 -1.94
CA GLY A 22 -6.62 15.14 -0.76
C GLY A 22 -6.73 14.29 0.48
N GLU A 23 -7.65 13.33 0.46
CA GLU A 23 -7.86 12.44 1.60
C GLU A 23 -6.65 11.55 1.82
N ARG A 24 -6.61 10.88 2.97
CA ARG A 24 -5.51 9.99 3.29
C ARG A 24 -5.90 8.53 3.07
N VAL A 25 -5.13 7.84 2.23
CA VAL A 25 -5.39 6.44 1.92
C VAL A 25 -4.54 5.52 2.79
N GLU A 26 -5.15 4.45 3.28
CA GLU A 26 -4.45 3.49 4.13
C GLU A 26 -4.64 2.07 3.62
N LEU A 27 -3.58 1.49 3.08
CA LEU A 27 -3.64 0.13 2.55
C LEU A 27 -3.04 -0.86 3.53
N GLU A 28 -3.87 -1.72 4.11
CA GLU A 28 -3.42 -2.72 5.07
C GLU A 28 -3.28 -4.09 4.41
N CYS A 29 -2.36 -4.90 4.91
CA CYS A 29 -2.14 -6.23 4.36
C CYS A 29 -1.39 -7.11 5.37
N GLU A 30 -1.30 -8.40 5.07
CA GLU A 30 -0.62 -9.34 5.95
C GLU A 30 0.30 -10.26 5.14
N VAL A 31 1.20 -10.94 5.85
CA VAL A 31 2.13 -11.85 5.21
C VAL A 31 2.19 -13.19 5.93
N SER A 32 3.03 -14.10 5.44
CA SER A 32 3.17 -15.42 6.04
C SER A 32 4.02 -15.35 7.30
N GLU A 33 5.01 -14.45 7.30
CA GLU A 33 5.89 -14.30 8.45
C GLU A 33 5.52 -13.06 9.26
N ASP A 34 6.31 -12.76 10.27
CA ASP A 34 6.07 -11.60 11.13
C ASP A 34 7.21 -10.60 11.04
N ASP A 35 6.96 -9.38 11.50
CA ASP A 35 7.97 -8.33 11.46
C ASP A 35 8.79 -8.40 10.18
N ALA A 36 8.10 -8.48 9.05
CA ALA A 36 8.77 -8.55 7.76
C ALA A 36 8.89 -7.17 7.12
N ASN A 37 9.51 -7.11 5.94
CA ASN A 37 9.70 -5.85 5.23
C ASN A 37 9.22 -5.97 3.78
N VAL A 38 7.98 -5.58 3.54
CA VAL A 38 7.40 -5.64 2.20
C VAL A 38 7.84 -4.44 1.37
N LYS A 39 7.82 -4.61 0.04
CA LYS A 39 8.22 -3.54 -0.87
C LYS A 39 7.01 -3.03 -1.65
N TRP A 40 6.61 -1.80 -1.36
CA TRP A 40 5.47 -1.18 -2.05
C TRP A 40 5.91 -0.48 -3.32
N PHE A 41 5.22 -0.77 -4.42
CA PHE A 41 5.55 -0.15 -5.70
C PHE A 41 4.32 0.51 -6.31
N LYS A 42 4.52 1.70 -6.88
CA LYS A 42 3.43 2.45 -7.49
C LYS A 42 3.52 2.38 -9.02
N ASN A 43 2.71 1.51 -9.62
CA ASN A 43 2.70 1.35 -11.07
C ASN A 43 4.01 0.75 -11.56
N GLY A 44 4.63 -0.08 -10.72
CA GLY A 44 5.88 -0.71 -11.09
C GLY A 44 7.08 -0.02 -10.46
N GLU A 45 6.92 1.26 -10.15
CA GLU A 45 8.00 2.03 -9.54
C GLU A 45 8.10 1.76 -8.05
N GLU A 46 9.31 1.89 -7.50
CA GLU A 46 9.54 1.65 -6.08
C GLU A 46 9.32 2.93 -5.27
N ILE A 47 8.51 2.83 -4.23
CA ILE A 47 8.22 3.97 -3.37
C ILE A 47 9.32 4.18 -2.33
N ILE A 48 9.73 5.43 -2.16
CA ILE A 48 10.77 5.77 -1.19
C ILE A 48 10.26 6.75 -0.15
N PRO A 49 9.71 6.21 0.96
CA PRO A 49 9.18 7.02 2.05
C PRO A 49 10.27 7.73 2.83
N GLY A 50 9.88 8.44 3.89
CA GLY A 50 10.84 9.16 4.70
C GLY A 50 10.22 10.34 5.43
N PRO A 51 11.07 11.14 6.10
CA PRO A 51 10.62 12.31 6.85
C PRO A 51 10.14 13.43 5.93
N LYS A 52 10.23 13.20 4.63
CA LYS A 52 9.80 14.19 3.64
C LYS A 52 8.88 13.57 2.60
N SER A 53 9.15 12.31 2.26
CA SER A 53 8.35 11.59 1.27
C SER A 53 6.87 11.71 1.59
N ARG A 54 6.03 11.47 0.59
CA ARG A 54 4.59 11.55 0.76
C ARG A 54 4.03 10.21 1.24
N TYR A 55 4.81 9.15 1.08
CA TYR A 55 4.39 7.82 1.50
C TYR A 55 5.10 7.40 2.78
N ARG A 56 4.40 6.63 3.61
CA ARG A 56 4.96 6.16 4.87
C ARG A 56 4.63 4.69 5.10
N ILE A 57 5.64 3.83 4.97
CA ILE A 57 5.46 2.41 5.18
C ILE A 57 5.71 2.01 6.62
N ARG A 58 4.69 1.43 7.26
CA ARG A 58 4.81 1.01 8.65
C ARG A 58 4.49 -0.49 8.79
N VAL A 59 5.24 -1.17 9.65
CA VAL A 59 5.03 -2.59 9.88
C VAL A 59 4.56 -2.86 11.31
N GLU A 60 3.45 -3.58 11.43
CA GLU A 60 2.90 -3.90 12.74
C GLU A 60 2.60 -5.40 12.86
N GLY A 61 3.34 -6.08 13.72
CA GLY A 61 3.14 -7.50 13.91
C GLY A 61 3.33 -8.29 12.62
N LYS A 62 2.23 -8.77 12.06
CA LYS A 62 2.28 -9.54 10.82
C LYS A 62 1.45 -8.87 9.73
N LYS A 63 1.18 -7.58 9.92
CA LYS A 63 0.41 -6.83 8.93
C LYS A 63 1.05 -5.46 8.68
N HIS A 64 1.11 -5.07 7.41
CA HIS A 64 1.68 -3.79 7.03
C HIS A 64 0.60 -2.76 6.72
N ILE A 65 0.98 -1.49 6.70
CA ILE A 65 0.03 -0.42 6.41
C ILE A 65 0.70 0.72 5.65
N LEU A 66 0.25 0.96 4.42
CA LEU A 66 0.81 2.01 3.59
C LEU A 66 -0.11 3.23 3.57
N ILE A 67 0.28 4.28 4.28
CA ILE A 67 -0.51 5.50 4.34
C ILE A 67 -0.02 6.52 3.31
N ILE A 68 -0.95 7.23 2.69
CA ILE A 68 -0.62 8.24 1.69
C ILE A 68 -1.23 9.59 2.05
N GLU A 69 -0.39 10.50 2.54
CA GLU A 69 -0.85 11.83 2.91
C GLU A 69 -1.17 12.67 1.68
N GLY A 70 -2.45 12.82 1.38
CA GLY A 70 -2.87 13.60 0.23
C GLY A 70 -3.00 12.76 -1.02
N ALA A 71 -4.15 12.11 -1.17
CA ALA A 71 -4.39 11.26 -2.33
C ALA A 71 -5.03 12.06 -3.47
N THR A 72 -4.18 12.61 -4.34
CA THR A 72 -4.65 13.40 -5.46
C THR A 72 -4.98 12.51 -6.66
N LYS A 73 -5.77 13.04 -7.59
CA LYS A 73 -6.16 12.30 -8.78
C LYS A 73 -5.00 11.45 -9.29
N ALA A 74 -3.83 12.06 -9.39
CA ALA A 74 -2.64 11.36 -9.86
C ALA A 74 -2.31 10.17 -8.97
N ASP A 75 -2.32 10.39 -7.66
CA ASP A 75 -2.03 9.34 -6.69
C ASP A 75 -2.75 8.05 -7.06
N ALA A 76 -4.00 8.18 -7.51
CA ALA A 76 -4.81 7.03 -7.89
C ALA A 76 -4.06 6.16 -8.89
N ALA A 77 -3.41 5.12 -8.38
CA ALA A 77 -2.66 4.19 -9.22
C ALA A 77 -2.67 2.79 -8.64
N GLU A 78 -2.18 1.82 -9.42
CA GLU A 78 -2.14 0.44 -8.98
C GLU A 78 -0.95 0.18 -8.07
N TYR A 79 -1.20 0.16 -6.76
CA TYR A 79 -0.14 -0.06 -5.79
C TYR A 79 0.08 -1.55 -5.54
N SER A 80 1.23 -2.06 -5.99
CA SER A 80 1.55 -3.47 -5.82
C SER A 80 2.75 -3.64 -4.89
N VAL A 81 2.64 -4.62 -3.98
CA VAL A 81 3.71 -4.89 -3.03
C VAL A 81 4.56 -6.08 -3.50
N MET A 82 5.72 -6.24 -2.85
CA MET A 82 6.62 -7.33 -3.20
C MET A 82 7.45 -7.76 -1.98
N THR A 83 7.22 -8.97 -1.51
CA THR A 83 7.93 -9.50 -0.36
C THR A 83 8.99 -10.51 -0.77
N THR A 84 9.68 -11.08 0.21
CA THR A 84 10.72 -12.07 -0.07
C THR A 84 10.22 -13.15 -1.01
N GLY A 85 8.95 -13.52 -0.87
CA GLY A 85 8.38 -14.54 -1.72
C GLY A 85 6.89 -14.34 -1.94
N GLY A 86 6.49 -13.09 -2.16
CA GLY A 86 5.08 -12.80 -2.37
C GLY A 86 4.88 -11.49 -3.13
N GLN A 87 3.70 -11.34 -3.73
CA GLN A 87 3.38 -10.13 -4.48
C GLN A 87 1.88 -9.89 -4.51
N SER A 88 1.49 -8.62 -4.40
CA SER A 88 0.07 -8.26 -4.40
C SER A 88 -0.15 -6.97 -5.17
N SER A 89 -1.39 -6.73 -5.57
CA SER A 89 -1.74 -5.52 -6.31
C SER A 89 -3.15 -5.05 -5.97
N ALA A 90 -3.34 -3.73 -5.93
CA ALA A 90 -4.63 -3.16 -5.61
C ALA A 90 -4.93 -1.96 -6.50
N LYS A 91 -6.22 -1.66 -6.69
CA LYS A 91 -6.63 -0.53 -7.52
C LYS A 91 -7.14 0.61 -6.65
N LEU A 92 -6.51 1.78 -6.78
CA LEU A 92 -6.91 2.95 -6.02
C LEU A 92 -7.45 4.04 -6.93
N SER A 93 -8.73 4.39 -6.74
CA SER A 93 -9.37 5.42 -7.55
C SER A 93 -9.67 6.66 -6.71
N VAL A 94 -9.18 7.80 -7.17
CA VAL A 94 -9.40 9.06 -6.46
C VAL A 94 -10.47 9.90 -7.16
N ASP A 95 -11.51 10.26 -6.40
CA ASP A 95 -12.60 11.06 -6.94
C ASP A 95 -12.73 12.37 -6.18
N LEU A 96 -13.38 13.35 -6.81
CA LEU A 96 -13.57 14.66 -6.20
C LEU A 96 -14.87 14.70 -5.39
N LYS A 97 -14.73 14.84 -4.08
CA LYS A 97 -15.90 14.90 -3.19
C LYS A 97 -16.69 16.18 -3.42
N SER A 98 -18.00 16.10 -3.23
CA SER A 98 -18.86 17.25 -3.42
C SER A 98 -19.87 17.36 -2.28
N GLY A 99 -20.67 18.43 -2.29
CA GLY A 99 -21.67 18.63 -1.26
C GLY A 99 -23.08 18.66 -1.81
N PRO A 100 -24.03 18.15 -1.03
CA PRO A 100 -25.45 18.12 -1.43
C PRO A 100 -26.08 19.50 -1.45
N SER A 101 -26.01 20.16 -2.60
CA SER A 101 -26.57 21.49 -2.76
C SER A 101 -27.65 21.51 -3.84
N SER A 102 -28.46 22.56 -3.85
CA SER A 102 -29.53 22.70 -4.84
C SER A 102 -29.34 23.97 -5.67
N GLY A 103 -29.18 23.79 -6.98
CA GLY A 103 -29.00 24.93 -7.86
C GLY A 103 -29.29 24.58 -9.30
N GLY A 1 2.63 -22.42 2.58
CA GLY A 1 4.02 -22.40 2.99
C GLY A 1 4.82 -23.53 2.38
N SER A 2 6.06 -23.24 1.99
CA SER A 2 6.92 -24.25 1.38
C SER A 2 8.06 -24.63 2.34
N SER A 3 8.44 -25.89 2.31
CA SER A 3 9.51 -26.38 3.17
C SER A 3 10.88 -26.01 2.60
N GLY A 4 11.15 -26.47 1.39
CA GLY A 4 12.44 -26.17 0.76
C GLY A 4 12.94 -24.79 1.10
N SER A 5 12.48 -23.79 0.35
CA SER A 5 12.91 -22.41 0.57
C SER A 5 12.07 -21.77 1.68
N SER A 6 12.55 -20.64 2.19
CA SER A 6 11.86 -19.92 3.25
C SER A 6 11.50 -18.51 2.81
N GLY A 7 10.39 -18.39 2.08
CA GLY A 7 9.96 -17.09 1.60
C GLY A 7 8.75 -16.57 2.36
N ILE A 8 8.27 -15.40 1.97
CA ILE A 8 7.11 -14.79 2.62
C ILE A 8 5.94 -14.68 1.66
N MET A 9 4.80 -15.25 2.05
CA MET A 9 3.60 -15.21 1.22
C MET A 9 2.58 -14.24 1.80
N VAL A 10 1.93 -13.48 0.92
CA VAL A 10 0.92 -12.51 1.35
C VAL A 10 -0.39 -13.20 1.69
N THR A 11 -0.64 -13.36 2.98
CA THR A 11 -1.87 -14.02 3.45
C THR A 11 -3.09 -13.17 3.10
N LYS A 12 -2.99 -11.87 3.31
CA LYS A 12 -4.09 -10.96 3.02
C LYS A 12 -3.74 -10.04 1.86
N GLN A 13 -4.27 -10.37 0.68
CA GLN A 13 -4.01 -9.56 -0.51
C GLN A 13 -4.71 -8.21 -0.42
N LEU A 14 -4.10 -7.19 -1.02
CA LEU A 14 -4.66 -5.85 -1.00
C LEU A 14 -6.05 -5.84 -1.64
N GLU A 15 -6.85 -4.84 -1.27
CA GLU A 15 -8.20 -4.71 -1.81
C GLU A 15 -8.43 -3.32 -2.40
N ASP A 16 -9.17 -3.26 -3.49
CA ASP A 16 -9.47 -2.00 -4.16
C ASP A 16 -10.00 -0.97 -3.15
N THR A 17 -9.40 0.21 -3.16
CA THR A 17 -9.82 1.28 -2.26
C THR A 17 -10.28 2.51 -3.03
N THR A 18 -11.25 3.23 -2.47
CA THR A 18 -11.79 4.43 -3.11
C THR A 18 -11.67 5.63 -2.19
N ALA A 19 -10.73 6.51 -2.48
CA ALA A 19 -10.51 7.71 -1.68
C ALA A 19 -10.91 8.97 -2.46
N TYR A 20 -10.73 10.12 -1.83
CA TYR A 20 -11.08 11.40 -2.46
C TYR A 20 -9.84 12.26 -2.65
N CYS A 21 -9.93 13.21 -3.58
CA CYS A 21 -8.81 14.10 -3.86
C CYS A 21 -8.37 14.85 -2.61
N GLY A 22 -7.21 14.49 -2.08
CA GLY A 22 -6.70 15.13 -0.88
C GLY A 22 -6.83 14.25 0.35
N GLU A 23 -7.72 13.26 0.28
CA GLU A 23 -7.93 12.35 1.39
C GLU A 23 -6.72 11.44 1.60
N ARG A 24 -6.66 10.81 2.77
CA ARG A 24 -5.55 9.92 3.09
C ARG A 24 -5.93 8.47 2.84
N VAL A 25 -5.12 7.77 2.05
CA VAL A 25 -5.37 6.37 1.74
C VAL A 25 -4.53 5.44 2.61
N GLU A 26 -5.18 4.43 3.19
CA GLU A 26 -4.50 3.48 4.05
C GLU A 26 -4.67 2.05 3.53
N LEU A 27 -3.61 1.50 2.96
CA LEU A 27 -3.64 0.15 2.43
C LEU A 27 -3.05 -0.85 3.43
N GLU A 28 -3.91 -1.71 3.98
CA GLU A 28 -3.48 -2.71 4.95
C GLU A 28 -3.32 -4.07 4.28
N CYS A 29 -2.42 -4.88 4.82
CA CYS A 29 -2.17 -6.21 4.29
C CYS A 29 -1.42 -7.08 5.30
N GLU A 30 -1.39 -8.38 5.05
CA GLU A 30 -0.72 -9.32 5.94
C GLU A 30 0.21 -10.24 5.16
N VAL A 31 1.19 -10.80 5.85
CA VAL A 31 2.15 -11.70 5.22
C VAL A 31 2.29 -13.00 6.01
N SER A 32 3.12 -13.91 5.51
CA SER A 32 3.33 -15.19 6.16
C SER A 32 4.25 -15.05 7.37
N GLU A 33 5.28 -14.22 7.23
CA GLU A 33 6.23 -14.00 8.31
C GLU A 33 5.83 -12.77 9.13
N ASP A 34 6.54 -12.55 10.23
CA ASP A 34 6.26 -11.42 11.11
C ASP A 34 7.34 -10.34 10.97
N ASP A 35 7.03 -9.13 11.40
CA ASP A 35 7.97 -8.02 11.33
C ASP A 35 8.81 -8.12 10.06
N ALA A 36 8.17 -8.47 8.96
CA ALA A 36 8.87 -8.60 7.68
C ALA A 36 9.07 -7.24 7.03
N ASN A 37 9.67 -7.24 5.85
CA ASN A 37 9.93 -6.00 5.12
C ASN A 37 9.43 -6.11 3.68
N VAL A 38 8.18 -5.70 3.46
CA VAL A 38 7.59 -5.75 2.13
C VAL A 38 7.99 -4.53 1.30
N LYS A 39 7.99 -4.71 -0.02
CA LYS A 39 8.36 -3.62 -0.93
C LYS A 39 7.14 -3.13 -1.70
N TRP A 40 6.75 -1.88 -1.46
CA TRP A 40 5.61 -1.28 -2.13
C TRP A 40 6.04 -0.61 -3.43
N PHE A 41 5.23 -0.76 -4.47
CA PHE A 41 5.53 -0.17 -5.77
C PHE A 41 4.28 0.52 -6.34
N LYS A 42 4.49 1.70 -6.91
CA LYS A 42 3.39 2.46 -7.51
C LYS A 42 3.42 2.37 -9.02
N ASN A 43 2.53 1.57 -9.58
CA ASN A 43 2.45 1.38 -11.03
C ASN A 43 3.74 0.76 -11.57
N GLY A 44 4.42 0.01 -10.71
CA GLY A 44 5.66 -0.63 -11.12
C GLY A 44 6.88 0.02 -10.51
N GLU A 45 6.79 1.32 -10.24
CA GLU A 45 7.90 2.06 -9.65
C GLU A 45 8.00 1.78 -8.15
N GLU A 46 9.21 1.89 -7.62
CA GLU A 46 9.45 1.65 -6.20
C GLU A 46 9.18 2.91 -5.38
N ILE A 47 8.58 2.73 -4.20
CA ILE A 47 8.28 3.85 -3.32
C ILE A 47 9.37 4.05 -2.28
N ILE A 48 9.71 5.31 -2.03
CA ILE A 48 10.74 5.63 -1.05
C ILE A 48 10.21 6.61 -0.01
N PRO A 49 9.65 6.06 1.08
CA PRO A 49 9.09 6.86 2.18
C PRO A 49 10.17 7.57 2.97
N GLY A 50 9.77 8.21 4.07
CA GLY A 50 10.72 8.92 4.91
C GLY A 50 10.09 10.07 5.66
N PRO A 51 10.92 10.90 6.31
CA PRO A 51 10.45 12.04 7.09
C PRO A 51 9.90 13.16 6.20
N LYS A 52 10.50 13.32 5.02
CA LYS A 52 10.07 14.34 4.08
C LYS A 52 9.47 13.71 2.82
N SER A 53 8.68 12.66 3.02
CA SER A 53 8.06 11.96 1.90
C SER A 53 6.55 11.89 2.07
N ARG A 54 5.84 11.55 1.01
CA ARG A 54 4.39 11.43 1.05
C ARG A 54 3.96 10.05 1.52
N TYR A 55 4.61 9.02 0.98
CA TYR A 55 4.29 7.64 1.34
C TYR A 55 4.99 7.25 2.64
N ARG A 56 4.29 6.48 3.48
CA ARG A 56 4.85 6.03 4.74
C ARG A 56 4.52 4.57 5.00
N ILE A 57 5.54 3.72 4.92
CA ILE A 57 5.36 2.28 5.14
C ILE A 57 5.54 1.93 6.61
N ARG A 58 4.44 1.58 7.26
CA ARG A 58 4.47 1.22 8.68
C ARG A 58 4.37 -0.30 8.84
N VAL A 59 4.96 -0.81 9.92
CA VAL A 59 4.94 -2.24 10.20
C VAL A 59 4.32 -2.53 11.56
N GLU A 60 3.21 -3.27 11.55
CA GLU A 60 2.51 -3.61 12.78
C GLU A 60 2.31 -5.12 12.89
N GLY A 61 3.18 -5.78 13.64
CA GLY A 61 3.09 -7.22 13.81
C GLY A 61 3.36 -7.97 12.52
N LYS A 62 2.35 -8.68 12.04
CA LYS A 62 2.47 -9.45 10.80
C LYS A 62 1.66 -8.82 9.68
N LYS A 63 1.33 -7.54 9.85
CA LYS A 63 0.56 -6.82 8.84
C LYS A 63 1.15 -5.43 8.59
N HIS A 64 1.23 -5.05 7.32
CA HIS A 64 1.77 -3.74 6.96
C HIS A 64 0.65 -2.76 6.62
N ILE A 65 0.96 -1.47 6.67
CA ILE A 65 -0.02 -0.44 6.36
C ILE A 65 0.61 0.71 5.59
N LEU A 66 0.23 0.86 4.33
CA LEU A 66 0.75 1.92 3.48
C LEU A 66 -0.17 3.12 3.48
N ILE A 67 0.22 4.17 4.20
CA ILE A 67 -0.57 5.39 4.28
C ILE A 67 -0.07 6.44 3.29
N ILE A 68 -1.00 7.08 2.59
CA ILE A 68 -0.65 8.11 1.62
C ILE A 68 -1.24 9.46 2.01
N GLU A 69 -0.37 10.41 2.30
CA GLU A 69 -0.81 11.76 2.70
C GLU A 69 -1.13 12.60 1.46
N GLY A 70 -2.42 12.83 1.24
CA GLY A 70 -2.84 13.63 0.09
C GLY A 70 -2.99 12.79 -1.16
N ALA A 71 -4.07 12.01 -1.21
CA ALA A 71 -4.33 11.15 -2.37
C ALA A 71 -4.97 11.96 -3.50
N THR A 72 -4.14 12.48 -4.39
CA THR A 72 -4.62 13.27 -5.52
C THR A 72 -4.89 12.38 -6.72
N LYS A 73 -5.52 12.95 -7.75
CA LYS A 73 -5.83 12.21 -8.97
C LYS A 73 -4.64 11.40 -9.44
N ALA A 74 -3.44 11.96 -9.24
CA ALA A 74 -2.21 11.29 -9.65
C ALA A 74 -1.98 10.02 -8.82
N ASP A 75 -2.25 10.11 -7.52
CA ASP A 75 -2.08 8.98 -6.63
C ASP A 75 -2.87 7.77 -7.11
N ALA A 76 -3.97 8.04 -7.81
CA ALA A 76 -4.82 6.97 -8.34
C ALA A 76 -4.03 6.05 -9.26
N ALA A 77 -3.42 5.01 -8.68
CA ALA A 77 -2.64 4.06 -9.46
C ALA A 77 -2.69 2.67 -8.83
N GLU A 78 -2.17 1.67 -9.55
CA GLU A 78 -2.17 0.30 -9.05
C GLU A 78 -1.02 0.08 -8.07
N TYR A 79 -1.34 0.05 -6.78
CA TYR A 79 -0.34 -0.14 -5.76
C TYR A 79 -0.10 -1.64 -5.50
N SER A 80 1.09 -2.10 -5.86
CA SER A 80 1.45 -3.50 -5.68
C SER A 80 2.70 -3.64 -4.81
N VAL A 81 2.67 -4.62 -3.91
CA VAL A 81 3.80 -4.86 -3.02
C VAL A 81 4.65 -6.04 -3.50
N MET A 82 5.80 -6.22 -2.87
CA MET A 82 6.70 -7.31 -3.24
C MET A 82 7.52 -7.77 -2.03
N THR A 83 7.42 -9.05 -1.71
CA THR A 83 8.15 -9.62 -0.58
C THR A 83 9.16 -10.66 -1.05
N THR A 84 9.84 -11.27 -0.08
CA THR A 84 10.85 -12.29 -0.40
C THR A 84 10.24 -13.43 -1.20
N GLY A 85 8.95 -13.67 -1.00
CA GLY A 85 8.27 -14.74 -1.71
C GLY A 85 6.78 -14.49 -1.85
N GLY A 86 6.42 -13.27 -2.25
CA GLY A 86 5.02 -12.93 -2.42
C GLY A 86 4.83 -11.59 -3.11
N GLN A 87 3.65 -11.39 -3.69
CA GLN A 87 3.35 -10.15 -4.39
C GLN A 87 1.85 -9.89 -4.41
N SER A 88 1.46 -8.64 -4.16
CA SER A 88 0.05 -8.26 -4.14
C SER A 88 -0.18 -7.02 -4.99
N SER A 89 -1.43 -6.83 -5.42
CA SER A 89 -1.79 -5.68 -6.24
C SER A 89 -3.17 -5.16 -5.88
N ALA A 90 -3.35 -3.85 -5.98
CA ALA A 90 -4.64 -3.22 -5.66
C ALA A 90 -4.86 -1.96 -6.49
N LYS A 91 -6.12 -1.58 -6.65
CA LYS A 91 -6.46 -0.39 -7.42
C LYS A 91 -6.95 0.73 -6.50
N LEU A 92 -6.50 1.95 -6.77
CA LEU A 92 -6.90 3.11 -5.97
C LEU A 92 -7.62 4.14 -6.82
N SER A 93 -8.73 4.66 -6.30
CA SER A 93 -9.51 5.66 -7.02
C SER A 93 -9.63 6.94 -6.20
N VAL A 94 -9.54 8.09 -6.89
CA VAL A 94 -9.64 9.38 -6.24
C VAL A 94 -10.71 10.24 -6.88
N ASP A 95 -11.73 10.59 -6.10
CA ASP A 95 -12.83 11.42 -6.60
C ASP A 95 -12.90 12.73 -5.83
N LEU A 96 -13.57 13.72 -6.43
CA LEU A 96 -13.71 15.04 -5.80
C LEU A 96 -14.96 15.09 -4.93
N LYS A 97 -14.76 15.29 -3.63
CA LYS A 97 -15.87 15.36 -2.69
C LYS A 97 -16.87 16.44 -3.10
N SER A 98 -16.35 17.64 -3.39
CA SER A 98 -17.19 18.75 -3.80
C SER A 98 -16.97 19.10 -5.26
N GLY A 99 -17.96 18.83 -6.09
CA GLY A 99 -17.85 19.13 -7.51
C GLY A 99 -19.03 18.59 -8.31
N PRO A 100 -18.81 18.40 -9.62
CA PRO A 100 -19.85 17.89 -10.52
C PRO A 100 -20.16 16.42 -10.26
N SER A 101 -21.42 16.04 -10.48
CA SER A 101 -21.86 14.66 -10.26
C SER A 101 -21.85 13.87 -11.57
N SER A 102 -21.08 12.79 -11.60
CA SER A 102 -20.99 11.95 -12.79
C SER A 102 -22.10 10.90 -12.80
N GLY A 103 -22.51 10.50 -14.01
CA GLY A 103 -23.56 9.51 -14.14
C GLY A 103 -24.06 9.38 -15.56
N GLY A 1 23.03 -19.73 0.04
CA GLY A 1 22.78 -20.68 -1.02
C GLY A 1 21.77 -20.17 -2.03
N SER A 2 22.09 -20.30 -3.30
CA SER A 2 21.21 -19.85 -4.37
C SER A 2 20.03 -20.80 -4.54
N SER A 3 20.33 -22.08 -4.71
CA SER A 3 19.30 -23.10 -4.90
C SER A 3 18.56 -23.35 -3.58
N GLY A 4 17.26 -23.64 -3.69
CA GLY A 4 16.46 -23.90 -2.51
C GLY A 4 15.06 -23.36 -2.63
N SER A 5 14.32 -23.35 -1.51
CA SER A 5 12.95 -22.86 -1.50
C SER A 5 12.65 -22.15 -0.18
N SER A 6 12.45 -20.84 -0.24
CA SER A 6 12.15 -20.05 0.94
C SER A 6 11.67 -18.66 0.56
N GLY A 7 10.85 -18.07 1.43
CA GLY A 7 10.33 -16.74 1.16
C GLY A 7 9.13 -16.40 2.02
N ILE A 8 8.47 -15.29 1.71
CA ILE A 8 7.30 -14.86 2.46
C ILE A 8 6.07 -14.76 1.56
N MET A 9 4.98 -15.36 1.99
CA MET A 9 3.73 -15.35 1.22
C MET A 9 2.76 -14.33 1.80
N VAL A 10 1.99 -13.68 0.93
CA VAL A 10 1.02 -12.69 1.36
C VAL A 10 -0.32 -13.35 1.69
N THR A 11 -0.60 -13.49 2.99
CA THR A 11 -1.84 -14.09 3.44
C THR A 11 -3.04 -13.22 3.09
N LYS A 12 -2.91 -11.93 3.32
CA LYS A 12 -3.99 -10.98 3.03
C LYS A 12 -3.59 -10.05 1.89
N GLN A 13 -4.27 -10.20 0.75
CA GLN A 13 -4.00 -9.37 -0.42
C GLN A 13 -4.74 -8.04 -0.32
N LEU A 14 -4.17 -7.00 -0.93
CA LEU A 14 -4.77 -5.67 -0.93
C LEU A 14 -6.13 -5.69 -1.61
N GLU A 15 -7.03 -4.84 -1.14
CA GLU A 15 -8.38 -4.75 -1.72
C GLU A 15 -8.62 -3.38 -2.32
N ASP A 16 -9.24 -3.36 -3.50
CA ASP A 16 -9.53 -2.10 -4.19
C ASP A 16 -10.10 -1.07 -3.22
N THR A 17 -9.51 0.12 -3.24
CA THR A 17 -9.97 1.20 -2.36
C THR A 17 -10.28 2.46 -3.16
N THR A 18 -11.23 3.24 -2.67
CA THR A 18 -11.64 4.48 -3.33
C THR A 18 -11.67 5.65 -2.35
N ALA A 19 -10.71 6.55 -2.47
CA ALA A 19 -10.63 7.71 -1.60
C ALA A 19 -11.04 8.98 -2.34
N TYR A 20 -10.99 10.11 -1.64
CA TYR A 20 -11.35 11.40 -2.23
C TYR A 20 -10.12 12.24 -2.51
N CYS A 21 -10.30 13.31 -3.27
CA CYS A 21 -9.20 14.20 -3.62
C CYS A 21 -8.74 14.99 -2.40
N GLY A 22 -7.57 14.65 -1.88
CA GLY A 22 -7.04 15.34 -0.72
C GLY A 22 -7.12 14.51 0.54
N GLU A 23 -7.77 13.35 0.43
CA GLU A 23 -7.93 12.45 1.58
C GLU A 23 -6.69 11.56 1.74
N ARG A 24 -6.62 10.86 2.87
CA ARG A 24 -5.49 9.98 3.16
C ARG A 24 -5.86 8.52 2.91
N VAL A 25 -5.12 7.86 2.03
CA VAL A 25 -5.36 6.47 1.71
C VAL A 25 -4.51 5.55 2.57
N GLU A 26 -5.10 4.45 3.03
CA GLU A 26 -4.40 3.49 3.86
C GLU A 26 -4.61 2.06 3.36
N LEU A 27 -3.54 1.42 2.92
CA LEU A 27 -3.62 0.05 2.40
C LEU A 27 -3.02 -0.93 3.41
N GLU A 28 -3.86 -1.81 3.94
CA GLU A 28 -3.42 -2.80 4.90
C GLU A 28 -3.23 -4.17 4.23
N CYS A 29 -2.33 -4.97 4.78
CA CYS A 29 -2.05 -6.29 4.23
C CYS A 29 -1.32 -7.16 5.25
N GLU A 30 -1.31 -8.47 5.02
CA GLU A 30 -0.64 -9.40 5.91
C GLU A 30 0.26 -10.36 5.14
N VAL A 31 1.28 -10.87 5.81
CA VAL A 31 2.21 -11.80 5.18
C VAL A 31 2.29 -13.12 5.95
N SER A 32 3.17 -14.01 5.51
CA SER A 32 3.34 -15.31 6.16
C SER A 32 4.30 -15.21 7.33
N GLU A 33 5.08 -14.12 7.37
CA GLU A 33 6.04 -13.91 8.44
C GLU A 33 5.65 -12.72 9.30
N ASP A 34 6.49 -12.39 10.28
CA ASP A 34 6.24 -11.28 11.17
C ASP A 34 7.33 -10.22 11.04
N ASP A 35 6.99 -8.98 11.40
CA ASP A 35 7.93 -7.88 11.32
C ASP A 35 8.81 -8.00 10.08
N ALA A 36 8.21 -8.46 8.98
CA ALA A 36 8.94 -8.62 7.72
C ALA A 36 9.17 -7.28 7.05
N ASN A 37 9.77 -7.32 5.85
CA ASN A 37 10.05 -6.10 5.11
C ASN A 37 9.51 -6.20 3.67
N VAL A 38 8.28 -5.73 3.48
CA VAL A 38 7.65 -5.76 2.16
C VAL A 38 8.06 -4.56 1.33
N LYS A 39 7.95 -4.70 0.01
CA LYS A 39 8.32 -3.63 -0.91
C LYS A 39 7.10 -3.15 -1.70
N TRP A 40 6.73 -1.89 -1.50
CA TRP A 40 5.58 -1.31 -2.19
C TRP A 40 6.02 -0.64 -3.49
N PHE A 41 5.22 -0.81 -4.54
CA PHE A 41 5.53 -0.21 -5.83
C PHE A 41 4.28 0.43 -6.43
N LYS A 42 4.43 1.66 -6.91
CA LYS A 42 3.33 2.40 -7.51
C LYS A 42 3.42 2.37 -9.03
N ASN A 43 2.54 1.61 -9.66
CA ASN A 43 2.52 1.49 -11.12
C ASN A 43 3.81 0.85 -11.62
N GLY A 44 4.42 0.03 -10.79
CA GLY A 44 5.65 -0.64 -11.17
C GLY A 44 6.88 0.02 -10.57
N GLU A 45 6.76 1.30 -10.24
CA GLU A 45 7.87 2.05 -9.66
C GLU A 45 7.97 1.78 -8.15
N GLU A 46 9.20 1.69 -7.65
CA GLU A 46 9.44 1.44 -6.23
C GLU A 46 9.24 2.71 -5.42
N ILE A 47 8.62 2.57 -4.25
CA ILE A 47 8.38 3.71 -3.37
C ILE A 47 9.50 3.87 -2.36
N ILE A 48 9.80 5.12 -2.00
CA ILE A 48 10.85 5.41 -1.03
C ILE A 48 10.38 6.42 0.00
N PRO A 49 9.79 5.92 1.10
CA PRO A 49 9.29 6.77 2.18
C PRO A 49 10.41 7.43 2.97
N GLY A 50 10.06 8.12 4.05
CA GLY A 50 11.05 8.79 4.87
C GLY A 50 10.46 9.93 5.66
N PRO A 51 11.33 10.66 6.38
CA PRO A 51 10.91 11.80 7.21
C PRO A 51 10.46 12.99 6.36
N LYS A 52 10.88 13.01 5.11
CA LYS A 52 10.52 14.09 4.20
C LYS A 52 9.89 13.55 2.92
N SER A 53 9.01 12.56 3.08
CA SER A 53 8.35 11.94 1.93
C SER A 53 6.84 11.88 2.16
N ARG A 54 6.09 11.65 1.07
CA ARG A 54 4.64 11.57 1.15
C ARG A 54 4.19 10.19 1.60
N TYR A 55 4.83 9.15 1.06
CA TYR A 55 4.50 7.78 1.40
C TYR A 55 5.16 7.37 2.71
N ARG A 56 4.41 6.69 3.57
CA ARG A 56 4.92 6.24 4.86
C ARG A 56 4.55 4.78 5.11
N ILE A 57 5.55 3.90 5.04
CA ILE A 57 5.33 2.48 5.27
C ILE A 57 5.48 2.13 6.75
N ARG A 58 4.41 1.60 7.33
CA ARG A 58 4.43 1.22 8.74
C ARG A 58 4.24 -0.30 8.89
N VAL A 59 4.97 -0.89 9.83
CA VAL A 59 4.89 -2.32 10.08
C VAL A 59 4.30 -2.60 11.45
N GLU A 60 3.18 -3.30 11.48
CA GLU A 60 2.52 -3.64 12.74
C GLU A 60 2.29 -5.14 12.84
N GLY A 61 3.15 -5.82 13.59
CA GLY A 61 3.02 -7.26 13.75
C GLY A 61 3.27 -8.02 12.47
N LYS A 62 2.25 -8.71 11.97
CA LYS A 62 2.37 -9.47 10.74
C LYS A 62 1.57 -8.82 9.61
N LYS A 63 1.22 -7.56 9.80
CA LYS A 63 0.46 -6.82 8.80
C LYS A 63 1.04 -5.42 8.60
N HIS A 64 1.23 -5.05 7.33
CA HIS A 64 1.77 -3.73 7.00
C HIS A 64 0.66 -2.74 6.68
N ILE A 65 1.00 -1.47 6.65
CA ILE A 65 0.03 -0.41 6.34
C ILE A 65 0.67 0.74 5.59
N LEU A 66 0.23 0.96 4.36
CA LEU A 66 0.77 2.04 3.54
C LEU A 66 -0.17 3.24 3.53
N ILE A 67 0.26 4.32 4.15
CA ILE A 67 -0.54 5.55 4.21
C ILE A 67 -0.08 6.56 3.18
N ILE A 68 -1.04 7.22 2.53
CA ILE A 68 -0.72 8.22 1.51
C ILE A 68 -1.33 9.57 1.88
N GLU A 69 -0.48 10.49 2.34
CA GLU A 69 -0.93 11.82 2.72
C GLU A 69 -1.35 12.62 1.49
N GLY A 70 -2.65 12.82 1.34
CA GLY A 70 -3.16 13.57 0.20
C GLY A 70 -3.25 12.74 -1.05
N ALA A 71 -4.41 12.12 -1.28
CA ALA A 71 -4.61 11.29 -2.46
C ALA A 71 -5.20 12.09 -3.60
N THR A 72 -4.34 12.51 -4.53
CA THR A 72 -4.77 13.28 -5.69
C THR A 72 -5.03 12.39 -6.89
N LYS A 73 -5.47 13.01 -7.99
CA LYS A 73 -5.77 12.26 -9.21
C LYS A 73 -4.60 11.34 -9.57
N ALA A 74 -3.39 11.87 -9.50
CA ALA A 74 -2.21 11.09 -9.82
C ALA A 74 -2.00 9.95 -8.82
N ASP A 75 -2.27 10.24 -7.55
CA ASP A 75 -2.12 9.24 -6.49
C ASP A 75 -2.90 7.98 -6.82
N ALA A 76 -4.02 8.15 -7.53
CA ALA A 76 -4.86 7.02 -7.91
C ALA A 76 -4.15 6.12 -8.92
N ALA A 77 -3.45 5.11 -8.40
CA ALA A 77 -2.73 4.17 -9.26
C ALA A 77 -2.75 2.77 -8.67
N GLU A 78 -2.27 1.80 -9.45
CA GLU A 78 -2.24 0.41 -9.00
C GLU A 78 -1.06 0.17 -8.06
N TYR A 79 -1.36 0.11 -6.76
CA TYR A 79 -0.32 -0.10 -5.75
C TYR A 79 -0.10 -1.60 -5.54
N SER A 80 1.10 -2.06 -5.89
CA SER A 80 1.44 -3.47 -5.74
C SER A 80 2.67 -3.63 -4.85
N VAL A 81 2.62 -4.60 -3.94
CA VAL A 81 3.74 -4.85 -3.04
C VAL A 81 4.58 -6.04 -3.51
N MET A 82 5.73 -6.22 -2.89
CA MET A 82 6.63 -7.31 -3.25
C MET A 82 7.45 -7.77 -2.05
N THR A 83 7.17 -8.97 -1.56
CA THR A 83 7.87 -9.53 -0.42
C THR A 83 8.99 -10.45 -0.86
N THR A 84 9.67 -11.07 0.11
CA THR A 84 10.76 -11.98 -0.18
C THR A 84 10.27 -13.22 -0.92
N GLY A 85 8.95 -13.34 -1.03
CA GLY A 85 8.37 -14.49 -1.71
C GLY A 85 6.88 -14.32 -1.97
N GLY A 86 6.46 -13.08 -2.21
CA GLY A 86 5.05 -12.81 -2.46
C GLY A 86 4.84 -11.51 -3.20
N GLN A 87 3.64 -11.33 -3.75
CA GLN A 87 3.31 -10.12 -4.49
C GLN A 87 1.81 -9.87 -4.48
N SER A 88 1.43 -8.61 -4.31
CA SER A 88 0.02 -8.23 -4.28
C SER A 88 -0.23 -6.97 -5.09
N SER A 89 -1.48 -6.76 -5.49
CA SER A 89 -1.85 -5.58 -6.28
C SER A 89 -3.20 -5.03 -5.84
N ALA A 90 -3.38 -3.72 -5.99
CA ALA A 90 -4.62 -3.08 -5.60
C ALA A 90 -4.85 -1.81 -6.41
N LYS A 91 -6.10 -1.58 -6.79
CA LYS A 91 -6.45 -0.39 -7.58
C LYS A 91 -7.04 0.70 -6.69
N LEU A 92 -6.43 1.88 -6.73
CA LEU A 92 -6.89 3.01 -5.93
C LEU A 92 -7.49 4.10 -6.82
N SER A 93 -8.79 4.33 -6.66
CA SER A 93 -9.49 5.35 -7.45
C SER A 93 -9.72 6.61 -6.62
N VAL A 94 -9.36 7.75 -7.17
CA VAL A 94 -9.53 9.03 -6.49
C VAL A 94 -10.63 9.86 -7.14
N ASP A 95 -11.53 10.38 -6.32
CA ASP A 95 -12.63 11.20 -6.83
C ASP A 95 -12.82 12.45 -5.97
N LEU A 96 -13.57 13.41 -6.48
CA LEU A 96 -13.83 14.66 -5.77
C LEU A 96 -15.14 14.59 -5.00
N LYS A 97 -15.05 14.74 -3.68
CA LYS A 97 -16.23 14.69 -2.82
C LYS A 97 -17.13 15.90 -3.07
N SER A 98 -16.55 17.09 -2.95
CA SER A 98 -17.29 18.33 -3.16
C SER A 98 -16.83 19.04 -4.43
N GLY A 99 -17.79 19.44 -5.27
CA GLY A 99 -17.47 20.11 -6.50
C GLY A 99 -18.19 21.43 -6.65
N PRO A 100 -17.56 22.39 -7.33
CA PRO A 100 -18.14 23.72 -7.56
C PRO A 100 -19.33 23.69 -8.51
N SER A 101 -19.46 22.58 -9.25
CA SER A 101 -20.55 22.42 -10.21
C SER A 101 -21.86 22.97 -9.63
N SER A 102 -22.43 23.95 -10.31
CA SER A 102 -23.68 24.55 -9.86
C SER A 102 -24.83 23.55 -9.95
N GLY A 103 -25.03 23.00 -11.13
CA GLY A 103 -26.10 22.04 -11.33
C GLY A 103 -26.05 21.38 -12.71
N GLY A 1 7.59 -31.76 8.71
CA GLY A 1 8.31 -31.75 7.45
C GLY A 1 7.37 -31.62 6.26
N SER A 2 6.87 -30.42 6.02
CA SER A 2 5.96 -30.17 4.90
C SER A 2 6.64 -29.33 3.83
N SER A 3 6.95 -29.96 2.70
CA SER A 3 7.61 -29.28 1.59
C SER A 3 7.05 -27.87 1.44
N GLY A 4 7.88 -26.87 1.75
CA GLY A 4 7.45 -25.48 1.64
C GLY A 4 8.49 -24.62 0.95
N SER A 5 8.04 -23.79 0.03
CA SER A 5 8.94 -22.90 -0.71
C SER A 5 9.32 -21.69 0.13
N SER A 6 10.59 -21.60 0.51
CA SER A 6 11.08 -20.50 1.31
C SER A 6 10.62 -19.16 0.74
N GLY A 7 10.08 -18.30 1.61
CA GLY A 7 9.61 -17.01 1.17
C GLY A 7 8.38 -16.53 1.94
N ILE A 8 8.11 -15.24 1.86
CA ILE A 8 6.96 -14.67 2.56
C ILE A 8 5.74 -14.58 1.64
N MET A 9 4.66 -15.24 2.04
CA MET A 9 3.43 -15.23 1.25
C MET A 9 2.43 -14.23 1.81
N VAL A 10 1.76 -13.51 0.92
CA VAL A 10 0.77 -12.52 1.32
C VAL A 10 -0.57 -13.17 1.66
N THR A 11 -0.82 -13.37 2.95
CA THR A 11 -2.05 -13.99 3.40
C THR A 11 -3.26 -13.11 3.07
N LYS A 12 -3.15 -11.83 3.38
CA LYS A 12 -4.24 -10.89 3.12
C LYS A 12 -3.88 -9.99 1.93
N GLN A 13 -4.40 -10.34 0.76
CA GLN A 13 -4.15 -9.57 -0.45
C GLN A 13 -4.79 -8.18 -0.35
N LEU A 14 -4.25 -7.23 -1.11
CA LEU A 14 -4.77 -5.87 -1.11
C LEU A 14 -6.19 -5.83 -1.66
N GLU A 15 -6.98 -4.88 -1.19
CA GLU A 15 -8.36 -4.73 -1.64
C GLU A 15 -8.60 -3.34 -2.22
N ASP A 16 -9.35 -3.29 -3.31
CA ASP A 16 -9.65 -2.03 -3.97
C ASP A 16 -10.07 -0.97 -2.96
N THR A 17 -9.44 0.20 -3.04
CA THR A 17 -9.75 1.30 -2.13
C THR A 17 -10.14 2.56 -2.90
N THR A 18 -11.29 3.13 -2.54
CA THR A 18 -11.77 4.34 -3.19
C THR A 18 -11.72 5.53 -2.25
N ALA A 19 -10.74 6.41 -2.46
CA ALA A 19 -10.57 7.60 -1.64
C ALA A 19 -10.93 8.86 -2.41
N TYR A 20 -10.81 10.00 -1.75
CA TYR A 20 -11.12 11.28 -2.37
C TYR A 20 -9.86 12.07 -2.66
N CYS A 21 -10.02 13.21 -3.33
CA CYS A 21 -8.88 14.07 -3.67
C CYS A 21 -8.36 14.80 -2.43
N GLY A 22 -7.12 14.51 -2.05
CA GLY A 22 -6.54 15.14 -0.89
C GLY A 22 -6.63 14.27 0.35
N GLU A 23 -7.65 13.43 0.41
CA GLU A 23 -7.85 12.55 1.55
C GLU A 23 -6.63 11.66 1.78
N ARG A 24 -6.60 11.00 2.94
CA ARG A 24 -5.48 10.12 3.28
C ARG A 24 -5.84 8.67 3.02
N VAL A 25 -5.00 7.96 2.27
CA VAL A 25 -5.23 6.57 1.96
C VAL A 25 -4.39 5.65 2.85
N GLU A 26 -4.97 4.53 3.25
CA GLU A 26 -4.28 3.58 4.11
C GLU A 26 -4.47 2.16 3.60
N LEU A 27 -3.41 1.61 3.00
CA LEU A 27 -3.46 0.25 2.47
C LEU A 27 -2.93 -0.76 3.48
N GLU A 28 -3.82 -1.59 4.02
CA GLU A 28 -3.43 -2.59 5.00
C GLU A 28 -3.30 -3.97 4.35
N CYS A 29 -2.38 -4.78 4.86
CA CYS A 29 -2.16 -6.11 4.33
C CYS A 29 -1.44 -6.99 5.36
N GLU A 30 -1.45 -8.30 5.11
CA GLU A 30 -0.81 -9.24 6.01
C GLU A 30 0.09 -10.21 5.23
N VAL A 31 1.08 -10.78 5.92
CA VAL A 31 2.00 -11.72 5.31
C VAL A 31 2.05 -13.03 6.08
N SER A 32 2.89 -13.95 5.61
CA SER A 32 3.03 -15.25 6.27
C SER A 32 3.96 -15.15 7.47
N GLU A 33 4.96 -14.28 7.37
CA GLU A 33 5.92 -14.10 8.46
C GLU A 33 5.57 -12.86 9.28
N ASP A 34 6.37 -12.61 10.31
CA ASP A 34 6.15 -11.46 11.19
C ASP A 34 7.26 -10.43 11.03
N ASP A 35 7.01 -9.22 11.51
CA ASP A 35 8.01 -8.15 11.43
C ASP A 35 8.80 -8.24 10.13
N ALA A 36 8.09 -8.45 9.02
CA ALA A 36 8.74 -8.56 7.72
C ALA A 36 8.94 -7.19 7.08
N ASN A 37 9.58 -7.17 5.92
CA ASN A 37 9.84 -5.91 5.21
C ASN A 37 9.38 -6.01 3.76
N VAL A 38 8.12 -5.67 3.52
CA VAL A 38 7.57 -5.72 2.17
C VAL A 38 8.01 -4.53 1.35
N LYS A 39 7.91 -4.65 0.03
CA LYS A 39 8.29 -3.57 -0.87
C LYS A 39 7.11 -3.08 -1.69
N TRP A 40 6.68 -1.85 -1.42
CA TRP A 40 5.55 -1.26 -2.14
C TRP A 40 6.01 -0.60 -3.42
N PHE A 41 5.29 -0.86 -4.51
CA PHE A 41 5.63 -0.27 -5.80
C PHE A 41 4.42 0.41 -6.43
N LYS A 42 4.62 1.60 -6.97
CA LYS A 42 3.54 2.36 -7.60
C LYS A 42 3.65 2.30 -9.11
N ASN A 43 2.87 1.40 -9.72
CA ASN A 43 2.86 1.24 -11.16
C ASN A 43 4.19 0.65 -11.64
N GLY A 44 4.82 -0.15 -10.78
CA GLY A 44 6.08 -0.78 -11.13
C GLY A 44 7.26 -0.09 -10.49
N GLU A 45 7.10 1.19 -10.17
CA GLU A 45 8.17 1.97 -9.55
C GLU A 45 8.23 1.70 -8.05
N GLU A 46 9.44 1.66 -7.51
CA GLU A 46 9.64 1.41 -6.09
C GLU A 46 9.48 2.71 -5.29
N ILE A 47 8.63 2.67 -4.27
CA ILE A 47 8.38 3.83 -3.42
C ILE A 47 9.45 3.96 -2.36
N ILE A 48 9.92 5.19 -2.13
CA ILE A 48 10.94 5.46 -1.13
C ILE A 48 10.44 6.44 -0.09
N PRO A 49 9.84 5.93 0.99
CA PRO A 49 9.31 6.75 2.08
C PRO A 49 10.42 7.41 2.90
N GLY A 50 10.03 8.12 3.95
CA GLY A 50 11.00 8.79 4.80
C GLY A 50 10.44 10.04 5.45
N PRO A 51 11.33 10.85 6.02
CA PRO A 51 10.95 12.10 6.69
C PRO A 51 10.46 13.16 5.71
N LYS A 52 9.31 13.77 6.01
CA LYS A 52 8.75 14.79 5.15
C LYS A 52 8.43 14.24 3.76
N SER A 53 7.89 13.02 3.73
CA SER A 53 7.55 12.38 2.47
C SER A 53 6.05 12.11 2.38
N ARG A 54 5.57 11.84 1.17
CA ARG A 54 4.16 11.57 0.96
C ARG A 54 3.81 10.14 1.37
N TYR A 55 4.63 9.19 0.96
CA TYR A 55 4.41 7.78 1.29
C TYR A 55 5.20 7.38 2.53
N ARG A 56 4.56 6.61 3.40
CA ARG A 56 5.20 6.15 4.63
C ARG A 56 4.86 4.69 4.91
N ILE A 57 5.84 3.81 4.68
CA ILE A 57 5.65 2.38 4.91
C ILE A 57 5.81 2.04 6.39
N ARG A 58 4.73 1.54 7.00
CA ARG A 58 4.76 1.17 8.41
C ARG A 58 4.38 -0.29 8.59
N VAL A 59 5.12 -1.00 9.43
CA VAL A 59 4.86 -2.41 9.69
C VAL A 59 4.40 -2.62 11.13
N GLU A 60 3.33 -3.39 11.29
CA GLU A 60 2.78 -3.68 12.61
C GLU A 60 2.53 -5.17 12.79
N GLY A 61 3.36 -5.82 13.62
CA GLY A 61 3.22 -7.24 13.86
C GLY A 61 3.41 -8.06 12.60
N LYS A 62 2.31 -8.56 12.05
CA LYS A 62 2.37 -9.37 10.84
C LYS A 62 1.54 -8.73 9.72
N LYS A 63 1.29 -7.43 9.85
CA LYS A 63 0.52 -6.70 8.85
C LYS A 63 1.15 -5.34 8.56
N HIS A 64 1.23 -4.98 7.28
CA HIS A 64 1.80 -3.70 6.88
C HIS A 64 0.71 -2.69 6.56
N ILE A 65 1.06 -1.41 6.60
CA ILE A 65 0.11 -0.35 6.31
C ILE A 65 0.78 0.78 5.54
N LEU A 66 0.41 0.93 4.27
CA LEU A 66 0.97 1.98 3.43
C LEU A 66 0.06 3.20 3.41
N ILE A 67 0.46 4.24 4.14
CA ILE A 67 -0.31 5.47 4.20
C ILE A 67 0.15 6.47 3.14
N ILE A 68 -0.81 7.25 2.62
CA ILE A 68 -0.49 8.25 1.60
C ILE A 68 -1.10 9.60 1.95
N GLU A 69 -0.26 10.51 2.44
CA GLU A 69 -0.71 11.85 2.81
C GLU A 69 -1.06 12.67 1.57
N GLY A 70 -2.35 12.90 1.36
CA GLY A 70 -2.78 13.68 0.21
C GLY A 70 -2.97 12.82 -1.03
N ALA A 71 -4.12 12.17 -1.13
CA ALA A 71 -4.42 11.31 -2.28
C ALA A 71 -5.06 12.12 -3.41
N THR A 72 -4.23 12.59 -4.33
CA THR A 72 -4.72 13.38 -5.46
C THR A 72 -4.94 12.49 -6.69
N LYS A 73 -5.72 13.00 -7.64
CA LYS A 73 -6.01 12.27 -8.87
C LYS A 73 -4.82 11.41 -9.28
N ALA A 74 -3.65 12.04 -9.36
CA ALA A 74 -2.43 11.33 -9.74
C ALA A 74 -2.24 10.07 -8.90
N ASP A 75 -2.43 10.19 -7.59
CA ASP A 75 -2.27 9.07 -6.68
C ASP A 75 -2.95 7.82 -7.25
N ALA A 76 -4.13 8.01 -7.83
CA ALA A 76 -4.88 6.89 -8.41
C ALA A 76 -3.98 6.03 -9.30
N ALA A 77 -3.37 5.02 -8.70
CA ALA A 77 -2.48 4.12 -9.43
C ALA A 77 -2.53 2.71 -8.85
N GLU A 78 -2.01 1.74 -9.61
CA GLU A 78 -1.99 0.35 -9.17
C GLU A 78 -0.84 0.11 -8.20
N TYR A 79 -1.16 0.07 -6.90
CA TYR A 79 -0.15 -0.15 -5.87
C TYR A 79 0.06 -1.64 -5.64
N SER A 80 1.24 -2.13 -6.01
CA SER A 80 1.57 -3.54 -5.85
C SER A 80 2.77 -3.71 -4.92
N VAL A 81 2.67 -4.67 -4.00
CA VAL A 81 3.75 -4.94 -3.06
C VAL A 81 4.59 -6.13 -3.50
N MET A 82 5.78 -6.26 -2.92
CA MET A 82 6.69 -7.35 -3.26
C MET A 82 7.44 -7.82 -2.03
N THR A 83 7.27 -9.10 -1.69
CA THR A 83 7.94 -9.68 -0.53
C THR A 83 8.96 -10.73 -0.96
N THR A 84 9.69 -11.27 0.01
CA THR A 84 10.69 -12.29 -0.25
C THR A 84 10.15 -13.38 -1.18
N GLY A 85 8.87 -13.70 -1.00
CA GLY A 85 8.25 -14.72 -1.82
C GLY A 85 6.76 -14.49 -2.00
N GLY A 86 6.39 -13.24 -2.31
CA GLY A 86 4.99 -12.92 -2.50
C GLY A 86 4.80 -11.61 -3.24
N GLN A 87 3.63 -11.44 -3.85
CA GLN A 87 3.33 -10.22 -4.59
C GLN A 87 1.83 -9.99 -4.66
N SER A 88 1.42 -8.72 -4.54
CA SER A 88 0.02 -8.36 -4.58
C SER A 88 -0.18 -7.01 -5.25
N SER A 89 -1.42 -6.74 -5.69
CA SER A 89 -1.73 -5.50 -6.36
C SER A 89 -3.16 -5.06 -6.06
N ALA A 90 -3.40 -3.75 -6.09
CA ALA A 90 -4.73 -3.21 -5.82
C ALA A 90 -5.03 -2.02 -6.72
N LYS A 91 -6.23 -1.47 -6.58
CA LYS A 91 -6.65 -0.32 -7.39
C LYS A 91 -7.11 0.83 -6.50
N LEU A 92 -6.46 1.98 -6.64
CA LEU A 92 -6.81 3.15 -5.85
C LEU A 92 -7.56 4.17 -6.70
N SER A 93 -8.87 4.29 -6.47
CA SER A 93 -9.71 5.23 -7.21
C SER A 93 -9.84 6.55 -6.45
N VAL A 94 -9.59 7.64 -7.15
CA VAL A 94 -9.70 8.97 -6.54
C VAL A 94 -10.87 9.75 -7.13
N ASP A 95 -11.69 10.32 -6.25
CA ASP A 95 -12.84 11.10 -6.68
C ASP A 95 -12.97 12.38 -5.85
N LEU A 96 -13.82 13.29 -6.32
CA LEU A 96 -14.03 14.56 -5.63
C LEU A 96 -15.28 14.50 -4.74
N LYS A 97 -15.08 14.64 -3.44
CA LYS A 97 -16.19 14.61 -2.49
C LYS A 97 -17.21 15.70 -2.79
N SER A 98 -18.37 15.30 -3.31
CA SER A 98 -19.42 16.26 -3.65
C SER A 98 -20.73 15.86 -2.99
N GLY A 99 -21.04 16.50 -1.86
CA GLY A 99 -22.28 16.20 -1.15
C GLY A 99 -23.11 17.44 -0.90
N PRO A 100 -24.00 17.36 0.11
CA PRO A 100 -24.88 18.48 0.48
C PRO A 100 -24.10 19.63 1.12
N SER A 101 -24.44 20.86 0.72
CA SER A 101 -23.78 22.04 1.26
C SER A 101 -24.74 22.85 2.12
N SER A 102 -24.37 23.03 3.39
CA SER A 102 -25.20 23.80 4.32
C SER A 102 -24.96 25.29 4.17
N GLY A 103 -23.71 25.71 4.37
CA GLY A 103 -23.36 27.11 4.25
C GLY A 103 -23.72 27.68 2.90
N GLY A 1 12.93 -31.70 8.25
CA GLY A 1 13.63 -30.92 9.26
C GLY A 1 13.73 -29.45 8.88
N SER A 2 14.69 -29.13 8.02
CA SER A 2 14.90 -27.75 7.59
C SER A 2 15.10 -27.68 6.08
N SER A 3 14.02 -27.39 5.36
CA SER A 3 14.06 -27.31 3.91
C SER A 3 12.74 -26.77 3.36
N GLY A 4 12.84 -25.96 2.30
CA GLY A 4 11.65 -25.39 1.69
C GLY A 4 11.97 -24.23 0.77
N SER A 5 10.93 -23.50 0.37
CA SER A 5 11.11 -22.35 -0.51
C SER A 5 11.26 -21.06 0.28
N SER A 6 12.47 -20.83 0.80
CA SER A 6 12.74 -19.64 1.59
C SER A 6 12.11 -18.41 0.94
N GLY A 7 11.03 -17.93 1.55
CA GLY A 7 10.34 -16.76 1.02
C GLY A 7 9.14 -16.37 1.86
N ILE A 8 8.56 -15.21 1.57
CA ILE A 8 7.40 -14.72 2.30
C ILE A 8 6.17 -14.67 1.40
N MET A 9 5.06 -15.19 1.91
CA MET A 9 3.81 -15.21 1.15
C MET A 9 2.80 -14.24 1.77
N VAL A 10 2.16 -13.45 0.91
CA VAL A 10 1.15 -12.49 1.37
C VAL A 10 -0.16 -13.18 1.70
N THR A 11 -0.38 -13.43 2.99
CA THR A 11 -1.60 -14.09 3.45
C THR A 11 -2.83 -13.25 3.10
N LYS A 12 -2.70 -11.94 3.24
CA LYS A 12 -3.81 -11.04 2.95
C LYS A 12 -3.45 -10.09 1.81
N GLN A 13 -4.08 -10.27 0.66
CA GLN A 13 -3.82 -9.42 -0.50
C GLN A 13 -4.53 -8.09 -0.37
N LEU A 14 -3.98 -7.06 -1.01
CA LEU A 14 -4.56 -5.72 -0.97
C LEU A 14 -5.99 -5.74 -1.47
N GLU A 15 -6.79 -4.76 -1.02
CA GLU A 15 -8.18 -4.66 -1.41
C GLU A 15 -8.48 -3.30 -2.04
N ASP A 16 -9.01 -3.31 -3.25
CA ASP A 16 -9.34 -2.08 -3.95
C ASP A 16 -9.81 -1.01 -2.97
N THR A 17 -9.34 0.22 -3.17
CA THR A 17 -9.70 1.33 -2.31
C THR A 17 -10.13 2.54 -3.12
N THR A 18 -11.06 3.32 -2.57
CA THR A 18 -11.56 4.51 -3.25
C THR A 18 -11.50 5.73 -2.34
N ALA A 19 -10.54 6.60 -2.58
CA ALA A 19 -10.38 7.81 -1.78
C ALA A 19 -10.69 9.06 -2.60
N TYR A 20 -10.71 10.21 -1.93
CA TYR A 20 -11.01 11.47 -2.59
C TYR A 20 -9.75 12.33 -2.69
N CYS A 21 -9.78 13.29 -3.62
CA CYS A 21 -8.64 14.19 -3.82
C CYS A 21 -8.25 14.88 -2.52
N GLY A 22 -7.12 14.47 -1.96
CA GLY A 22 -6.65 15.06 -0.72
C GLY A 22 -6.81 14.12 0.46
N GLU A 23 -7.82 13.26 0.40
CA GLU A 23 -8.07 12.31 1.48
C GLU A 23 -6.84 11.47 1.77
N ARG A 24 -6.87 10.72 2.86
CA ARG A 24 -5.74 9.88 3.26
C ARG A 24 -6.03 8.42 2.93
N VAL A 25 -5.13 7.82 2.15
CA VAL A 25 -5.28 6.42 1.75
C VAL A 25 -4.50 5.51 2.69
N GLU A 26 -5.11 4.39 3.06
CA GLU A 26 -4.48 3.43 3.95
C GLU A 26 -4.64 2.00 3.43
N LEU A 27 -3.57 1.46 2.85
CA LEU A 27 -3.59 0.11 2.31
C LEU A 27 -2.97 -0.88 3.29
N GLU A 28 -3.81 -1.73 3.88
CA GLU A 28 -3.34 -2.73 4.84
C GLU A 28 -3.12 -4.07 4.16
N CYS A 29 -2.30 -4.92 4.78
CA CYS A 29 -2.00 -6.24 4.23
C CYS A 29 -1.33 -7.12 5.27
N GLU A 30 -1.22 -8.41 4.97
CA GLU A 30 -0.59 -9.35 5.88
C GLU A 30 0.39 -10.26 5.14
N VAL A 31 1.38 -10.77 5.87
CA VAL A 31 2.38 -11.65 5.28
C VAL A 31 2.49 -12.95 6.05
N SER A 32 3.42 -13.81 5.63
CA SER A 32 3.63 -15.10 6.28
C SER A 32 4.35 -14.93 7.61
N GLU A 33 5.29 -13.99 7.64
CA GLU A 33 6.07 -13.73 8.86
C GLU A 33 5.79 -12.33 9.39
N ASP A 34 6.41 -12.00 10.52
CA ASP A 34 6.23 -10.69 11.13
C ASP A 34 7.28 -9.71 10.62
N ASP A 35 7.03 -8.42 10.82
CA ASP A 35 7.95 -7.38 10.38
C ASP A 35 8.63 -7.76 9.07
N ALA A 36 7.87 -8.41 8.20
CA ALA A 36 8.39 -8.84 6.90
C ALA A 36 8.69 -7.64 6.00
N ASN A 37 9.97 -7.33 5.85
CA ASN A 37 10.39 -6.21 5.02
C ASN A 37 9.77 -6.31 3.62
N VAL A 38 8.57 -5.76 3.47
CA VAL A 38 7.88 -5.78 2.18
C VAL A 38 8.27 -4.58 1.33
N LYS A 39 7.99 -4.66 0.03
CA LYS A 39 8.30 -3.59 -0.90
C LYS A 39 7.04 -3.07 -1.58
N TRP A 40 6.69 -1.83 -1.31
CA TRP A 40 5.50 -1.21 -1.91
C TRP A 40 5.86 -0.50 -3.20
N PHE A 41 5.13 -0.80 -4.27
CA PHE A 41 5.37 -0.18 -5.57
C PHE A 41 4.11 0.54 -6.05
N LYS A 42 4.32 1.70 -6.67
CA LYS A 42 3.20 2.49 -7.20
C LYS A 42 3.13 2.39 -8.72
N ASN A 43 2.32 1.44 -9.20
CA ASN A 43 2.16 1.25 -10.64
C ASN A 43 3.43 0.67 -11.25
N GLY A 44 4.17 -0.10 -10.47
CA GLY A 44 5.40 -0.71 -10.95
C GLY A 44 6.63 -0.02 -10.39
N GLU A 45 6.52 1.27 -10.09
CA GLU A 45 7.63 2.03 -9.55
C GLU A 45 7.81 1.74 -8.06
N GLU A 46 9.05 1.85 -7.59
CA GLU A 46 9.36 1.60 -6.19
C GLU A 46 9.15 2.86 -5.34
N ILE A 47 8.50 2.70 -4.21
CA ILE A 47 8.24 3.83 -3.31
C ILE A 47 9.34 3.98 -2.27
N ILE A 48 9.69 5.21 -1.96
CA ILE A 48 10.74 5.49 -0.97
C ILE A 48 10.26 6.51 0.06
N PRO A 49 9.66 6.01 1.15
CA PRO A 49 9.15 6.86 2.23
C PRO A 49 10.27 7.51 3.03
N GLY A 50 9.92 8.08 4.18
CA GLY A 50 10.91 8.73 5.02
C GLY A 50 10.38 9.99 5.66
N PRO A 51 11.29 10.78 6.26
CA PRO A 51 10.93 12.03 6.92
C PRO A 51 10.49 13.12 5.94
N LYS A 52 11.18 13.18 4.80
CA LYS A 52 10.85 14.17 3.77
C LYS A 52 10.16 13.51 2.59
N SER A 53 9.24 12.60 2.88
CA SER A 53 8.50 11.90 1.83
C SER A 53 7.00 11.97 2.07
N ARG A 54 6.22 11.61 1.06
CA ARG A 54 4.77 11.64 1.15
C ARG A 54 4.23 10.30 1.64
N TYR A 55 4.74 9.22 1.08
CA TYR A 55 4.32 7.88 1.46
C TYR A 55 4.99 7.43 2.75
N ARG A 56 4.26 6.70 3.57
CA ARG A 56 4.78 6.21 4.83
C ARG A 56 4.30 4.79 5.12
N ILE A 57 5.22 3.84 5.12
CA ILE A 57 4.89 2.44 5.38
C ILE A 57 5.04 2.11 6.86
N ARG A 58 4.02 1.45 7.41
CA ARG A 58 4.05 1.06 8.82
C ARG A 58 3.99 -0.46 8.96
N VAL A 59 4.51 -0.95 10.08
CA VAL A 59 4.53 -2.39 10.35
C VAL A 59 3.87 -2.71 11.69
N GLU A 60 2.88 -3.59 11.65
CA GLU A 60 2.17 -3.99 12.87
C GLU A 60 2.09 -5.51 12.98
N GLY A 61 3.00 -6.08 13.76
CA GLY A 61 3.01 -7.52 13.95
C GLY A 61 3.24 -8.27 12.65
N LYS A 62 2.18 -8.87 12.12
CA LYS A 62 2.27 -9.62 10.87
C LYS A 62 1.46 -8.95 9.77
N LYS A 63 1.19 -7.66 9.95
CA LYS A 63 0.42 -6.90 8.98
C LYS A 63 1.05 -5.54 8.72
N HIS A 64 0.96 -5.07 7.48
CA HIS A 64 1.52 -3.78 7.09
C HIS A 64 0.43 -2.80 6.70
N ILE A 65 0.76 -1.51 6.72
CA ILE A 65 -0.20 -0.48 6.37
C ILE A 65 0.50 0.72 5.73
N LEU A 66 0.23 0.93 4.44
CA LEU A 66 0.83 2.05 3.71
C LEU A 66 -0.11 3.25 3.68
N ILE A 67 0.29 4.32 4.34
CA ILE A 67 -0.51 5.53 4.38
C ILE A 67 -0.02 6.56 3.37
N ILE A 68 -0.95 7.29 2.77
CA ILE A 68 -0.61 8.31 1.79
C ILE A 68 -1.24 9.65 2.13
N GLU A 69 -0.44 10.57 2.64
CA GLU A 69 -0.92 11.89 3.01
C GLU A 69 -1.24 12.72 1.77
N GLY A 70 -2.52 12.94 1.52
CA GLY A 70 -2.94 13.71 0.37
C GLY A 70 -3.06 12.87 -0.89
N ALA A 71 -4.18 12.17 -1.02
CA ALA A 71 -4.42 11.32 -2.18
C ALA A 71 -5.01 12.11 -3.32
N THR A 72 -4.15 12.68 -4.15
CA THR A 72 -4.60 13.48 -5.30
C THR A 72 -4.90 12.59 -6.50
N LYS A 73 -5.66 13.13 -7.45
CA LYS A 73 -6.03 12.39 -8.65
C LYS A 73 -4.88 11.50 -9.12
N ALA A 74 -3.73 12.13 -9.41
CA ALA A 74 -2.56 11.40 -9.86
C ALA A 74 -2.34 10.14 -9.02
N ASP A 75 -2.41 10.28 -7.70
CA ASP A 75 -2.23 9.15 -6.81
C ASP A 75 -2.94 7.90 -7.33
N ALA A 76 -4.10 8.11 -7.95
CA ALA A 76 -4.88 7.00 -8.51
C ALA A 76 -4.01 6.11 -9.39
N ALA A 77 -3.44 5.07 -8.79
CA ALA A 77 -2.60 4.13 -9.53
C ALA A 77 -2.68 2.73 -8.93
N GLU A 78 -2.10 1.77 -9.63
CA GLU A 78 -2.11 0.38 -9.17
C GLU A 78 -1.00 0.14 -8.13
N TYR A 79 -1.39 0.10 -6.87
CA TYR A 79 -0.43 -0.11 -5.79
C TYR A 79 -0.24 -1.60 -5.53
N SER A 80 0.98 -2.09 -5.78
CA SER A 80 1.29 -3.50 -5.58
C SER A 80 2.53 -3.66 -4.70
N VAL A 81 2.51 -4.68 -3.84
CA VAL A 81 3.62 -4.94 -2.95
C VAL A 81 4.43 -6.14 -3.42
N MET A 82 5.62 -6.30 -2.84
CA MET A 82 6.50 -7.41 -3.19
C MET A 82 7.31 -7.87 -1.99
N THR A 83 7.40 -9.18 -1.81
CA THR A 83 8.14 -9.76 -0.69
C THR A 83 9.17 -10.77 -1.18
N THR A 84 9.93 -11.33 -0.24
CA THR A 84 10.95 -12.31 -0.58
C THR A 84 10.36 -13.47 -1.38
N GLY A 85 9.04 -13.59 -1.33
CA GLY A 85 8.38 -14.65 -2.06
C GLY A 85 6.89 -14.44 -2.18
N GLY A 86 6.49 -13.22 -2.54
CA GLY A 86 5.08 -12.90 -2.66
C GLY A 86 4.85 -11.56 -3.34
N GLN A 87 3.64 -11.36 -3.85
CA GLN A 87 3.29 -10.11 -4.52
C GLN A 87 1.78 -9.86 -4.46
N SER A 88 1.42 -8.60 -4.25
CA SER A 88 0.01 -8.23 -4.17
C SER A 88 -0.27 -6.98 -5.00
N SER A 89 -1.51 -6.83 -5.45
CA SER A 89 -1.91 -5.68 -6.25
C SER A 89 -3.25 -5.12 -5.78
N ALA A 90 -3.44 -3.82 -5.96
CA ALA A 90 -4.68 -3.16 -5.56
C ALA A 90 -4.94 -1.92 -6.39
N LYS A 91 -6.21 -1.64 -6.65
CA LYS A 91 -6.59 -0.47 -7.43
C LYS A 91 -7.04 0.68 -6.53
N LEU A 92 -6.61 1.89 -6.88
CA LEU A 92 -6.97 3.07 -6.10
C LEU A 92 -7.62 4.13 -6.98
N SER A 93 -8.93 4.32 -6.77
CA SER A 93 -9.68 5.30 -7.55
C SER A 93 -9.85 6.59 -6.77
N VAL A 94 -9.29 7.68 -7.28
CA VAL A 94 -9.39 8.97 -6.63
C VAL A 94 -10.47 9.84 -7.27
N ASP A 95 -11.53 10.10 -6.51
CA ASP A 95 -12.64 10.91 -7.01
C ASP A 95 -12.67 12.27 -6.31
N LEU A 96 -13.44 13.19 -6.87
CA LEU A 96 -13.55 14.54 -6.31
C LEU A 96 -14.82 14.67 -5.48
N LYS A 97 -14.65 14.68 -4.16
CA LYS A 97 -15.78 14.81 -3.24
C LYS A 97 -16.73 15.90 -3.71
N SER A 98 -18.02 15.73 -3.42
CA SER A 98 -19.03 16.70 -3.81
C SER A 98 -19.14 16.79 -5.33
N GLY A 99 -19.12 15.63 -5.99
CA GLY A 99 -19.22 15.60 -7.43
C GLY A 99 -20.40 14.79 -7.92
N PRO A 100 -20.16 13.51 -8.23
CA PRO A 100 -21.19 12.60 -8.73
C PRO A 100 -22.20 12.24 -7.64
N SER A 101 -23.40 12.77 -7.74
CA SER A 101 -24.46 12.51 -6.77
C SER A 101 -25.84 12.63 -7.40
N SER A 102 -26.74 11.74 -7.03
CA SER A 102 -28.10 11.75 -7.56
C SER A 102 -29.06 12.42 -6.59
N GLY A 103 -30.31 12.57 -7.02
CA GLY A 103 -31.32 13.20 -6.17
C GLY A 103 -30.79 14.47 -5.50
N GLY A 1 17.45 -31.88 6.54
CA GLY A 1 16.63 -32.06 5.36
C GLY A 1 17.21 -31.36 4.14
N SER A 2 16.57 -31.55 2.99
CA SER A 2 17.02 -30.93 1.76
C SER A 2 16.83 -29.42 1.79
N SER A 3 17.75 -28.70 1.17
CA SER A 3 17.69 -27.24 1.13
C SER A 3 16.36 -26.77 0.54
N GLY A 4 15.40 -26.47 1.41
CA GLY A 4 14.10 -26.02 0.95
C GLY A 4 14.08 -24.53 0.64
N SER A 5 12.89 -23.98 0.47
CA SER A 5 12.73 -22.56 0.16
C SER A 5 12.28 -21.79 1.40
N SER A 6 12.90 -20.63 1.62
CA SER A 6 12.57 -19.79 2.76
C SER A 6 12.15 -18.40 2.32
N GLY A 7 10.88 -18.26 1.95
CA GLY A 7 10.36 -16.97 1.51
C GLY A 7 9.13 -16.54 2.28
N ILE A 8 8.61 -15.37 1.95
CA ILE A 8 7.43 -14.85 2.61
C ILE A 8 6.26 -14.68 1.64
N MET A 9 5.10 -15.21 2.00
CA MET A 9 3.92 -15.12 1.16
C MET A 9 2.89 -14.17 1.76
N VAL A 10 2.23 -13.39 0.91
CA VAL A 10 1.23 -12.45 1.37
C VAL A 10 -0.14 -13.12 1.53
N THR A 11 -0.47 -13.49 2.75
CA THR A 11 -1.74 -14.14 3.03
C THR A 11 -2.91 -13.23 2.72
N LYS A 12 -2.84 -12.00 3.22
CA LYS A 12 -3.90 -11.02 3.01
C LYS A 12 -3.53 -10.07 1.87
N GLN A 13 -4.12 -10.28 0.70
CA GLN A 13 -3.85 -9.45 -0.46
C GLN A 13 -4.51 -8.08 -0.31
N LEU A 14 -4.06 -7.12 -1.11
CA LEU A 14 -4.60 -5.77 -1.06
C LEU A 14 -6.04 -5.75 -1.60
N GLU A 15 -6.80 -4.75 -1.17
CA GLU A 15 -8.19 -4.61 -1.61
C GLU A 15 -8.43 -3.24 -2.24
N ASP A 16 -9.19 -3.22 -3.32
CA ASP A 16 -9.50 -1.97 -4.01
C ASP A 16 -9.98 -0.91 -3.03
N THR A 17 -9.45 0.30 -3.18
CA THR A 17 -9.82 1.41 -2.30
C THR A 17 -10.18 2.65 -3.11
N THR A 18 -11.19 3.38 -2.64
CA THR A 18 -11.64 4.59 -3.32
C THR A 18 -11.59 5.79 -2.39
N ALA A 19 -10.59 6.64 -2.58
CA ALA A 19 -10.42 7.83 -1.76
C ALA A 19 -10.76 9.10 -2.54
N TYR A 20 -10.72 10.24 -1.87
CA TYR A 20 -11.02 11.52 -2.51
C TYR A 20 -9.76 12.36 -2.67
N CYS A 21 -9.90 13.47 -3.37
CA CYS A 21 -8.76 14.37 -3.61
C CYS A 21 -8.35 15.07 -2.32
N GLY A 22 -7.16 14.73 -1.83
CA GLY A 22 -6.67 15.34 -0.61
C GLY A 22 -6.83 14.43 0.60
N GLU A 23 -7.69 13.42 0.47
CA GLU A 23 -7.93 12.49 1.56
C GLU A 23 -6.71 11.60 1.79
N ARG A 24 -6.69 10.92 2.93
CA ARG A 24 -5.58 10.04 3.27
C ARG A 24 -5.96 8.58 3.03
N VAL A 25 -5.17 7.90 2.20
CA VAL A 25 -5.43 6.49 1.90
C VAL A 25 -4.60 5.58 2.79
N GLU A 26 -5.22 4.48 3.23
CA GLU A 26 -4.55 3.53 4.09
C GLU A 26 -4.76 2.10 3.59
N LEU A 27 -3.69 1.48 3.12
CA LEU A 27 -3.75 0.11 2.61
C LEU A 27 -3.17 -0.87 3.61
N GLU A 28 -4.02 -1.77 4.12
CA GLU A 28 -3.59 -2.77 5.09
C GLU A 28 -3.42 -4.13 4.42
N CYS A 29 -2.52 -4.94 4.96
CA CYS A 29 -2.26 -6.27 4.42
C CYS A 29 -1.55 -7.14 5.45
N GLU A 30 -1.34 -8.41 5.10
CA GLU A 30 -0.67 -9.35 5.99
C GLU A 30 0.32 -10.22 5.23
N VAL A 31 1.23 -10.85 5.95
CA VAL A 31 2.23 -11.73 5.33
C VAL A 31 2.31 -13.07 6.05
N SER A 32 3.25 -13.90 5.64
CA SER A 32 3.43 -15.22 6.24
C SER A 32 4.34 -15.13 7.46
N GLU A 33 5.32 -14.24 7.40
CA GLU A 33 6.25 -14.06 8.50
C GLU A 33 6.26 -12.62 8.99
N ASP A 34 6.19 -12.44 10.31
CA ASP A 34 6.19 -11.11 10.89
C ASP A 34 7.43 -10.33 10.49
N ASP A 35 7.48 -9.05 10.87
CA ASP A 35 8.61 -8.20 10.55
C ASP A 35 9.12 -8.48 9.14
N ALA A 36 8.19 -8.63 8.20
CA ALA A 36 8.53 -8.91 6.82
C ALA A 36 8.65 -7.62 6.01
N ASN A 37 9.88 -7.15 5.83
CA ASN A 37 10.13 -5.92 5.08
C ASN A 37 9.55 -6.02 3.67
N VAL A 38 8.30 -5.60 3.51
CA VAL A 38 7.64 -5.64 2.22
C VAL A 38 8.05 -4.46 1.35
N LYS A 39 7.91 -4.60 0.04
CA LYS A 39 8.26 -3.55 -0.90
C LYS A 39 7.02 -3.01 -1.61
N TRP A 40 6.69 -1.75 -1.35
CA TRP A 40 5.53 -1.12 -1.97
C TRP A 40 5.92 -0.43 -3.26
N PHE A 41 5.18 -0.71 -4.34
CA PHE A 41 5.45 -0.11 -5.63
C PHE A 41 4.20 0.60 -6.18
N LYS A 42 4.40 1.79 -6.72
CA LYS A 42 3.29 2.58 -7.27
C LYS A 42 3.33 2.55 -8.79
N ASN A 43 2.50 1.69 -9.38
CA ASN A 43 2.44 1.57 -10.84
C ASN A 43 3.69 0.91 -11.39
N GLY A 44 4.32 0.08 -10.57
CA GLY A 44 5.54 -0.60 -11.00
C GLY A 44 6.79 0.05 -10.45
N GLU A 45 6.68 1.33 -10.09
CA GLU A 45 7.83 2.06 -9.56
C GLU A 45 7.98 1.81 -8.06
N GLU A 46 9.23 1.82 -7.60
CA GLU A 46 9.52 1.58 -6.19
C GLU A 46 9.35 2.87 -5.38
N ILE A 47 8.63 2.77 -4.25
CA ILE A 47 8.40 3.91 -3.39
C ILE A 47 9.52 4.07 -2.36
N ILE A 48 9.97 5.30 -2.17
CA ILE A 48 11.03 5.58 -1.21
C ILE A 48 10.57 6.58 -0.15
N PRO A 49 10.00 6.06 0.95
CA PRO A 49 9.51 6.89 2.05
C PRO A 49 10.63 7.55 2.83
N GLY A 50 10.28 8.31 3.85
CA GLY A 50 11.28 8.99 4.66
C GLY A 50 10.69 10.11 5.49
N PRO A 51 11.56 10.82 6.23
CA PRO A 51 11.14 11.94 7.08
C PRO A 51 10.67 13.14 6.27
N LYS A 52 10.67 12.99 4.95
CA LYS A 52 10.24 14.08 4.06
C LYS A 52 9.27 13.56 3.02
N SER A 53 9.48 12.33 2.57
CA SER A 53 8.63 11.73 1.55
C SER A 53 7.16 11.92 1.90
N ARG A 54 6.28 11.50 1.00
CA ARG A 54 4.84 11.63 1.21
C ARG A 54 4.24 10.32 1.70
N TYR A 55 4.85 9.21 1.30
CA TYR A 55 4.37 7.88 1.70
C TYR A 55 5.04 7.44 3.00
N ARG A 56 4.29 6.72 3.83
CA ARG A 56 4.80 6.23 5.09
C ARG A 56 4.46 4.75 5.29
N ILE A 57 5.47 3.90 5.16
CA ILE A 57 5.28 2.46 5.32
C ILE A 57 5.49 2.04 6.78
N ARG A 58 4.43 1.52 7.39
CA ARG A 58 4.49 1.07 8.78
C ARG A 58 4.27 -0.43 8.87
N VAL A 59 4.75 -1.03 9.96
CA VAL A 59 4.61 -2.46 10.18
C VAL A 59 4.00 -2.76 11.54
N GLU A 60 2.91 -3.52 11.55
CA GLU A 60 2.23 -3.87 12.79
C GLU A 60 2.10 -5.39 12.92
N GLY A 61 2.94 -5.97 13.78
CA GLY A 61 2.92 -7.40 13.98
C GLY A 61 3.12 -8.18 12.70
N LYS A 62 2.06 -8.74 12.15
CA LYS A 62 2.12 -9.51 10.92
C LYS A 62 1.33 -8.84 9.82
N LYS A 63 0.96 -7.58 10.03
CA LYS A 63 0.19 -6.82 9.04
C LYS A 63 0.83 -5.45 8.80
N HIS A 64 0.94 -5.08 7.53
CA HIS A 64 1.52 -3.79 7.17
C HIS A 64 0.43 -2.78 6.83
N ILE A 65 0.81 -1.50 6.83
CA ILE A 65 -0.14 -0.43 6.53
C ILE A 65 0.54 0.71 5.79
N LEU A 66 0.11 0.95 4.56
CA LEU A 66 0.67 2.03 3.75
C LEU A 66 -0.25 3.24 3.72
N ILE A 67 0.16 4.30 4.42
CA ILE A 67 -0.63 5.52 4.47
C ILE A 67 -0.12 6.55 3.46
N ILE A 68 -1.05 7.15 2.72
CA ILE A 68 -0.70 8.15 1.73
C ILE A 68 -1.27 9.52 2.09
N GLU A 69 -0.40 10.44 2.49
CA GLU A 69 -0.82 11.77 2.87
C GLU A 69 -1.15 12.61 1.63
N GLY A 70 -2.43 12.92 1.47
CA GLY A 70 -2.85 13.71 0.33
C GLY A 70 -3.01 12.88 -0.93
N ALA A 71 -4.14 12.22 -1.07
CA ALA A 71 -4.42 11.39 -2.24
C ALA A 71 -5.08 12.19 -3.35
N THR A 72 -4.31 12.51 -4.39
CA THR A 72 -4.82 13.28 -5.52
C THR A 72 -5.10 12.37 -6.71
N LYS A 73 -6.01 12.81 -7.58
CA LYS A 73 -6.37 12.05 -8.77
C LYS A 73 -5.16 11.30 -9.32
N ALA A 74 -4.03 11.99 -9.40
CA ALA A 74 -2.80 11.38 -9.89
C ALA A 74 -2.45 10.11 -9.13
N ASP A 75 -2.52 10.18 -7.81
CA ASP A 75 -2.23 9.03 -6.97
C ASP A 75 -2.92 7.77 -7.49
N ALA A 76 -4.14 7.96 -8.00
CA ALA A 76 -4.91 6.85 -8.53
C ALA A 76 -4.06 5.95 -9.42
N ALA A 77 -3.45 4.94 -8.83
CA ALA A 77 -2.61 4.01 -9.56
C ALA A 77 -2.66 2.61 -8.96
N GLU A 78 -2.14 1.64 -9.69
CA GLU A 78 -2.13 0.25 -9.22
C GLU A 78 -1.00 0.03 -8.21
N TYR A 79 -1.36 -0.02 -6.93
CA TYR A 79 -0.38 -0.23 -5.88
C TYR A 79 -0.13 -1.72 -5.64
N SER A 80 1.09 -2.16 -5.95
CA SER A 80 1.46 -3.56 -5.79
C SER A 80 2.66 -3.70 -4.86
N VAL A 81 2.57 -4.65 -3.94
CA VAL A 81 3.66 -4.90 -2.99
C VAL A 81 4.52 -6.07 -3.42
N MET A 82 5.69 -6.19 -2.81
CA MET A 82 6.61 -7.28 -3.13
C MET A 82 7.39 -7.72 -1.90
N THR A 83 7.16 -8.96 -1.47
CA THR A 83 7.82 -9.51 -0.30
C THR A 83 8.97 -10.43 -0.70
N THR A 84 9.59 -11.07 0.29
CA THR A 84 10.69 -11.98 0.04
C THR A 84 10.28 -13.10 -0.91
N GLY A 85 9.01 -13.48 -0.85
CA GLY A 85 8.50 -14.54 -1.70
C GLY A 85 7.03 -14.40 -2.01
N GLY A 86 6.57 -13.16 -2.13
CA GLY A 86 5.16 -12.91 -2.40
C GLY A 86 4.94 -11.57 -3.08
N GLN A 87 3.74 -11.38 -3.62
CA GLN A 87 3.39 -10.14 -4.29
C GLN A 87 1.89 -9.90 -4.26
N SER A 88 1.49 -8.63 -4.38
CA SER A 88 0.09 -8.27 -4.37
C SER A 88 -0.17 -7.04 -5.25
N SER A 89 -1.43 -6.87 -5.65
CA SER A 89 -1.80 -5.74 -6.49
C SER A 89 -3.24 -5.30 -6.21
N ALA A 90 -3.48 -4.00 -6.24
CA ALA A 90 -4.81 -3.46 -6.00
C ALA A 90 -5.08 -2.25 -6.89
N LYS A 91 -6.23 -1.62 -6.69
CA LYS A 91 -6.62 -0.46 -7.47
C LYS A 91 -7.09 0.68 -6.58
N LEU A 92 -6.51 1.87 -6.76
CA LEU A 92 -6.87 3.03 -5.97
C LEU A 92 -7.57 4.07 -6.83
N SER A 93 -8.90 4.17 -6.67
CA SER A 93 -9.69 5.13 -7.44
C SER A 93 -9.87 6.43 -6.66
N VAL A 94 -9.51 7.54 -7.28
CA VAL A 94 -9.64 8.85 -6.65
C VAL A 94 -10.78 9.66 -7.28
N ASP A 95 -11.65 10.19 -6.42
CA ASP A 95 -12.78 10.98 -6.89
C ASP A 95 -12.73 12.39 -6.31
N LEU A 96 -13.54 13.29 -6.87
CA LEU A 96 -13.59 14.67 -6.41
C LEU A 96 -14.89 14.95 -5.65
N LYS A 97 -14.77 15.16 -4.35
CA LYS A 97 -15.93 15.44 -3.51
C LYS A 97 -16.74 16.59 -4.08
N SER A 98 -16.06 17.66 -4.47
CA SER A 98 -16.73 18.83 -5.03
C SER A 98 -16.89 18.69 -6.55
N GLY A 99 -18.11 18.91 -7.03
CA GLY A 99 -18.39 18.80 -8.44
C GLY A 99 -17.28 19.39 -9.30
N PRO A 100 -17.06 18.80 -10.48
CA PRO A 100 -16.02 19.26 -11.40
C PRO A 100 -16.35 20.61 -12.03
N SER A 101 -17.63 20.82 -12.33
CA SER A 101 -18.09 22.06 -12.94
C SER A 101 -17.26 23.24 -12.41
N SER A 102 -16.71 24.03 -13.33
CA SER A 102 -15.91 25.19 -12.96
C SER A 102 -16.78 26.44 -12.85
N GLY A 103 -16.31 27.41 -12.07
CA GLY A 103 -17.05 28.63 -11.89
C GLY A 103 -18.39 28.41 -11.22
N GLY A 1 26.51 -13.73 6.38
CA GLY A 1 25.61 -14.86 6.42
C GLY A 1 24.29 -14.56 5.74
N SER A 2 23.35 -15.51 5.83
CA SER A 2 22.04 -15.34 5.23
C SER A 2 20.94 -15.61 6.24
N SER A 3 20.00 -14.67 6.35
CA SER A 3 18.89 -14.80 7.29
C SER A 3 17.62 -15.25 6.57
N GLY A 4 16.92 -16.20 7.16
CA GLY A 4 15.69 -16.70 6.57
C GLY A 4 15.94 -17.74 5.51
N SER A 5 15.13 -18.80 5.50
CA SER A 5 15.27 -19.88 4.53
C SER A 5 14.12 -19.87 3.53
N SER A 6 12.90 -19.85 4.05
CA SER A 6 11.71 -19.85 3.20
C SER A 6 11.30 -18.41 2.85
N GLY A 7 10.40 -18.29 1.88
CA GLY A 7 9.94 -16.98 1.46
C GLY A 7 8.73 -16.51 2.25
N ILE A 8 8.20 -15.34 1.89
CA ILE A 8 7.04 -14.79 2.58
C ILE A 8 5.84 -14.73 1.65
N MET A 9 4.72 -15.26 2.11
CA MET A 9 3.49 -15.28 1.32
C MET A 9 2.47 -14.29 1.88
N VAL A 10 1.86 -13.50 1.00
CA VAL A 10 0.87 -12.51 1.42
C VAL A 10 -0.46 -13.19 1.75
N THR A 11 -0.71 -13.37 3.05
CA THR A 11 -1.94 -14.00 3.51
C THR A 11 -3.16 -13.16 3.14
N LYS A 12 -3.03 -11.84 3.32
CA LYS A 12 -4.11 -10.92 3.01
C LYS A 12 -3.72 -9.96 1.90
N GLN A 13 -4.17 -10.26 0.69
CA GLN A 13 -3.85 -9.42 -0.47
C GLN A 13 -4.56 -8.07 -0.37
N LEU A 14 -4.06 -7.09 -1.11
CA LEU A 14 -4.64 -5.75 -1.11
C LEU A 14 -6.07 -5.78 -1.64
N GLU A 15 -6.88 -4.82 -1.19
CA GLU A 15 -8.27 -4.74 -1.62
C GLU A 15 -8.55 -3.38 -2.26
N ASP A 16 -9.27 -3.40 -3.38
CA ASP A 16 -9.61 -2.17 -4.09
C ASP A 16 -10.10 -1.09 -3.11
N THR A 17 -9.56 0.11 -3.27
CA THR A 17 -9.94 1.22 -2.40
C THR A 17 -10.35 2.45 -3.22
N THR A 18 -11.32 3.20 -2.71
CA THR A 18 -11.80 4.39 -3.39
C THR A 18 -11.83 5.59 -2.46
N ALA A 19 -10.88 6.51 -2.64
CA ALA A 19 -10.80 7.70 -1.82
C ALA A 19 -11.12 8.95 -2.63
N TYR A 20 -11.05 10.11 -1.97
CA TYR A 20 -11.33 11.38 -2.63
C TYR A 20 -10.07 12.23 -2.75
N CYS A 21 -10.17 13.33 -3.48
CA CYS A 21 -9.04 14.23 -3.66
C CYS A 21 -8.66 14.92 -2.35
N GLY A 22 -7.47 14.59 -1.84
CA GLY A 22 -7.02 15.19 -0.60
C GLY A 22 -7.11 14.22 0.57
N GLU A 23 -8.08 13.31 0.51
CA GLU A 23 -8.27 12.33 1.57
C GLU A 23 -7.02 11.46 1.73
N ARG A 24 -6.90 10.82 2.90
CA ARG A 24 -5.76 9.96 3.18
C ARG A 24 -6.10 8.50 2.90
N VAL A 25 -5.29 7.87 2.05
CA VAL A 25 -5.50 6.47 1.69
C VAL A 25 -4.64 5.55 2.56
N GLU A 26 -5.24 4.45 3.02
CA GLU A 26 -4.53 3.50 3.86
C GLU A 26 -4.73 2.07 3.34
N LEU A 27 -3.64 1.43 2.93
CA LEU A 27 -3.69 0.08 2.41
C LEU A 27 -3.13 -0.92 3.42
N GLU A 28 -4.00 -1.76 3.97
CA GLU A 28 -3.59 -2.75 4.96
C GLU A 28 -3.41 -4.11 4.31
N CYS A 29 -2.48 -4.91 4.82
CA CYS A 29 -2.21 -6.23 4.30
C CYS A 29 -1.49 -7.10 5.33
N GLU A 30 -1.51 -8.41 5.10
CA GLU A 30 -0.86 -9.34 6.02
C GLU A 30 0.11 -10.25 5.28
N VAL A 31 1.07 -10.81 6.01
CA VAL A 31 2.06 -11.70 5.41
C VAL A 31 2.18 -13.00 6.20
N SER A 32 3.09 -13.87 5.78
CA SER A 32 3.29 -15.14 6.44
C SER A 32 4.28 -15.01 7.59
N GLU A 33 5.19 -14.05 7.48
CA GLU A 33 6.19 -13.81 8.52
C GLU A 33 6.09 -12.39 9.05
N ASP A 34 6.25 -12.25 10.36
CA ASP A 34 6.17 -10.94 11.01
C ASP A 34 7.28 -10.03 10.50
N ASP A 35 7.15 -8.73 10.79
CA ASP A 35 8.14 -7.75 10.38
C ASP A 35 8.71 -8.10 8.99
N ALA A 36 7.81 -8.35 8.05
CA ALA A 36 8.22 -8.70 6.69
C ALA A 36 8.49 -7.45 5.86
N ASN A 37 9.76 -7.09 5.73
CA ASN A 37 10.14 -5.91 4.96
C ASN A 37 9.61 -5.99 3.53
N VAL A 38 8.38 -5.52 3.35
CA VAL A 38 7.75 -5.53 2.03
C VAL A 38 8.15 -4.31 1.22
N LYS A 39 7.99 -4.40 -0.10
CA LYS A 39 8.34 -3.31 -0.99
C LYS A 39 7.11 -2.81 -1.75
N TRP A 40 6.66 -1.60 -1.41
CA TRP A 40 5.50 -1.01 -2.06
C TRP A 40 5.90 -0.30 -3.35
N PHE A 41 5.31 -0.74 -4.47
CA PHE A 41 5.61 -0.14 -5.77
C PHE A 41 4.38 0.56 -6.32
N LYS A 42 4.60 1.73 -6.93
CA LYS A 42 3.51 2.50 -7.51
C LYS A 42 3.55 2.43 -9.04
N ASN A 43 2.64 1.63 -9.60
CA ASN A 43 2.57 1.47 -11.05
C ASN A 43 3.82 0.79 -11.59
N GLY A 44 4.49 0.02 -10.73
CA GLY A 44 5.70 -0.66 -11.14
C GLY A 44 6.96 -0.05 -10.53
N GLU A 45 6.89 1.26 -10.26
CA GLU A 45 8.03 1.96 -9.68
C GLU A 45 8.16 1.66 -8.19
N GLU A 46 9.38 1.72 -7.68
CA GLU A 46 9.63 1.46 -6.28
C GLU A 46 9.50 2.75 -5.45
N ILE A 47 8.78 2.66 -4.34
CA ILE A 47 8.58 3.81 -3.47
C ILE A 47 9.67 3.88 -2.40
N ILE A 48 10.23 5.07 -2.22
CA ILE A 48 11.28 5.28 -1.23
C ILE A 48 10.88 6.36 -0.23
N PRO A 49 10.23 5.94 0.86
CA PRO A 49 9.79 6.86 1.92
C PRO A 49 10.96 7.44 2.72
N GLY A 50 10.65 8.04 3.87
CA GLY A 50 11.68 8.62 4.70
C GLY A 50 11.15 9.71 5.61
N PRO A 51 12.07 10.44 6.26
CA PRO A 51 11.70 11.53 7.17
C PRO A 51 11.12 12.73 6.44
N LYS A 52 11.37 12.79 5.14
CA LYS A 52 10.86 13.90 4.32
C LYS A 52 10.16 13.37 3.07
N SER A 53 9.27 12.40 3.26
CA SER A 53 8.53 11.81 2.15
C SER A 53 7.02 11.84 2.43
N ARG A 54 6.24 11.63 1.38
CA ARG A 54 4.79 11.63 1.49
C ARG A 54 4.27 10.25 1.90
N TYR A 55 4.84 9.22 1.29
CA TYR A 55 4.43 7.84 1.58
C TYR A 55 5.09 7.34 2.88
N ARG A 56 4.30 6.68 3.71
CA ARG A 56 4.79 6.15 4.98
C ARG A 56 4.44 4.67 5.12
N ILE A 57 5.47 3.83 5.12
CA ILE A 57 5.27 2.39 5.25
C ILE A 57 5.49 1.94 6.68
N ARG A 58 4.42 1.54 7.36
CA ARG A 58 4.51 1.08 8.74
C ARG A 58 4.28 -0.43 8.83
N VAL A 59 4.93 -1.07 9.79
CA VAL A 59 4.79 -2.51 9.98
C VAL A 59 4.17 -2.82 11.34
N GLU A 60 2.91 -3.22 11.34
CA GLU A 60 2.20 -3.54 12.58
C GLU A 60 2.09 -5.06 12.75
N GLY A 61 2.92 -5.61 13.64
CA GLY A 61 2.90 -7.03 13.89
C GLY A 61 3.21 -7.83 12.64
N LYS A 62 2.18 -8.46 12.07
CA LYS A 62 2.34 -9.27 10.86
C LYS A 62 1.58 -8.66 9.70
N LYS A 63 1.09 -7.44 9.89
CA LYS A 63 0.35 -6.73 8.84
C LYS A 63 0.95 -5.36 8.56
N HIS A 64 1.10 -5.04 7.29
CA HIS A 64 1.66 -3.75 6.88
C HIS A 64 0.56 -2.75 6.58
N ILE A 65 0.90 -1.47 6.61
CA ILE A 65 -0.06 -0.41 6.32
C ILE A 65 0.59 0.74 5.58
N LEU A 66 0.12 1.00 4.36
CA LEU A 66 0.65 2.09 3.54
C LEU A 66 -0.30 3.28 3.54
N ILE A 67 0.13 4.37 4.18
CA ILE A 67 -0.67 5.58 4.24
C ILE A 67 -0.18 6.63 3.25
N ILE A 68 -1.12 7.28 2.57
CA ILE A 68 -0.77 8.31 1.59
C ILE A 68 -1.37 9.66 1.97
N GLU A 69 -0.54 10.55 2.48
CA GLU A 69 -0.98 11.87 2.88
C GLU A 69 -1.35 12.72 1.66
N GLY A 70 -2.64 12.93 1.46
CA GLY A 70 -3.11 13.72 0.33
C GLY A 70 -3.27 12.88 -0.94
N ALA A 71 -4.38 12.14 -1.01
CA ALA A 71 -4.65 11.30 -2.17
C ALA A 71 -5.27 12.11 -3.30
N THR A 72 -4.42 12.60 -4.20
CA THR A 72 -4.89 13.40 -5.33
C THR A 72 -5.28 12.51 -6.51
N LYS A 73 -5.94 13.10 -7.50
CA LYS A 73 -6.36 12.36 -8.68
C LYS A 73 -5.24 11.46 -9.20
N ALA A 74 -4.00 11.92 -9.02
CA ALA A 74 -2.84 11.16 -9.48
C ALA A 74 -2.58 9.97 -8.56
N ASP A 75 -2.58 10.22 -7.26
CA ASP A 75 -2.34 9.16 -6.28
C ASP A 75 -3.04 7.87 -6.70
N ALA A 76 -4.24 8.00 -7.25
CA ALA A 76 -5.02 6.85 -7.69
C ALA A 76 -4.24 6.03 -8.71
N ALA A 77 -3.56 4.98 -8.23
CA ALA A 77 -2.78 4.11 -9.10
C ALA A 77 -2.73 2.69 -8.57
N GLU A 78 -2.22 1.77 -9.37
CA GLU A 78 -2.13 0.37 -8.97
C GLU A 78 -0.96 0.16 -8.02
N TYR A 79 -1.28 0.02 -6.73
CA TYR A 79 -0.26 -0.19 -5.71
C TYR A 79 -0.01 -1.67 -5.49
N SER A 80 1.19 -2.12 -5.85
CA SER A 80 1.56 -3.53 -5.68
C SER A 80 2.78 -3.67 -4.78
N VAL A 81 2.71 -4.62 -3.85
CA VAL A 81 3.80 -4.85 -2.92
C VAL A 81 4.65 -6.04 -3.36
N MET A 82 5.84 -6.16 -2.79
CA MET A 82 6.76 -7.25 -3.13
C MET A 82 7.52 -7.72 -1.89
N THR A 83 7.40 -9.02 -1.60
CA THR A 83 8.08 -9.59 -0.44
C THR A 83 9.16 -10.57 -0.87
N THR A 84 9.79 -11.23 0.10
CA THR A 84 10.85 -12.18 -0.18
C THR A 84 10.32 -13.37 -0.98
N GLY A 85 9.04 -13.65 -0.83
CA GLY A 85 8.42 -14.75 -1.56
C GLY A 85 6.94 -14.55 -1.78
N GLY A 86 6.55 -13.34 -2.15
CA GLY A 86 5.16 -13.04 -2.39
C GLY A 86 4.95 -11.67 -3.02
N GLN A 87 3.77 -11.44 -3.57
CA GLN A 87 3.45 -10.18 -4.22
C GLN A 87 1.95 -9.92 -4.20
N SER A 88 1.57 -8.65 -4.26
CA SER A 88 0.16 -8.27 -4.26
C SER A 88 -0.07 -7.02 -5.10
N SER A 89 -1.32 -6.82 -5.52
CA SER A 89 -1.67 -5.66 -6.34
C SER A 89 -3.09 -5.21 -6.05
N ALA A 90 -3.31 -3.90 -6.11
CA ALA A 90 -4.63 -3.33 -5.85
C ALA A 90 -4.93 -2.18 -6.81
N LYS A 91 -6.13 -1.64 -6.72
CA LYS A 91 -6.54 -0.52 -7.57
C LYS A 91 -7.11 0.62 -6.74
N LEU A 92 -6.44 1.77 -6.79
CA LEU A 92 -6.88 2.94 -6.05
C LEU A 92 -7.48 3.99 -6.97
N SER A 93 -8.71 4.40 -6.69
CA SER A 93 -9.39 5.40 -7.50
C SER A 93 -9.70 6.65 -6.68
N VAL A 94 -9.28 7.81 -7.19
CA VAL A 94 -9.52 9.07 -6.50
C VAL A 94 -10.60 9.88 -7.21
N ASP A 95 -11.66 10.21 -6.48
CA ASP A 95 -12.76 10.99 -7.03
C ASP A 95 -12.87 12.34 -6.34
N LEU A 96 -13.59 13.26 -6.97
CA LEU A 96 -13.78 14.60 -6.42
C LEU A 96 -15.06 14.67 -5.58
N LYS A 97 -14.90 14.80 -4.27
CA LYS A 97 -16.04 14.88 -3.37
C LYS A 97 -16.65 16.27 -3.39
N SER A 98 -17.97 16.34 -3.28
CA SER A 98 -18.68 17.62 -3.28
C SER A 98 -18.61 18.29 -1.92
N GLY A 99 -17.64 19.20 -1.77
CA GLY A 99 -17.48 19.90 -0.51
C GLY A 99 -16.97 21.31 -0.70
N PRO A 100 -15.64 21.49 -0.59
CA PRO A 100 -15.01 22.79 -0.75
C PRO A 100 -15.06 23.30 -2.19
N SER A 101 -15.45 24.56 -2.36
CA SER A 101 -15.54 25.15 -3.69
C SER A 101 -14.23 25.83 -4.08
N SER A 102 -13.66 26.57 -3.14
CA SER A 102 -12.40 27.28 -3.37
C SER A 102 -11.21 26.41 -3.00
N GLY A 103 -11.24 25.86 -1.79
CA GLY A 103 -10.15 25.01 -1.33
C GLY A 103 -10.01 23.75 -2.16
N GLY A 1 12.98 -34.52 3.92
CA GLY A 1 13.27 -33.23 3.33
C GLY A 1 12.52 -32.10 4.00
N SER A 2 13.26 -31.13 4.53
CA SER A 2 12.64 -29.99 5.20
C SER A 2 13.25 -28.69 4.70
N SER A 3 13.44 -28.59 3.39
CA SER A 3 14.01 -27.40 2.78
C SER A 3 13.74 -27.37 1.28
N GLY A 4 13.66 -26.17 0.72
CA GLY A 4 13.40 -26.02 -0.70
C GLY A 4 12.88 -24.64 -1.06
N SER A 5 11.60 -24.41 -0.78
CA SER A 5 10.99 -23.12 -1.08
C SER A 5 10.90 -22.25 0.17
N SER A 6 11.73 -21.20 0.21
CA SER A 6 11.76 -20.30 1.35
C SER A 6 11.39 -18.88 0.92
N GLY A 7 10.41 -18.30 1.60
CA GLY A 7 9.98 -16.95 1.28
C GLY A 7 8.73 -16.54 2.03
N ILE A 8 8.33 -15.28 1.87
CA ILE A 8 7.14 -14.77 2.53
C ILE A 8 5.94 -14.75 1.59
N MET A 9 4.80 -15.21 2.09
CA MET A 9 3.58 -15.24 1.29
C MET A 9 2.55 -14.26 1.84
N VAL A 10 1.87 -13.56 0.94
CA VAL A 10 0.84 -12.59 1.34
C VAL A 10 -0.46 -13.29 1.72
N THR A 11 -0.68 -13.44 3.02
CA THR A 11 -1.88 -14.09 3.51
C THR A 11 -3.13 -13.26 3.20
N LYS A 12 -3.00 -11.94 3.33
CA LYS A 12 -4.11 -11.03 3.06
C LYS A 12 -3.76 -10.08 1.92
N GLN A 13 -4.22 -10.41 0.71
CA GLN A 13 -3.96 -9.58 -0.46
C GLN A 13 -4.60 -8.20 -0.30
N LEU A 14 -4.04 -7.21 -0.99
CA LEU A 14 -4.56 -5.85 -0.94
C LEU A 14 -5.99 -5.79 -1.46
N GLU A 15 -6.73 -4.78 -1.02
CA GLU A 15 -8.12 -4.60 -1.45
C GLU A 15 -8.32 -3.21 -2.05
N ASP A 16 -8.86 -3.16 -3.26
CA ASP A 16 -9.12 -1.89 -3.93
C ASP A 16 -9.60 -0.84 -2.95
N THR A 17 -9.06 0.37 -3.06
CA THR A 17 -9.43 1.47 -2.17
C THR A 17 -9.84 2.70 -2.97
N THR A 18 -10.87 3.39 -2.50
CA THR A 18 -11.36 4.59 -3.17
C THR A 18 -11.45 5.76 -2.20
N ALA A 19 -10.61 6.77 -2.42
CA ALA A 19 -10.60 7.95 -1.56
C ALA A 19 -10.75 9.22 -2.38
N TYR A 20 -11.31 10.26 -1.77
CA TYR A 20 -11.52 11.54 -2.44
C TYR A 20 -10.21 12.32 -2.55
N CYS A 21 -10.25 13.41 -3.29
CA CYS A 21 -9.07 14.25 -3.48
C CYS A 21 -8.68 14.95 -2.18
N GLY A 22 -7.47 14.67 -1.70
CA GLY A 22 -7.00 15.29 -0.47
C GLY A 22 -7.12 14.36 0.72
N GLU A 23 -7.91 13.30 0.57
CA GLU A 23 -8.10 12.33 1.64
C GLU A 23 -6.86 11.46 1.82
N ARG A 24 -6.78 10.76 2.94
CA ARG A 24 -5.64 9.90 3.24
C ARG A 24 -5.99 8.44 2.95
N VAL A 25 -5.20 7.81 2.07
CA VAL A 25 -5.42 6.42 1.71
C VAL A 25 -4.59 5.49 2.58
N GLU A 26 -5.17 4.37 2.98
CA GLU A 26 -4.48 3.39 3.81
C GLU A 26 -4.67 1.98 3.27
N LEU A 27 -3.55 1.32 2.94
CA LEU A 27 -3.60 -0.03 2.42
C LEU A 27 -3.03 -1.03 3.42
N GLU A 28 -3.90 -1.89 3.96
CA GLU A 28 -3.48 -2.89 4.92
C GLU A 28 -3.30 -4.25 4.26
N CYS A 29 -2.39 -5.05 4.80
CA CYS A 29 -2.12 -6.38 4.26
C CYS A 29 -1.35 -7.23 5.27
N GLU A 30 -1.38 -8.55 5.07
CA GLU A 30 -0.69 -9.46 5.96
C GLU A 30 0.28 -10.36 5.18
N VAL A 31 1.24 -10.93 5.89
CA VAL A 31 2.23 -11.80 5.27
C VAL A 31 2.38 -13.12 6.04
N SER A 32 3.22 -14.00 5.53
CA SER A 32 3.45 -15.29 6.16
C SER A 32 4.39 -15.16 7.35
N GLU A 33 5.30 -14.19 7.27
CA GLU A 33 6.26 -13.95 8.34
C GLU A 33 5.86 -12.74 9.17
N ASP A 34 6.47 -12.60 10.34
CA ASP A 34 6.19 -11.48 11.23
C ASP A 34 7.26 -10.41 11.11
N ASP A 35 6.90 -9.18 11.47
CA ASP A 35 7.84 -8.06 11.40
C ASP A 35 8.70 -8.15 10.15
N ALA A 36 8.04 -8.33 9.00
CA ALA A 36 8.75 -8.43 7.73
C ALA A 36 8.92 -7.05 7.09
N ASN A 37 9.57 -7.02 5.93
CA ASN A 37 9.79 -5.77 5.22
C ASN A 37 9.36 -5.88 3.76
N VAL A 38 8.11 -5.50 3.49
CA VAL A 38 7.57 -5.56 2.14
C VAL A 38 7.98 -4.33 1.33
N LYS A 39 7.91 -4.46 0.01
CA LYS A 39 8.28 -3.36 -0.87
C LYS A 39 7.06 -2.87 -1.66
N TRP A 40 6.61 -1.66 -1.34
CA TRP A 40 5.46 -1.08 -2.03
C TRP A 40 5.88 -0.37 -3.31
N PHE A 41 5.20 -0.69 -4.40
CA PHE A 41 5.51 -0.10 -5.70
C PHE A 41 4.27 0.57 -6.30
N LYS A 42 4.43 1.79 -6.77
CA LYS A 42 3.33 2.54 -7.36
C LYS A 42 3.15 2.15 -8.83
N ASN A 43 2.20 1.25 -9.09
CA ASN A 43 1.93 0.79 -10.45
C ASN A 43 3.22 0.37 -11.15
N GLY A 44 4.22 -0.02 -10.35
CA GLY A 44 5.48 -0.44 -10.92
C GLY A 44 6.66 0.35 -10.38
N GLU A 45 6.42 1.62 -10.09
CA GLU A 45 7.47 2.48 -9.56
C GLU A 45 7.79 2.12 -8.11
N GLU A 46 9.06 2.28 -7.74
CA GLU A 46 9.51 1.97 -6.39
C GLU A 46 9.30 3.16 -5.46
N ILE A 47 8.51 2.97 -4.41
CA ILE A 47 8.24 4.03 -3.44
C ILE A 47 9.34 4.10 -2.39
N ILE A 48 9.82 5.31 -2.14
CA ILE A 48 10.87 5.53 -1.15
C ILE A 48 10.41 6.49 -0.07
N PRO A 49 9.82 5.94 1.00
CA PRO A 49 9.33 6.73 2.13
C PRO A 49 10.46 7.34 2.96
N GLY A 50 10.10 7.97 4.07
CA GLY A 50 11.10 8.59 4.92
C GLY A 50 10.56 9.78 5.69
N PRO A 51 11.46 10.53 6.34
CA PRO A 51 11.09 11.70 7.13
C PRO A 51 10.62 12.86 6.25
N LYS A 52 11.06 12.87 5.00
CA LYS A 52 10.69 13.91 4.06
C LYS A 52 10.08 13.32 2.80
N SER A 53 9.15 12.39 2.98
CA SER A 53 8.48 11.73 1.85
C SER A 53 6.96 11.78 2.02
N ARG A 54 6.25 11.52 0.93
CA ARG A 54 4.79 11.53 0.96
C ARG A 54 4.24 10.19 1.45
N TYR A 55 4.82 9.11 0.94
CA TYR A 55 4.39 7.76 1.33
C TYR A 55 5.06 7.32 2.62
N ARG A 56 4.33 6.60 3.45
CA ARG A 56 4.85 6.11 4.73
C ARG A 56 4.47 4.65 4.94
N ILE A 57 5.47 3.78 4.88
CA ILE A 57 5.25 2.34 5.08
C ILE A 57 5.50 1.94 6.52
N ARG A 58 4.45 1.47 7.19
CA ARG A 58 4.58 1.04 8.59
C ARG A 58 4.22 -0.43 8.74
N VAL A 59 4.90 -1.11 9.66
CA VAL A 59 4.66 -2.53 9.90
C VAL A 59 4.15 -2.76 11.32
N GLU A 60 2.98 -3.36 11.43
CA GLU A 60 2.38 -3.64 12.73
C GLU A 60 2.14 -5.13 12.91
N GLY A 61 3.00 -5.79 13.68
CA GLY A 61 2.87 -7.22 13.91
C GLY A 61 3.17 -8.04 12.67
N LYS A 62 2.13 -8.59 12.06
CA LYS A 62 2.31 -9.41 10.86
C LYS A 62 1.54 -8.80 9.68
N LYS A 63 1.22 -7.52 9.80
CA LYS A 63 0.50 -6.82 8.74
C LYS A 63 1.12 -5.45 8.48
N HIS A 64 1.17 -5.06 7.21
CA HIS A 64 1.74 -3.78 6.81
C HIS A 64 0.63 -2.78 6.46
N ILE A 65 0.95 -1.49 6.56
CA ILE A 65 -0.01 -0.44 6.26
C ILE A 65 0.64 0.70 5.49
N LEU A 66 0.26 0.87 4.23
CA LEU A 66 0.81 1.93 3.40
C LEU A 66 -0.13 3.13 3.35
N ILE A 67 0.23 4.19 4.09
CA ILE A 67 -0.58 5.40 4.13
C ILE A 67 -0.13 6.39 3.06
N ILE A 68 -1.10 7.09 2.47
CA ILE A 68 -0.80 8.08 1.44
C ILE A 68 -1.41 9.43 1.78
N GLU A 69 -0.59 10.35 2.28
CA GLU A 69 -1.06 11.68 2.64
C GLU A 69 -1.41 12.49 1.40
N GLY A 70 -2.70 12.74 1.22
CA GLY A 70 -3.16 13.51 0.07
C GLY A 70 -3.30 12.65 -1.17
N ALA A 71 -4.47 12.03 -1.34
CA ALA A 71 -4.73 11.19 -2.50
C ALA A 71 -5.32 11.98 -3.64
N THR A 72 -4.46 12.50 -4.52
CA THR A 72 -4.92 13.29 -5.66
C THR A 72 -5.19 12.40 -6.87
N LYS A 73 -5.91 12.94 -7.85
CA LYS A 73 -6.24 12.21 -9.05
C LYS A 73 -5.01 11.48 -9.61
N ALA A 74 -3.83 12.05 -9.35
CA ALA A 74 -2.59 11.46 -9.81
C ALA A 74 -2.20 10.26 -8.96
N ASP A 75 -2.49 10.33 -7.67
CA ASP A 75 -2.16 9.25 -6.75
C ASP A 75 -2.92 7.98 -7.12
N ALA A 76 -3.94 8.12 -7.96
CA ALA A 76 -4.74 6.99 -8.41
C ALA A 76 -3.93 6.06 -9.29
N ALA A 77 -3.33 5.03 -8.69
CA ALA A 77 -2.53 4.07 -9.43
C ALA A 77 -2.57 2.70 -8.78
N GLU A 78 -2.16 1.67 -9.52
CA GLU A 78 -2.16 0.31 -9.01
C GLU A 78 -1.00 0.09 -8.06
N TYR A 79 -1.29 0.06 -6.76
CA TYR A 79 -0.27 -0.14 -5.74
C TYR A 79 -0.02 -1.62 -5.51
N SER A 80 1.17 -2.09 -5.86
CA SER A 80 1.53 -3.50 -5.68
C SER A 80 2.74 -3.64 -4.76
N VAL A 81 2.66 -4.59 -3.83
CA VAL A 81 3.74 -4.83 -2.89
C VAL A 81 4.60 -6.01 -3.33
N MET A 82 5.83 -6.06 -2.82
CA MET A 82 6.75 -7.14 -3.16
C MET A 82 7.47 -7.65 -1.92
N THR A 83 7.41 -8.96 -1.70
CA THR A 83 8.05 -9.57 -0.55
C THR A 83 9.13 -10.57 -0.98
N THR A 84 9.78 -11.19 0.00
CA THR A 84 10.82 -12.16 -0.28
C THR A 84 10.30 -13.30 -1.14
N GLY A 85 9.01 -13.62 -0.98
CA GLY A 85 8.42 -14.69 -1.75
C GLY A 85 6.93 -14.49 -1.96
N GLY A 86 6.52 -13.27 -2.25
CA GLY A 86 5.12 -12.97 -2.46
C GLY A 86 4.90 -11.60 -3.08
N GLN A 87 3.71 -11.39 -3.63
CA GLN A 87 3.38 -10.11 -4.25
C GLN A 87 1.87 -9.87 -4.23
N SER A 88 1.48 -8.60 -4.29
CA SER A 88 0.07 -8.24 -4.29
C SER A 88 -0.18 -6.99 -5.12
N SER A 89 -1.43 -6.78 -5.52
CA SER A 89 -1.80 -5.63 -6.32
C SER A 89 -3.13 -5.05 -5.86
N ALA A 90 -3.27 -3.72 -5.98
CA ALA A 90 -4.50 -3.05 -5.58
C ALA A 90 -4.74 -1.80 -6.43
N LYS A 91 -5.99 -1.56 -6.76
CA LYS A 91 -6.35 -0.40 -7.57
C LYS A 91 -6.87 0.74 -6.69
N LEU A 92 -6.28 1.91 -6.85
CA LEU A 92 -6.67 3.08 -6.06
C LEU A 92 -7.37 4.12 -6.95
N SER A 93 -8.63 4.38 -6.65
CA SER A 93 -9.41 5.35 -7.42
C SER A 93 -9.60 6.64 -6.63
N VAL A 94 -9.30 7.76 -7.27
CA VAL A 94 -9.45 9.07 -6.63
C VAL A 94 -10.66 9.81 -7.16
N ASP A 95 -11.41 10.43 -6.25
CA ASP A 95 -12.61 11.18 -6.63
C ASP A 95 -12.54 12.61 -6.10
N LEU A 96 -13.44 13.46 -6.59
CA LEU A 96 -13.48 14.85 -6.17
C LEU A 96 -14.71 15.13 -5.31
N LYS A 97 -14.51 15.81 -4.18
CA LYS A 97 -15.60 16.14 -3.28
C LYS A 97 -16.38 17.34 -3.78
N SER A 98 -17.63 17.10 -4.19
CA SER A 98 -18.48 18.17 -4.70
C SER A 98 -19.67 18.41 -3.77
N GLY A 99 -19.43 19.16 -2.71
CA GLY A 99 -20.48 19.45 -1.75
C GLY A 99 -20.82 20.93 -1.69
N PRO A 100 -20.01 21.70 -0.94
CA PRO A 100 -20.20 23.14 -0.79
C PRO A 100 -19.91 23.90 -2.08
N SER A 101 -20.59 25.03 -2.25
CA SER A 101 -20.41 25.86 -3.44
C SER A 101 -18.93 26.14 -3.68
N SER A 102 -18.31 25.30 -4.51
CA SER A 102 -16.89 25.46 -4.82
C SER A 102 -16.58 24.90 -6.21
N GLY A 103 -15.91 25.71 -7.03
CA GLY A 103 -15.56 25.29 -8.37
C GLY A 103 -14.79 26.35 -9.14
N GLY A 1 8.59 -34.73 7.39
CA GLY A 1 9.25 -33.85 6.45
C GLY A 1 8.36 -32.69 6.03
N SER A 2 7.88 -31.93 7.02
CA SER A 2 7.02 -30.79 6.74
C SER A 2 7.73 -29.76 5.87
N SER A 3 7.00 -29.22 4.90
CA SER A 3 7.57 -28.24 3.99
C SER A 3 7.97 -26.96 4.74
N GLY A 4 9.15 -26.45 4.43
CA GLY A 4 9.62 -25.25 5.09
C GLY A 4 9.51 -24.02 4.20
N SER A 5 8.52 -23.19 4.46
CA SER A 5 8.29 -21.98 3.68
C SER A 5 9.40 -20.96 3.94
N SER A 6 10.37 -20.92 3.04
CA SER A 6 11.50 -19.99 3.17
C SER A 6 11.05 -18.56 2.89
N GLY A 7 10.55 -18.33 1.68
CA GLY A 7 10.09 -16.99 1.31
C GLY A 7 8.87 -16.56 2.09
N ILE A 8 8.47 -15.31 1.93
CA ILE A 8 7.30 -14.78 2.62
C ILE A 8 6.10 -14.70 1.68
N MET A 9 5.00 -15.30 2.09
CA MET A 9 3.78 -15.29 1.29
C MET A 9 2.78 -14.28 1.83
N VAL A 10 1.99 -13.69 0.93
CA VAL A 10 0.99 -12.71 1.32
C VAL A 10 -0.32 -13.37 1.69
N THR A 11 -0.55 -13.55 2.99
CA THR A 11 -1.78 -14.18 3.48
C THR A 11 -2.99 -13.34 3.12
N LYS A 12 -2.87 -12.03 3.26
CA LYS A 12 -3.97 -11.12 2.94
C LYS A 12 -3.59 -10.17 1.80
N GLN A 13 -4.25 -10.34 0.66
CA GLN A 13 -3.98 -9.51 -0.50
C GLN A 13 -4.65 -8.14 -0.37
N LEU A 14 -4.13 -7.16 -1.09
CA LEU A 14 -4.68 -5.81 -1.05
C LEU A 14 -6.12 -5.79 -1.54
N GLU A 15 -6.79 -4.66 -1.34
CA GLU A 15 -8.19 -4.51 -1.76
C GLU A 15 -8.41 -3.15 -2.41
N ASP A 16 -9.14 -3.13 -3.52
CA ASP A 16 -9.44 -1.89 -4.23
C ASP A 16 -9.97 -0.83 -3.26
N THR A 17 -9.37 0.35 -3.31
CA THR A 17 -9.80 1.45 -2.45
C THR A 17 -10.16 2.69 -3.27
N THR A 18 -11.05 3.51 -2.72
CA THR A 18 -11.49 4.72 -3.39
C THR A 18 -11.55 5.90 -2.42
N ALA A 19 -10.59 6.82 -2.55
CA ALA A 19 -10.55 7.99 -1.68
C ALA A 19 -10.79 9.27 -2.48
N TYR A 20 -10.86 10.39 -1.77
CA TYR A 20 -11.10 11.68 -2.42
C TYR A 20 -9.81 12.49 -2.49
N CYS A 21 -9.79 13.48 -3.38
CA CYS A 21 -8.62 14.34 -3.55
C CYS A 21 -8.28 15.07 -2.25
N GLY A 22 -7.20 14.67 -1.60
CA GLY A 22 -6.80 15.29 -0.36
C GLY A 22 -7.01 14.40 0.84
N GLU A 23 -7.78 13.33 0.65
CA GLU A 23 -8.06 12.40 1.73
C GLU A 23 -6.85 11.52 2.03
N ARG A 24 -6.88 10.83 3.16
CA ARG A 24 -5.78 9.97 3.56
C ARG A 24 -6.11 8.50 3.27
N VAL A 25 -5.30 7.88 2.42
CA VAL A 25 -5.51 6.48 2.05
C VAL A 25 -4.68 5.56 2.94
N GLU A 26 -5.27 4.42 3.31
CA GLU A 26 -4.59 3.45 4.16
C GLU A 26 -4.76 2.04 3.62
N LEU A 27 -3.67 1.49 3.09
CA LEU A 27 -3.69 0.13 2.54
C LEU A 27 -3.12 -0.88 3.54
N GLU A 28 -3.99 -1.75 4.03
CA GLU A 28 -3.58 -2.77 4.98
C GLU A 28 -3.41 -4.13 4.31
N CYS A 29 -2.51 -4.95 4.84
CA CYS A 29 -2.26 -6.27 4.28
C CYS A 29 -1.56 -7.16 5.29
N GLU A 30 -1.46 -8.45 4.98
CA GLU A 30 -0.81 -9.41 5.87
C GLU A 30 0.14 -10.32 5.09
N VAL A 31 1.18 -10.80 5.76
CA VAL A 31 2.15 -11.68 5.13
C VAL A 31 2.27 -12.99 5.90
N SER A 32 3.20 -13.84 5.46
CA SER A 32 3.42 -15.13 6.10
C SER A 32 4.25 -14.99 7.36
N GLU A 33 5.29 -14.15 7.30
CA GLU A 33 6.16 -13.92 8.44
C GLU A 33 5.79 -12.63 9.15
N ASP A 34 6.42 -12.39 10.30
CA ASP A 34 6.16 -11.18 11.08
C ASP A 34 7.30 -10.19 10.94
N ASP A 35 7.08 -8.96 11.40
CA ASP A 35 8.09 -7.92 11.33
C ASP A 35 8.91 -8.05 10.05
N ALA A 36 8.23 -8.31 8.94
CA ALA A 36 8.90 -8.45 7.66
C ALA A 36 9.05 -7.11 6.96
N ASN A 37 9.90 -7.06 5.93
CA ASN A 37 10.13 -5.83 5.19
C ASN A 37 9.61 -5.96 3.75
N VAL A 38 8.39 -5.47 3.53
CA VAL A 38 7.78 -5.52 2.21
C VAL A 38 8.13 -4.29 1.38
N LYS A 39 8.08 -4.43 0.06
CA LYS A 39 8.40 -3.33 -0.83
C LYS A 39 7.15 -2.85 -1.58
N TRP A 40 6.70 -1.65 -1.25
CA TRP A 40 5.51 -1.08 -1.88
C TRP A 40 5.87 -0.37 -3.19
N PHE A 41 5.13 -0.66 -4.24
CA PHE A 41 5.38 -0.04 -5.55
C PHE A 41 4.11 0.63 -6.08
N LYS A 42 4.28 1.79 -6.70
CA LYS A 42 3.16 2.53 -7.26
C LYS A 42 3.08 2.33 -8.77
N ASN A 43 2.30 1.33 -9.19
CA ASN A 43 2.14 1.03 -10.61
C ASN A 43 3.43 0.49 -11.20
N GLY A 44 4.18 -0.25 -10.41
CA GLY A 44 5.43 -0.81 -10.87
C GLY A 44 6.64 -0.06 -10.35
N GLU A 45 6.46 1.23 -10.09
CA GLU A 45 7.55 2.07 -9.59
C GLU A 45 7.77 1.82 -8.10
N GLU A 46 9.04 1.88 -7.68
CA GLU A 46 9.39 1.66 -6.28
C GLU A 46 9.17 2.93 -5.46
N ILE A 47 8.51 2.77 -4.32
CA ILE A 47 8.23 3.90 -3.44
C ILE A 47 9.35 4.09 -2.41
N ILE A 48 9.75 5.34 -2.21
CA ILE A 48 10.81 5.65 -1.26
C ILE A 48 10.31 6.62 -0.19
N PRO A 49 9.79 6.06 0.92
CA PRO A 49 9.27 6.87 2.04
C PRO A 49 10.38 7.58 2.80
N GLY A 50 10.02 8.20 3.92
CA GLY A 50 10.99 8.91 4.72
C GLY A 50 10.39 10.09 5.46
N PRO A 51 11.26 10.96 6.01
CA PRO A 51 10.81 12.14 6.76
C PRO A 51 10.17 13.20 5.86
N LYS A 52 10.60 13.23 4.60
CA LYS A 52 10.07 14.19 3.64
C LYS A 52 9.43 13.47 2.46
N SER A 53 8.67 12.42 2.75
CA SER A 53 8.00 11.65 1.72
C SER A 53 6.50 11.52 2.01
N ARG A 54 5.70 11.55 0.96
CA ARG A 54 4.25 11.45 1.09
C ARG A 54 3.84 10.03 1.48
N TYR A 55 4.69 9.06 1.13
CA TYR A 55 4.42 7.66 1.42
C TYR A 55 5.08 7.24 2.73
N ARG A 56 4.34 6.51 3.55
CA ARG A 56 4.85 6.04 4.84
C ARG A 56 4.53 4.57 5.05
N ILE A 57 5.53 3.71 4.90
CA ILE A 57 5.35 2.27 5.09
C ILE A 57 5.53 1.88 6.54
N ARG A 58 4.42 1.50 7.19
CA ARG A 58 4.47 1.11 8.59
C ARG A 58 4.18 -0.40 8.73
N VAL A 59 4.92 -1.04 9.63
CA VAL A 59 4.76 -2.47 9.86
C VAL A 59 4.25 -2.75 11.28
N GLU A 60 3.20 -3.56 11.38
CA GLU A 60 2.62 -3.90 12.67
C GLU A 60 2.39 -5.40 12.79
N GLY A 61 3.24 -6.06 13.58
CA GLY A 61 3.11 -7.50 13.76
C GLY A 61 3.32 -8.27 12.47
N LYS A 62 2.24 -8.84 11.95
CA LYS A 62 2.31 -9.61 10.71
C LYS A 62 1.50 -8.95 9.61
N LYS A 63 1.14 -7.69 9.82
CA LYS A 63 0.36 -6.94 8.84
C LYS A 63 0.97 -5.56 8.61
N HIS A 64 1.05 -5.16 7.34
CA HIS A 64 1.62 -3.86 6.98
C HIS A 64 0.50 -2.87 6.64
N ILE A 65 0.83 -1.58 6.71
CA ILE A 65 -0.13 -0.53 6.40
C ILE A 65 0.52 0.62 5.65
N LEU A 66 0.22 0.73 4.36
CA LEU A 66 0.77 1.78 3.53
C LEU A 66 -0.16 2.99 3.48
N ILE A 67 0.20 4.04 4.20
CA ILE A 67 -0.61 5.25 4.24
C ILE A 67 -0.16 6.24 3.16
N ILE A 68 -1.13 6.92 2.55
CA ILE A 68 -0.84 7.89 1.51
C ILE A 68 -1.50 9.24 1.80
N GLU A 69 -0.72 10.19 2.30
CA GLU A 69 -1.24 11.51 2.61
C GLU A 69 -1.52 12.31 1.34
N GLY A 70 -2.74 12.85 1.24
CA GLY A 70 -3.11 13.63 0.07
C GLY A 70 -3.19 12.79 -1.19
N ALA A 71 -4.28 12.05 -1.32
CA ALA A 71 -4.49 11.19 -2.48
C ALA A 71 -5.04 11.99 -3.66
N THR A 72 -4.14 12.52 -4.49
CA THR A 72 -4.54 13.31 -5.65
C THR A 72 -4.93 12.40 -6.81
N LYS A 73 -5.34 13.02 -7.92
CA LYS A 73 -5.74 12.27 -9.10
C LYS A 73 -4.59 11.39 -9.60
N ALA A 74 -3.37 11.86 -9.40
CA ALA A 74 -2.19 11.10 -9.83
C ALA A 74 -1.92 9.94 -8.89
N ASP A 75 -2.24 10.12 -7.61
CA ASP A 75 -2.03 9.08 -6.62
C ASP A 75 -2.81 7.82 -6.97
N ALA A 76 -3.94 8.01 -7.65
CA ALA A 76 -4.79 6.89 -8.05
C ALA A 76 -4.07 5.99 -9.05
N ALA A 77 -3.35 4.99 -8.53
CA ALA A 77 -2.62 4.07 -9.39
C ALA A 77 -2.63 2.66 -8.81
N GLU A 78 -2.15 1.69 -9.59
CA GLU A 78 -2.11 0.30 -9.14
C GLU A 78 -0.96 0.08 -8.16
N TYR A 79 -1.30 0.05 -6.87
CA TYR A 79 -0.30 -0.17 -5.83
C TYR A 79 -0.06 -1.65 -5.58
N SER A 80 1.16 -2.10 -5.86
CA SER A 80 1.51 -3.50 -5.67
C SER A 80 2.72 -3.64 -4.75
N VAL A 81 2.66 -4.60 -3.84
CA VAL A 81 3.76 -4.84 -2.90
C VAL A 81 4.61 -6.01 -3.35
N MET A 82 5.86 -6.04 -2.86
CA MET A 82 6.78 -7.12 -3.22
C MET A 82 7.54 -7.59 -1.98
N THR A 83 7.45 -8.90 -1.71
CA THR A 83 8.13 -9.47 -0.56
C THR A 83 9.19 -10.48 -1.00
N THR A 84 9.85 -11.09 -0.03
CA THR A 84 10.89 -12.08 -0.32
C THR A 84 10.34 -13.23 -1.15
N GLY A 85 9.09 -13.58 -0.90
CA GLY A 85 8.47 -14.67 -1.64
C GLY A 85 6.97 -14.47 -1.82
N GLY A 86 6.58 -13.25 -2.19
CA GLY A 86 5.17 -12.95 -2.39
C GLY A 86 4.95 -11.59 -3.02
N GLN A 87 3.78 -11.40 -3.61
CA GLN A 87 3.44 -10.14 -4.26
C GLN A 87 1.93 -9.91 -4.27
N SER A 88 1.53 -8.65 -4.25
CA SER A 88 0.12 -8.29 -4.24
C SER A 88 -0.12 -7.00 -5.02
N SER A 89 -1.36 -6.79 -5.46
CA SER A 89 -1.71 -5.60 -6.21
C SER A 89 -3.13 -5.14 -5.87
N ALA A 90 -3.36 -3.84 -5.98
CA ALA A 90 -4.67 -3.27 -5.68
C ALA A 90 -5.04 -2.17 -6.67
N LYS A 91 -6.20 -1.55 -6.47
CA LYS A 91 -6.65 -0.47 -7.34
C LYS A 91 -7.16 0.71 -6.53
N LEU A 92 -6.45 1.83 -6.61
CA LEU A 92 -6.83 3.03 -5.88
C LEU A 92 -7.40 4.08 -6.83
N SER A 93 -8.61 4.53 -6.54
CA SER A 93 -9.28 5.53 -7.36
C SER A 93 -9.54 6.81 -6.57
N VAL A 94 -9.10 7.94 -7.11
CA VAL A 94 -9.28 9.23 -6.46
C VAL A 94 -10.40 10.02 -7.12
N ASP A 95 -11.30 10.56 -6.30
CA ASP A 95 -12.41 11.36 -6.80
C ASP A 95 -12.50 12.70 -6.09
N LEU A 96 -13.30 13.61 -6.63
CA LEU A 96 -13.48 14.93 -6.03
C LEU A 96 -14.78 15.01 -5.25
N LYS A 97 -14.68 15.28 -3.96
CA LYS A 97 -15.84 15.40 -3.10
C LYS A 97 -16.42 16.81 -3.13
N SER A 98 -17.53 16.97 -3.82
CA SER A 98 -18.18 18.28 -3.93
C SER A 98 -19.47 18.32 -3.13
N GLY A 99 -19.44 18.98 -1.98
CA GLY A 99 -20.61 19.06 -1.14
C GLY A 99 -20.61 20.32 -0.29
N PRO A 100 -21.79 20.66 0.27
CA PRO A 100 -21.95 21.85 1.11
C PRO A 100 -21.23 21.71 2.45
N SER A 101 -20.03 22.26 2.53
CA SER A 101 -19.25 22.20 3.76
C SER A 101 -19.99 22.83 4.92
N SER A 102 -19.84 22.24 6.10
CA SER A 102 -20.52 22.74 7.30
C SER A 102 -19.62 23.72 8.05
N GLY A 103 -18.37 23.31 8.28
CA GLY A 103 -17.43 24.16 8.99
C GLY A 103 -16.82 25.23 8.10
N GLY A 1 5.86 -21.97 4.42
CA GLY A 1 5.79 -23.24 3.71
C GLY A 1 5.76 -24.43 4.65
N SER A 2 5.77 -25.63 4.09
CA SER A 2 5.72 -26.85 4.88
C SER A 2 7.14 -27.38 5.12
N SER A 3 7.38 -27.87 6.33
CA SER A 3 8.69 -28.41 6.68
C SER A 3 9.77 -27.33 6.58
N GLY A 4 9.44 -26.14 7.07
CA GLY A 4 10.40 -25.04 7.02
C GLY A 4 9.80 -23.78 6.42
N SER A 5 10.54 -22.68 6.51
CA SER A 5 10.08 -21.40 5.97
C SER A 5 10.59 -21.19 4.55
N SER A 6 9.66 -21.03 3.62
CA SER A 6 10.01 -20.82 2.22
C SER A 6 9.48 -19.48 1.72
N GLY A 7 10.31 -18.44 1.86
CA GLY A 7 9.92 -17.12 1.41
C GLY A 7 8.73 -16.58 2.20
N ILE A 8 8.21 -15.44 1.75
CA ILE A 8 7.06 -14.83 2.42
C ILE A 8 5.84 -14.77 1.50
N MET A 9 4.71 -15.26 2.01
CA MET A 9 3.48 -15.27 1.23
C MET A 9 2.50 -14.24 1.76
N VAL A 10 1.81 -13.56 0.85
CA VAL A 10 0.84 -12.54 1.22
C VAL A 10 -0.51 -13.15 1.55
N THR A 11 -0.77 -13.35 2.84
CA THR A 11 -2.03 -13.94 3.29
C THR A 11 -3.20 -13.03 2.98
N LYS A 12 -3.07 -11.75 3.34
CA LYS A 12 -4.12 -10.77 3.11
C LYS A 12 -3.76 -9.86 1.93
N GLN A 13 -4.39 -10.11 0.79
CA GLN A 13 -4.13 -9.31 -0.41
C GLN A 13 -4.73 -7.91 -0.27
N LEU A 14 -4.24 -6.98 -1.08
CA LEU A 14 -4.73 -5.61 -1.05
C LEU A 14 -6.13 -5.51 -1.65
N GLU A 15 -6.94 -4.61 -1.10
CA GLU A 15 -8.31 -4.41 -1.59
C GLU A 15 -8.46 -3.05 -2.24
N ASP A 16 -9.15 -3.01 -3.38
CA ASP A 16 -9.37 -1.77 -4.11
C ASP A 16 -9.92 -0.69 -3.18
N THR A 17 -9.25 0.45 -3.14
CA THR A 17 -9.67 1.57 -2.29
C THR A 17 -10.07 2.77 -3.13
N THR A 18 -11.08 3.50 -2.67
CA THR A 18 -11.56 4.68 -3.38
C THR A 18 -11.61 5.89 -2.45
N ALA A 19 -10.65 6.79 -2.62
CA ALA A 19 -10.58 7.99 -1.80
C ALA A 19 -10.79 9.24 -2.65
N TYR A 20 -10.84 10.39 -1.99
CA TYR A 20 -11.04 11.66 -2.68
C TYR A 20 -9.75 12.47 -2.73
N CYS A 21 -9.72 13.46 -3.61
CA CYS A 21 -8.54 14.31 -3.77
C CYS A 21 -8.18 14.98 -2.44
N GLY A 22 -7.14 14.46 -1.79
CA GLY A 22 -6.71 15.02 -0.52
C GLY A 22 -6.93 14.07 0.64
N GLU A 23 -7.86 13.13 0.46
CA GLU A 23 -8.17 12.15 1.50
C GLU A 23 -6.94 11.32 1.85
N ARG A 24 -7.01 10.61 2.96
CA ARG A 24 -5.90 9.76 3.41
C ARG A 24 -6.20 8.29 3.13
N VAL A 25 -5.37 7.67 2.31
CA VAL A 25 -5.54 6.26 1.97
C VAL A 25 -4.72 5.37 2.90
N GLU A 26 -5.29 4.24 3.28
CA GLU A 26 -4.62 3.29 4.16
C GLU A 26 -4.74 1.87 3.63
N LEU A 27 -3.66 1.37 3.04
CA LEU A 27 -3.65 0.02 2.49
C LEU A 27 -3.09 -0.98 3.50
N GLU A 28 -3.96 -1.84 4.03
CA GLU A 28 -3.55 -2.84 5.00
C GLU A 28 -3.37 -4.20 4.35
N CYS A 29 -2.51 -5.03 4.92
CA CYS A 29 -2.23 -6.36 4.39
C CYS A 29 -1.51 -7.22 5.43
N GLU A 30 -1.34 -8.50 5.10
CA GLU A 30 -0.67 -9.43 6.00
C GLU A 30 0.21 -10.39 5.21
N VAL A 31 1.26 -10.90 5.88
CA VAL A 31 2.18 -11.83 5.25
C VAL A 31 2.32 -13.11 6.07
N SER A 32 3.12 -14.04 5.57
CA SER A 32 3.33 -15.31 6.26
C SER A 32 4.33 -15.15 7.40
N GLU A 33 5.36 -14.35 7.18
CA GLU A 33 6.39 -14.11 8.20
C GLU A 33 6.02 -12.89 9.05
N ASP A 34 6.80 -12.67 10.10
CA ASP A 34 6.57 -11.55 10.99
C ASP A 34 7.65 -10.47 10.82
N ASP A 35 7.42 -9.30 11.38
CA ASP A 35 8.37 -8.20 11.29
C ASP A 35 9.07 -8.22 9.94
N ALA A 36 8.34 -8.58 8.90
CA ALA A 36 8.90 -8.63 7.54
C ALA A 36 8.97 -7.24 6.92
N ASN A 37 9.72 -7.12 5.83
CA ASN A 37 9.87 -5.84 5.14
C ASN A 37 9.39 -5.95 3.70
N VAL A 38 8.11 -5.63 3.48
CA VAL A 38 7.54 -5.68 2.14
C VAL A 38 7.96 -4.47 1.31
N LYS A 39 7.85 -4.59 0.00
CA LYS A 39 8.22 -3.51 -0.90
C LYS A 39 6.99 -3.00 -1.67
N TRP A 40 6.57 -1.78 -1.36
CA TRP A 40 5.42 -1.18 -2.01
C TRP A 40 5.83 -0.48 -3.30
N PHE A 41 5.07 -0.73 -4.37
CA PHE A 41 5.36 -0.12 -5.67
C PHE A 41 4.13 0.60 -6.22
N LYS A 42 4.35 1.76 -6.81
CA LYS A 42 3.26 2.55 -7.38
C LYS A 42 3.25 2.46 -8.91
N ASN A 43 2.51 1.48 -9.43
CA ASN A 43 2.43 1.29 -10.87
C ASN A 43 3.71 0.67 -11.41
N GLY A 44 4.42 -0.05 -10.56
CA GLY A 44 5.67 -0.68 -10.97
C GLY A 44 6.88 -0.05 -10.32
N GLU A 45 6.82 1.26 -10.11
CA GLU A 45 7.93 1.98 -9.49
C GLU A 45 7.97 1.74 -7.98
N GLU A 46 9.17 1.74 -7.41
CA GLU A 46 9.34 1.52 -5.99
C GLU A 46 9.10 2.80 -5.20
N ILE A 47 8.47 2.67 -4.04
CA ILE A 47 8.17 3.82 -3.19
C ILE A 47 9.22 3.98 -2.10
N ILE A 48 9.78 5.19 -1.99
CA ILE A 48 10.79 5.47 -0.99
C ILE A 48 10.30 6.52 0.00
N PRO A 49 9.65 6.07 1.08
CA PRO A 49 9.13 6.95 2.12
C PRO A 49 10.23 7.61 2.95
N GLY A 50 9.84 8.47 3.88
CA GLY A 50 10.81 9.14 4.73
C GLY A 50 10.20 10.29 5.50
N PRO A 51 11.06 11.07 6.19
CA PRO A 51 10.63 12.22 6.99
C PRO A 51 10.15 13.37 6.12
N LYS A 52 10.19 13.18 4.80
CA LYS A 52 9.75 14.20 3.86
C LYS A 52 8.83 13.61 2.79
N SER A 53 9.15 12.39 2.37
CA SER A 53 8.35 11.71 1.35
C SER A 53 6.86 11.80 1.68
N ARG A 54 6.02 11.49 0.69
CA ARG A 54 4.58 11.54 0.86
C ARG A 54 4.06 10.23 1.44
N TYR A 55 4.53 9.12 0.87
CA TYR A 55 4.10 7.80 1.33
C TYR A 55 4.83 7.40 2.61
N ARG A 56 4.18 6.57 3.41
CA ARG A 56 4.77 6.11 4.67
C ARG A 56 4.44 4.64 4.91
N ILE A 57 5.48 3.81 4.93
CA ILE A 57 5.30 2.37 5.15
C ILE A 57 5.55 2.02 6.61
N ARG A 58 4.50 1.60 7.30
CA ARG A 58 4.61 1.21 8.70
C ARG A 58 4.50 -0.30 8.87
N VAL A 59 5.26 -0.84 9.82
CA VAL A 59 5.25 -2.27 10.09
C VAL A 59 4.65 -2.58 11.45
N GLU A 60 3.60 -3.39 11.46
CA GLU A 60 2.93 -3.77 12.70
C GLU A 60 2.71 -5.27 12.78
N GLY A 61 3.39 -5.91 13.72
CA GLY A 61 3.26 -7.35 13.88
C GLY A 61 3.52 -8.10 12.59
N LYS A 62 2.49 -8.79 12.10
CA LYS A 62 2.60 -9.56 10.87
C LYS A 62 1.76 -8.93 9.77
N LYS A 63 1.41 -7.66 9.94
CA LYS A 63 0.62 -6.94 8.95
C LYS A 63 1.25 -5.60 8.62
N HIS A 64 1.09 -5.17 7.37
CA HIS A 64 1.64 -3.89 6.93
C HIS A 64 0.52 -2.90 6.60
N ILE A 65 0.82 -1.61 6.73
CA ILE A 65 -0.16 -0.57 6.45
C ILE A 65 0.51 0.64 5.80
N LEU A 66 0.25 0.84 4.52
CA LEU A 66 0.82 1.96 3.78
C LEU A 66 -0.16 3.14 3.74
N ILE A 67 0.20 4.21 4.45
CA ILE A 67 -0.64 5.40 4.49
C ILE A 67 -0.21 6.42 3.45
N ILE A 68 -1.18 7.10 2.84
CA ILE A 68 -0.89 8.10 1.83
C ILE A 68 -1.50 9.46 2.20
N GLU A 69 -0.64 10.40 2.55
CA GLU A 69 -1.08 11.74 2.94
C GLU A 69 -1.41 12.58 1.70
N GLY A 70 -2.70 12.74 1.42
CA GLY A 70 -3.12 13.51 0.27
C GLY A 70 -3.20 12.68 -0.99
N ALA A 71 -4.32 11.98 -1.16
CA ALA A 71 -4.52 11.14 -2.33
C ALA A 71 -5.11 11.95 -3.49
N THR A 72 -4.23 12.51 -4.32
CA THR A 72 -4.67 13.32 -5.45
C THR A 72 -5.00 12.43 -6.65
N LYS A 73 -5.59 13.02 -7.67
CA LYS A 73 -5.95 12.29 -8.88
C LYS A 73 -4.79 11.44 -9.38
N ALA A 74 -3.60 12.03 -9.41
CA ALA A 74 -2.41 11.33 -9.86
C ALA A 74 -2.12 10.12 -8.97
N ASP A 75 -2.16 10.34 -7.66
CA ASP A 75 -1.91 9.26 -6.70
C ASP A 75 -2.66 8.00 -7.08
N ALA A 76 -3.83 8.18 -7.70
CA ALA A 76 -4.66 7.05 -8.11
C ALA A 76 -3.91 6.15 -9.09
N ALA A 77 -3.31 5.09 -8.57
CA ALA A 77 -2.57 4.15 -9.40
C ALA A 77 -2.60 2.75 -8.81
N GLU A 78 -2.12 1.78 -9.58
CA GLU A 78 -2.10 0.39 -9.13
C GLU A 78 -0.97 0.15 -8.15
N TYR A 79 -1.31 0.12 -6.86
CA TYR A 79 -0.33 -0.10 -5.81
C TYR A 79 -0.13 -1.58 -5.55
N SER A 80 1.08 -2.07 -5.85
CA SER A 80 1.40 -3.48 -5.65
C SER A 80 2.61 -3.64 -4.74
N VAL A 81 2.56 -4.62 -3.85
CA VAL A 81 3.66 -4.88 -2.93
C VAL A 81 4.51 -6.06 -3.40
N MET A 82 5.71 -6.18 -2.83
CA MET A 82 6.61 -7.26 -3.19
C MET A 82 7.39 -7.74 -1.97
N THR A 83 7.30 -9.03 -1.69
CA THR A 83 8.00 -9.62 -0.55
C THR A 83 9.08 -10.60 -1.01
N THR A 84 9.71 -11.27 -0.05
CA THR A 84 10.77 -12.23 -0.36
C THR A 84 10.23 -13.37 -1.21
N GLY A 85 8.96 -13.69 -1.03
CA GLY A 85 8.35 -14.77 -1.80
C GLY A 85 6.86 -14.56 -2.00
N GLY A 86 6.48 -13.34 -2.36
CA GLY A 86 5.07 -13.05 -2.58
C GLY A 86 4.86 -11.66 -3.17
N GLN A 87 3.66 -11.42 -3.70
CA GLN A 87 3.34 -10.13 -4.30
C GLN A 87 1.83 -9.88 -4.26
N SER A 88 1.45 -8.62 -4.23
CA SER A 88 0.04 -8.23 -4.19
C SER A 88 -0.21 -6.98 -5.02
N SER A 89 -1.45 -6.80 -5.44
CA SER A 89 -1.83 -5.63 -6.25
C SER A 89 -3.17 -5.07 -5.79
N ALA A 90 -3.36 -3.78 -6.00
CA ALA A 90 -4.60 -3.11 -5.62
C ALA A 90 -4.89 -1.91 -6.52
N LYS A 91 -6.16 -1.53 -6.61
CA LYS A 91 -6.57 -0.41 -7.43
C LYS A 91 -7.06 0.76 -6.57
N LEU A 92 -6.44 1.92 -6.76
CA LEU A 92 -6.80 3.11 -5.99
C LEU A 92 -7.48 4.14 -6.90
N SER A 93 -8.76 4.36 -6.68
CA SER A 93 -9.52 5.32 -7.47
C SER A 93 -9.71 6.63 -6.70
N VAL A 94 -9.21 7.72 -7.27
CA VAL A 94 -9.32 9.04 -6.64
C VAL A 94 -10.38 9.88 -7.34
N ASP A 95 -11.38 10.31 -6.57
CA ASP A 95 -12.45 11.13 -7.11
C ASP A 95 -12.48 12.50 -6.44
N LEU A 96 -13.24 13.43 -7.02
CA LEU A 96 -13.34 14.77 -6.47
C LEU A 96 -14.62 14.94 -5.65
N LYS A 97 -14.46 15.22 -4.37
CA LYS A 97 -15.60 15.39 -3.47
C LYS A 97 -16.53 16.47 -4.00
N SER A 98 -17.83 16.26 -3.81
CA SER A 98 -18.84 17.22 -4.27
C SER A 98 -18.97 18.38 -3.29
N GLY A 99 -18.79 19.59 -3.80
CA GLY A 99 -18.88 20.77 -2.96
C GLY A 99 -18.02 21.91 -3.45
N PRO A 100 -17.66 22.83 -2.55
CA PRO A 100 -16.84 24.00 -2.89
C PRO A 100 -15.39 23.61 -3.19
N SER A 101 -15.03 23.67 -4.47
CA SER A 101 -13.67 23.32 -4.89
C SER A 101 -12.92 24.55 -5.39
N SER A 102 -11.66 24.64 -5.03
CA SER A 102 -10.83 25.78 -5.44
C SER A 102 -11.20 26.23 -6.86
N GLY A 103 -11.41 25.27 -7.74
CA GLY A 103 -11.77 25.59 -9.11
C GLY A 103 -10.64 25.27 -10.09
N GLY A 1 1.84 -28.47 4.55
CA GLY A 1 2.28 -28.48 5.94
C GLY A 1 3.73 -28.10 6.09
N SER A 2 4.05 -26.85 5.75
CA SER A 2 5.43 -26.37 5.84
C SER A 2 5.51 -25.17 6.78
N SER A 3 5.75 -25.44 8.05
CA SER A 3 5.86 -24.38 9.06
C SER A 3 6.83 -23.29 8.60
N GLY A 4 7.96 -23.72 8.06
CA GLY A 4 8.96 -22.77 7.59
C GLY A 4 9.14 -22.81 6.09
N SER A 5 8.28 -22.08 5.37
CA SER A 5 8.35 -22.04 3.92
C SER A 5 9.49 -21.14 3.45
N SER A 6 9.91 -21.32 2.21
CA SER A 6 10.99 -20.52 1.64
C SER A 6 10.44 -19.25 1.01
N GLY A 7 10.41 -18.17 1.77
CA GLY A 7 9.91 -16.91 1.28
C GLY A 7 8.68 -16.44 2.02
N ILE A 8 8.32 -15.17 1.83
CA ILE A 8 7.15 -14.61 2.49
C ILE A 8 5.93 -14.61 1.55
N MET A 9 4.83 -15.19 2.03
CA MET A 9 3.61 -15.25 1.24
C MET A 9 2.57 -14.29 1.78
N VAL A 10 1.93 -13.55 0.88
CA VAL A 10 0.90 -12.58 1.26
C VAL A 10 -0.42 -13.28 1.58
N THR A 11 -0.71 -13.43 2.87
CA THR A 11 -1.93 -14.09 3.30
C THR A 11 -3.15 -13.25 2.97
N LYS A 12 -3.07 -11.95 3.26
CA LYS A 12 -4.17 -11.03 2.98
C LYS A 12 -3.79 -10.05 1.87
N GLN A 13 -4.17 -10.37 0.65
CA GLN A 13 -3.87 -9.52 -0.50
C GLN A 13 -4.55 -8.15 -0.35
N LEU A 14 -3.99 -7.15 -1.01
CA LEU A 14 -4.55 -5.80 -0.96
C LEU A 14 -5.96 -5.77 -1.53
N GLU A 15 -6.80 -4.89 -0.99
CA GLU A 15 -8.18 -4.75 -1.45
C GLU A 15 -8.41 -3.38 -2.07
N ASP A 16 -9.04 -3.38 -3.24
CA ASP A 16 -9.33 -2.14 -3.95
C ASP A 16 -9.87 -1.08 -3.00
N THR A 17 -9.24 0.10 -3.00
CA THR A 17 -9.66 1.20 -2.13
C THR A 17 -10.13 2.39 -2.95
N THR A 18 -11.19 3.05 -2.48
CA THR A 18 -11.74 4.21 -3.16
C THR A 18 -11.70 5.44 -2.26
N ALA A 19 -10.75 6.33 -2.52
CA ALA A 19 -10.60 7.55 -1.74
C ALA A 19 -10.88 8.79 -2.59
N TYR A 20 -10.88 9.95 -1.96
CA TYR A 20 -11.13 11.20 -2.66
C TYR A 20 -9.84 11.99 -2.84
N CYS A 21 -9.95 13.15 -3.50
CA CYS A 21 -8.79 14.00 -3.73
C CYS A 21 -8.30 14.63 -2.43
N GLY A 22 -7.01 14.48 -2.16
CA GLY A 22 -6.45 15.03 -0.94
C GLY A 22 -6.73 14.18 0.28
N GLU A 23 -7.69 13.27 0.15
CA GLU A 23 -8.06 12.39 1.25
C GLU A 23 -6.88 11.52 1.67
N ARG A 24 -7.05 10.79 2.77
CA ARG A 24 -6.00 9.91 3.28
C ARG A 24 -6.30 8.45 2.94
N VAL A 25 -5.35 7.79 2.28
CA VAL A 25 -5.52 6.39 1.90
C VAL A 25 -4.67 5.49 2.79
N GLU A 26 -5.28 4.41 3.26
CA GLU A 26 -4.59 3.45 4.12
C GLU A 26 -4.75 2.03 3.60
N LEU A 27 -3.69 1.49 3.02
CA LEU A 27 -3.71 0.13 2.48
C LEU A 27 -3.13 -0.87 3.48
N GLU A 28 -3.98 -1.72 4.03
CA GLU A 28 -3.55 -2.72 5.00
C GLU A 28 -3.41 -4.09 4.33
N CYS A 29 -2.49 -4.90 4.84
CA CYS A 29 -2.25 -6.23 4.31
C CYS A 29 -1.50 -7.10 5.31
N GLU A 30 -1.45 -8.39 5.05
CA GLU A 30 -0.77 -9.33 5.93
C GLU A 30 0.17 -10.24 5.14
N VAL A 31 1.15 -10.81 5.82
CA VAL A 31 2.12 -11.70 5.19
C VAL A 31 2.26 -13.01 5.97
N SER A 32 3.14 -13.87 5.49
CA SER A 32 3.37 -15.17 6.13
C SER A 32 4.29 -15.01 7.33
N GLU A 33 5.32 -14.18 7.19
CA GLU A 33 6.27 -13.95 8.27
C GLU A 33 5.85 -12.76 9.13
N ASP A 34 6.56 -12.54 10.23
CA ASP A 34 6.27 -11.43 11.12
C ASP A 34 7.33 -10.35 11.01
N ASP A 35 6.96 -9.13 11.40
CA ASP A 35 7.88 -8.00 11.35
C ASP A 35 8.75 -8.07 10.09
N ALA A 36 8.11 -8.33 8.96
CA ALA A 36 8.82 -8.42 7.69
C ALA A 36 9.00 -7.05 7.06
N ASN A 37 9.63 -7.01 5.89
CA ASN A 37 9.86 -5.75 5.19
C ASN A 37 9.40 -5.85 3.74
N VAL A 38 8.13 -5.51 3.50
CA VAL A 38 7.56 -5.56 2.16
C VAL A 38 7.93 -4.32 1.37
N LYS A 39 7.96 -4.46 0.04
CA LYS A 39 8.30 -3.35 -0.84
C LYS A 39 7.07 -2.87 -1.60
N TRP A 40 6.63 -1.64 -1.30
CA TRP A 40 5.47 -1.07 -1.96
C TRP A 40 5.87 -0.35 -3.24
N PHE A 41 5.17 -0.66 -4.33
CA PHE A 41 5.46 -0.05 -5.62
C PHE A 41 4.20 0.58 -6.22
N LYS A 42 4.31 1.83 -6.64
CA LYS A 42 3.19 2.54 -7.23
C LYS A 42 3.02 2.18 -8.70
N ASN A 43 2.09 1.28 -8.98
CA ASN A 43 1.84 0.84 -10.36
C ASN A 43 3.14 0.43 -11.04
N GLY A 44 4.12 0.01 -10.25
CA GLY A 44 5.40 -0.40 -10.81
C GLY A 44 6.54 0.48 -10.33
N GLU A 45 6.25 1.75 -10.07
CA GLU A 45 7.26 2.69 -9.61
C GLU A 45 7.66 2.40 -8.17
N GLU A 46 8.97 2.33 -7.93
CA GLU A 46 9.48 2.05 -6.59
C GLU A 46 9.28 3.25 -5.67
N ILE A 47 8.49 3.06 -4.62
CA ILE A 47 8.21 4.13 -3.66
C ILE A 47 9.32 4.23 -2.61
N ILE A 48 9.74 5.45 -2.31
CA ILE A 48 10.79 5.68 -1.32
C ILE A 48 10.30 6.58 -0.20
N PRO A 49 9.82 5.96 0.89
CA PRO A 49 9.31 6.70 2.05
C PRO A 49 10.42 7.41 2.83
N GLY A 50 10.04 8.11 3.88
CA GLY A 50 11.01 8.82 4.68
C GLY A 50 10.38 9.93 5.52
N PRO A 51 11.23 10.72 6.20
CA PRO A 51 10.77 11.82 7.05
C PRO A 51 10.19 12.97 6.25
N LYS A 52 10.65 13.12 5.01
CA LYS A 52 10.17 14.18 4.14
C LYS A 52 9.29 13.62 3.03
N SER A 53 9.45 12.32 2.76
CA SER A 53 8.67 11.67 1.71
C SER A 53 7.17 11.82 1.97
N ARG A 54 6.36 11.39 1.01
CA ARG A 54 4.92 11.48 1.15
C ARG A 54 4.32 10.13 1.53
N TYR A 55 4.98 9.05 1.14
CA TYR A 55 4.51 7.71 1.44
C TYR A 55 5.17 7.18 2.72
N ARG A 56 4.36 6.58 3.59
CA ARG A 56 4.85 6.04 4.84
C ARG A 56 4.51 4.56 4.97
N ILE A 57 5.54 3.74 5.14
CA ILE A 57 5.34 2.29 5.28
C ILE A 57 5.56 1.84 6.72
N ARG A 58 4.47 1.49 7.40
CA ARG A 58 4.55 1.05 8.79
C ARG A 58 4.20 -0.44 8.89
N VAL A 59 4.94 -1.15 9.74
CA VAL A 59 4.72 -2.58 9.93
C VAL A 59 4.23 -2.87 11.34
N GLU A 60 3.06 -3.49 11.45
CA GLU A 60 2.49 -3.83 12.75
C GLU A 60 2.30 -5.34 12.88
N GLY A 61 3.15 -5.96 13.69
CA GLY A 61 3.06 -7.39 13.89
C GLY A 61 3.31 -8.18 12.62
N LYS A 62 2.24 -8.74 12.05
CA LYS A 62 2.34 -9.52 10.83
C LYS A 62 1.55 -8.87 9.70
N LYS A 63 1.23 -7.59 9.87
CA LYS A 63 0.48 -6.84 8.86
C LYS A 63 1.08 -5.47 8.64
N HIS A 64 1.13 -5.04 7.37
CA HIS A 64 1.69 -3.75 7.02
C HIS A 64 0.58 -2.75 6.69
N ILE A 65 0.91 -1.46 6.70
CA ILE A 65 -0.05 -0.42 6.40
C ILE A 65 0.59 0.74 5.65
N LEU A 66 0.21 0.92 4.39
CA LEU A 66 0.76 1.99 3.56
C LEU A 66 -0.19 3.19 3.54
N ILE A 67 0.20 4.26 4.22
CA ILE A 67 -0.60 5.46 4.28
C ILE A 67 -0.12 6.49 3.26
N ILE A 68 -1.05 7.29 2.74
CA ILE A 68 -0.71 8.32 1.76
C ILE A 68 -1.36 9.66 2.12
N GLU A 69 -0.54 10.58 2.61
CA GLU A 69 -1.03 11.90 2.99
C GLU A 69 -1.27 12.78 1.76
N GLY A 70 -2.53 12.91 1.37
CA GLY A 70 -2.87 13.71 0.21
C GLY A 70 -3.00 12.88 -1.05
N ALA A 71 -4.07 12.10 -1.12
CA ALA A 71 -4.33 11.25 -2.29
C ALA A 71 -4.93 12.06 -3.43
N THR A 72 -4.07 12.52 -4.34
CA THR A 72 -4.52 13.30 -5.49
C THR A 72 -4.93 12.39 -6.64
N LYS A 73 -5.55 12.99 -7.66
CA LYS A 73 -5.99 12.24 -8.82
C LYS A 73 -4.85 11.41 -9.41
N ALA A 74 -3.70 12.05 -9.63
CA ALA A 74 -2.53 11.38 -10.18
C ALA A 74 -2.17 10.16 -9.34
N ASP A 75 -2.13 10.33 -8.03
CA ASP A 75 -1.80 9.25 -7.12
C ASP A 75 -2.61 7.99 -7.44
N ALA A 76 -3.85 8.20 -7.89
CA ALA A 76 -4.72 7.09 -8.24
C ALA A 76 -4.02 6.11 -9.18
N ALA A 77 -3.34 5.12 -8.60
CA ALA A 77 -2.63 4.13 -9.38
C ALA A 77 -2.68 2.76 -8.71
N GLU A 78 -2.27 1.72 -9.45
CA GLU A 78 -2.28 0.36 -8.92
C GLU A 78 -1.10 0.13 -7.99
N TYR A 79 -1.38 0.13 -6.68
CA TYR A 79 -0.33 -0.08 -5.68
C TYR A 79 -0.11 -1.56 -5.44
N SER A 80 1.09 -2.05 -5.78
CA SER A 80 1.43 -3.45 -5.59
C SER A 80 2.66 -3.60 -4.70
N VAL A 81 2.61 -4.58 -3.80
CA VAL A 81 3.73 -4.83 -2.89
C VAL A 81 4.59 -6.00 -3.37
N MET A 82 5.79 -6.10 -2.81
CA MET A 82 6.71 -7.17 -3.17
C MET A 82 7.44 -7.69 -1.95
N THR A 83 7.46 -9.01 -1.78
CA THR A 83 8.14 -9.63 -0.65
C THR A 83 9.17 -10.66 -1.12
N THR A 84 9.83 -11.29 -0.17
CA THR A 84 10.85 -12.29 -0.48
C THR A 84 10.28 -13.40 -1.35
N GLY A 85 9.00 -13.70 -1.16
CA GLY A 85 8.35 -14.75 -1.93
C GLY A 85 6.86 -14.52 -2.07
N GLY A 86 6.48 -13.29 -2.42
CA GLY A 86 5.07 -12.97 -2.58
C GLY A 86 4.85 -11.60 -3.18
N GLN A 87 3.66 -11.36 -3.72
CA GLN A 87 3.34 -10.07 -4.33
C GLN A 87 1.83 -9.82 -4.27
N SER A 88 1.45 -8.55 -4.32
CA SER A 88 0.05 -8.16 -4.27
C SER A 88 -0.20 -6.89 -5.09
N SER A 89 -1.46 -6.69 -5.48
CA SER A 89 -1.82 -5.52 -6.26
C SER A 89 -3.18 -4.97 -5.83
N ALA A 90 -3.34 -3.66 -5.91
CA ALA A 90 -4.58 -3.01 -5.52
C ALA A 90 -4.84 -1.76 -6.36
N LYS A 91 -6.10 -1.51 -6.67
CA LYS A 91 -6.47 -0.35 -7.47
C LYS A 91 -7.03 0.76 -6.58
N LEU A 92 -6.44 1.95 -6.69
CA LEU A 92 -6.88 3.09 -5.89
C LEU A 92 -7.54 4.15 -6.77
N SER A 93 -8.86 4.25 -6.67
CA SER A 93 -9.61 5.22 -7.46
C SER A 93 -9.83 6.51 -6.68
N VAL A 94 -9.15 7.57 -7.09
CA VAL A 94 -9.27 8.87 -6.43
C VAL A 94 -10.38 9.70 -7.05
N ASP A 95 -11.31 10.14 -6.21
CA ASP A 95 -12.44 10.94 -6.68
C ASP A 95 -12.28 12.39 -6.25
N LEU A 96 -13.07 13.28 -6.83
CA LEU A 96 -13.02 14.70 -6.52
C LEU A 96 -14.30 15.15 -5.83
N LYS A 97 -14.20 15.50 -4.55
CA LYS A 97 -15.35 15.97 -3.79
C LYS A 97 -16.14 17.01 -4.56
N SER A 98 -17.46 16.93 -4.46
CA SER A 98 -18.34 17.86 -5.16
C SER A 98 -19.10 18.74 -4.17
N GLY A 99 -19.59 19.88 -4.65
CA GLY A 99 -20.32 20.79 -3.80
C GLY A 99 -19.68 22.17 -3.74
N PRO A 100 -20.02 22.94 -2.70
CA PRO A 100 -19.49 24.30 -2.51
C PRO A 100 -18.01 24.29 -2.15
N SER A 101 -17.44 23.10 -2.03
CA SER A 101 -16.03 22.96 -1.68
C SER A 101 -15.18 23.96 -2.47
N SER A 102 -14.20 24.56 -1.79
CA SER A 102 -13.32 25.53 -2.41
C SER A 102 -12.49 24.89 -3.51
N GLY A 103 -13.05 24.85 -4.72
CA GLY A 103 -12.34 24.26 -5.84
C GLY A 103 -10.94 24.82 -6.01
N GLY A 1 17.67 -34.26 1.85
CA GLY A 1 16.99 -33.81 0.66
C GLY A 1 16.77 -32.31 0.65
N SER A 2 16.60 -31.74 -0.54
CA SER A 2 16.39 -30.30 -0.69
C SER A 2 15.28 -29.82 0.25
N SER A 3 15.65 -29.03 1.24
CA SER A 3 14.69 -28.50 2.20
C SER A 3 13.46 -27.96 1.49
N GLY A 4 13.68 -27.09 0.51
CA GLY A 4 12.58 -26.50 -0.24
C GLY A 4 12.84 -25.07 -0.63
N SER A 5 11.87 -24.20 -0.37
CA SER A 5 12.00 -22.79 -0.71
C SER A 5 11.56 -21.91 0.46
N SER A 6 12.40 -20.93 0.79
CA SER A 6 12.10 -20.02 1.90
C SER A 6 11.67 -18.66 1.38
N GLY A 7 10.42 -18.29 1.62
CA GLY A 7 9.90 -17.02 1.16
C GLY A 7 8.71 -16.55 1.97
N ILE A 8 8.29 -15.30 1.74
CA ILE A 8 7.14 -14.74 2.45
C ILE A 8 5.92 -14.66 1.54
N MET A 9 4.81 -15.23 2.01
CA MET A 9 3.57 -15.21 1.24
C MET A 9 2.58 -14.21 1.83
N VAL A 10 1.91 -13.48 0.96
CA VAL A 10 0.94 -12.48 1.38
C VAL A 10 -0.39 -13.13 1.75
N THR A 11 -0.61 -13.32 3.05
CA THR A 11 -1.84 -13.94 3.54
C THR A 11 -3.05 -13.06 3.23
N LYS A 12 -2.92 -11.77 3.51
CA LYS A 12 -4.00 -10.83 3.27
C LYS A 12 -3.67 -9.90 2.09
N GLN A 13 -4.13 -10.29 0.90
CA GLN A 13 -3.88 -9.49 -0.30
C GLN A 13 -4.61 -8.16 -0.22
N LEU A 14 -4.09 -7.16 -0.94
CA LEU A 14 -4.70 -5.84 -0.96
C LEU A 14 -6.10 -5.89 -1.56
N GLU A 15 -6.91 -4.89 -1.23
CA GLU A 15 -8.27 -4.82 -1.73
C GLU A 15 -8.57 -3.45 -2.32
N ASP A 16 -9.20 -3.44 -3.49
CA ASP A 16 -9.54 -2.19 -4.18
C ASP A 16 -10.03 -1.14 -3.17
N THR A 17 -9.60 0.09 -3.38
CA THR A 17 -9.99 1.19 -2.49
C THR A 17 -10.28 2.46 -3.28
N THR A 18 -11.34 3.17 -2.90
CA THR A 18 -11.72 4.40 -3.57
C THR A 18 -11.73 5.57 -2.59
N ALA A 19 -10.76 6.47 -2.73
CA ALA A 19 -10.67 7.63 -1.87
C ALA A 19 -11.00 8.92 -2.63
N TYR A 20 -11.03 10.04 -1.92
CA TYR A 20 -11.32 11.32 -2.53
C TYR A 20 -10.06 12.17 -2.68
N CYS A 21 -10.19 13.30 -3.36
CA CYS A 21 -9.06 14.20 -3.56
C CYS A 21 -8.62 14.82 -2.24
N GLY A 22 -7.39 14.54 -1.84
CA GLY A 22 -6.86 15.08 -0.60
C GLY A 22 -7.04 14.13 0.56
N GLU A 23 -7.99 13.21 0.44
CA GLU A 23 -8.26 12.24 1.50
C GLU A 23 -7.02 11.42 1.82
N ARG A 24 -7.07 10.68 2.92
CA ARG A 24 -5.95 9.84 3.33
C ARG A 24 -6.23 8.37 3.04
N VAL A 25 -5.40 7.77 2.21
CA VAL A 25 -5.56 6.36 1.85
C VAL A 25 -4.70 5.46 2.74
N GLU A 26 -5.27 4.34 3.17
CA GLU A 26 -4.56 3.40 4.02
C GLU A 26 -4.73 1.97 3.51
N LEU A 27 -3.65 1.41 2.98
CA LEU A 27 -3.67 0.05 2.46
C LEU A 27 -3.09 -0.93 3.46
N GLU A 28 -3.93 -1.80 4.00
CA GLU A 28 -3.49 -2.79 4.98
C GLU A 28 -3.31 -4.16 4.32
N CYS A 29 -2.41 -4.96 4.88
CA CYS A 29 -2.14 -6.28 4.35
C CYS A 29 -1.41 -7.14 5.38
N GLU A 30 -1.27 -8.44 5.09
CA GLU A 30 -0.60 -9.37 5.99
C GLU A 30 0.32 -10.31 5.21
N VAL A 31 1.30 -10.87 5.91
CA VAL A 31 2.25 -11.78 5.29
C VAL A 31 2.34 -13.09 6.07
N SER A 32 3.24 -13.97 5.65
CA SER A 32 3.43 -15.25 6.31
C SER A 32 4.39 -15.12 7.48
N GLU A 33 5.36 -14.22 7.35
CA GLU A 33 6.35 -13.99 8.40
C GLU A 33 5.94 -12.81 9.28
N ASP A 34 6.78 -12.51 10.26
CA ASP A 34 6.52 -11.41 11.18
C ASP A 34 7.54 -10.29 11.01
N ASP A 35 7.15 -9.07 11.34
CA ASP A 35 8.04 -7.93 11.21
C ASP A 35 8.89 -8.03 9.95
N ALA A 36 8.25 -8.40 8.84
CA ALA A 36 8.95 -8.52 7.56
C ALA A 36 9.17 -7.17 6.91
N ASN A 37 9.76 -7.17 5.73
CA ASN A 37 10.04 -5.95 5.00
C ASN A 37 9.47 -6.01 3.58
N VAL A 38 8.20 -5.62 3.44
CA VAL A 38 7.53 -5.64 2.14
C VAL A 38 7.93 -4.43 1.30
N LYS A 39 7.87 -4.58 -0.02
CA LYS A 39 8.23 -3.50 -0.92
C LYS A 39 6.99 -2.96 -1.65
N TRP A 40 6.60 -1.74 -1.31
CA TRP A 40 5.43 -1.11 -1.93
C TRP A 40 5.81 -0.40 -3.22
N PHE A 41 5.08 -0.68 -4.28
CA PHE A 41 5.35 -0.06 -5.58
C PHE A 41 4.12 0.67 -6.09
N LYS A 42 4.33 1.84 -6.70
CA LYS A 42 3.24 2.64 -7.24
C LYS A 42 3.24 2.60 -8.77
N ASN A 43 2.49 1.67 -9.34
CA ASN A 43 2.41 1.53 -10.79
C ASN A 43 3.69 0.92 -11.35
N GLY A 44 4.38 0.14 -10.52
CA GLY A 44 5.60 -0.51 -10.95
C GLY A 44 6.84 0.13 -10.35
N GLU A 45 6.74 1.42 -10.04
CA GLU A 45 7.86 2.15 -9.44
C GLU A 45 7.99 1.84 -7.95
N GLU A 46 9.23 1.79 -7.47
CA GLU A 46 9.48 1.51 -6.05
C GLU A 46 9.36 2.77 -5.22
N ILE A 47 8.46 2.73 -4.23
CA ILE A 47 8.25 3.87 -3.36
C ILE A 47 9.34 3.97 -2.30
N ILE A 48 9.86 5.17 -2.11
CA ILE A 48 10.92 5.40 -1.13
C ILE A 48 10.50 6.45 -0.10
N PRO A 49 9.88 6.00 1.00
CA PRO A 49 9.43 6.89 2.07
C PRO A 49 10.58 7.49 2.85
N GLY A 50 10.25 8.14 3.97
CA GLY A 50 11.28 8.76 4.80
C GLY A 50 10.74 9.92 5.61
N PRO A 51 11.66 10.70 6.20
CA PRO A 51 11.30 11.86 7.02
C PRO A 51 10.73 13.00 6.19
N LYS A 52 11.00 12.98 4.89
CA LYS A 52 10.50 14.01 3.99
C LYS A 52 9.87 13.38 2.74
N SER A 53 9.05 12.37 2.96
CA SER A 53 8.38 11.68 1.86
C SER A 53 6.87 11.72 2.03
N ARG A 54 6.14 11.48 0.94
CA ARG A 54 4.68 11.49 0.97
C ARG A 54 4.14 10.17 1.52
N TYR A 55 4.69 9.06 1.03
CA TYR A 55 4.26 7.73 1.46
C TYR A 55 4.97 7.33 2.75
N ARG A 56 4.28 6.56 3.58
CA ARG A 56 4.84 6.10 4.85
C ARG A 56 4.50 4.63 5.09
N ILE A 57 5.51 3.78 4.99
CA ILE A 57 5.33 2.35 5.19
C ILE A 57 5.53 1.98 6.66
N ARG A 58 4.45 1.56 7.31
CA ARG A 58 4.52 1.16 8.72
C ARG A 58 4.46 -0.35 8.86
N VAL A 59 5.00 -0.85 9.97
CA VAL A 59 5.02 -2.29 10.23
C VAL A 59 4.40 -2.60 11.59
N GLU A 60 3.27 -3.30 11.57
CA GLU A 60 2.58 -3.66 12.81
C GLU A 60 2.39 -5.18 12.90
N GLY A 61 3.23 -5.82 13.69
CA GLY A 61 3.14 -7.26 13.85
C GLY A 61 3.39 -8.01 12.56
N LYS A 62 2.35 -8.67 12.05
CA LYS A 62 2.46 -9.42 10.80
C LYS A 62 1.63 -8.78 9.70
N LYS A 63 1.29 -7.51 9.88
CA LYS A 63 0.49 -6.77 8.91
C LYS A 63 1.10 -5.41 8.62
N HIS A 64 1.12 -5.02 7.35
CA HIS A 64 1.68 -3.74 6.94
C HIS A 64 0.57 -2.76 6.58
N ILE A 65 0.87 -1.46 6.68
CA ILE A 65 -0.11 -0.43 6.37
C ILE A 65 0.55 0.72 5.61
N LEU A 66 0.20 0.84 4.33
CA LEU A 66 0.76 1.90 3.48
C LEU A 66 -0.19 3.10 3.44
N ILE A 67 0.17 4.15 4.17
CA ILE A 67 -0.64 5.37 4.21
C ILE A 67 -0.18 6.37 3.14
N ILE A 68 -1.12 7.16 2.65
CA ILE A 68 -0.81 8.16 1.63
C ILE A 68 -1.41 9.51 2.00
N GLU A 69 -0.56 10.40 2.52
CA GLU A 69 -1.00 11.74 2.91
C GLU A 69 -1.40 12.57 1.69
N GLY A 70 -2.70 12.71 1.47
CA GLY A 70 -3.19 13.47 0.34
C GLY A 70 -3.27 12.64 -0.93
N ALA A 71 -4.44 12.03 -1.15
CA ALA A 71 -4.67 11.21 -2.32
C ALA A 71 -5.25 12.03 -3.48
N THR A 72 -4.37 12.56 -4.32
CA THR A 72 -4.79 13.36 -5.45
C THR A 72 -5.09 12.48 -6.67
N LYS A 73 -5.59 13.11 -7.73
CA LYS A 73 -5.91 12.39 -8.96
C LYS A 73 -4.71 11.58 -9.45
N ALA A 74 -3.52 12.16 -9.31
CA ALA A 74 -2.30 11.49 -9.74
C ALA A 74 -2.02 10.26 -8.87
N ASP A 75 -2.32 10.38 -7.59
CA ASP A 75 -2.10 9.29 -6.65
C ASP A 75 -2.85 8.04 -7.08
N ALA A 76 -3.96 8.24 -7.77
CA ALA A 76 -4.77 7.12 -8.26
C ALA A 76 -3.97 6.21 -9.19
N ALA A 77 -3.35 5.19 -8.62
CA ALA A 77 -2.56 4.25 -9.41
C ALA A 77 -2.63 2.85 -8.82
N GLU A 78 -2.12 1.88 -9.57
CA GLU A 78 -2.13 0.48 -9.12
C GLU A 78 -1.02 0.23 -8.11
N TYR A 79 -1.41 0.10 -6.84
CA TYR A 79 -0.45 -0.14 -5.77
C TYR A 79 -0.19 -1.63 -5.60
N SER A 80 1.03 -2.05 -5.92
CA SER A 80 1.41 -3.45 -5.80
C SER A 80 2.63 -3.62 -4.90
N VAL A 81 2.57 -4.59 -4.01
CA VAL A 81 3.67 -4.86 -3.08
C VAL A 81 4.53 -6.03 -3.55
N MET A 82 5.71 -6.17 -2.98
CA MET A 82 6.62 -7.25 -3.34
C MET A 82 7.44 -7.70 -2.14
N THR A 83 7.31 -8.97 -1.79
CA THR A 83 8.04 -9.53 -0.65
C THR A 83 9.07 -10.57 -1.10
N THR A 84 9.73 -11.20 -0.15
CA THR A 84 10.72 -12.22 -0.45
C THR A 84 10.14 -13.34 -1.30
N GLY A 85 8.87 -13.64 -1.07
CA GLY A 85 8.21 -14.69 -1.82
C GLY A 85 6.72 -14.47 -1.96
N GLY A 86 6.34 -13.24 -2.30
CA GLY A 86 4.93 -12.91 -2.46
C GLY A 86 4.73 -11.56 -3.13
N GLN A 87 3.54 -11.36 -3.68
CA GLN A 87 3.22 -10.11 -4.36
C GLN A 87 1.71 -9.84 -4.31
N SER A 88 1.34 -8.57 -4.31
CA SER A 88 -0.06 -8.18 -4.27
C SER A 88 -0.30 -6.93 -5.12
N SER A 89 -1.56 -6.69 -5.46
CA SER A 89 -1.93 -5.54 -6.28
C SER A 89 -3.30 -5.01 -5.88
N ALA A 90 -3.48 -3.70 -5.97
CA ALA A 90 -4.75 -3.07 -5.63
C ALA A 90 -4.97 -1.80 -6.44
N LYS A 91 -6.22 -1.54 -6.80
CA LYS A 91 -6.57 -0.36 -7.58
C LYS A 91 -7.07 0.75 -6.68
N LEU A 92 -6.50 1.95 -6.83
CA LEU A 92 -6.91 3.09 -6.03
C LEU A 92 -7.54 4.18 -6.90
N SER A 93 -8.86 4.33 -6.76
CA SER A 93 -9.60 5.33 -7.54
C SER A 93 -9.83 6.59 -6.72
N VAL A 94 -9.19 7.68 -7.13
CA VAL A 94 -9.33 8.96 -6.44
C VAL A 94 -10.38 9.84 -7.11
N ASP A 95 -11.41 10.20 -6.35
CA ASP A 95 -12.49 11.04 -6.87
C ASP A 95 -12.42 12.44 -6.28
N LEU A 96 -12.83 13.43 -7.05
CA LEU A 96 -12.81 14.82 -6.60
C LEU A 96 -14.11 15.18 -5.88
N LYS A 97 -14.02 15.45 -4.59
CA LYS A 97 -15.19 15.81 -3.80
C LYS A 97 -15.35 17.32 -3.72
N SER A 98 -16.60 17.77 -3.60
CA SER A 98 -16.90 19.19 -3.53
C SER A 98 -17.53 19.55 -2.18
N GLY A 99 -16.72 20.09 -1.28
CA GLY A 99 -17.21 20.47 0.03
C GLY A 99 -18.21 21.62 -0.03
N PRO A 100 -18.36 22.32 1.10
CA PRO A 100 -19.28 23.46 1.20
C PRO A 100 -18.81 24.66 0.40
N SER A 101 -17.49 24.75 0.20
CA SER A 101 -16.90 25.85 -0.55
C SER A 101 -17.73 26.17 -1.79
N SER A 102 -17.97 27.45 -2.03
CA SER A 102 -18.74 27.89 -3.18
C SER A 102 -17.93 27.77 -4.47
N GLY A 103 -18.45 27.02 -5.42
CA GLY A 103 -17.76 26.84 -6.68
C GLY A 103 -17.46 28.15 -7.38
N GLY A 1 7.61 -27.63 -5.90
CA GLY A 1 8.08 -26.30 -5.59
C GLY A 1 9.53 -26.09 -5.96
N SER A 2 9.81 -25.00 -6.66
CA SER A 2 11.17 -24.69 -7.08
C SER A 2 12.05 -24.36 -5.88
N SER A 3 13.20 -25.02 -5.81
CA SER A 3 14.13 -24.80 -4.71
C SER A 3 14.25 -23.32 -4.38
N GLY A 4 14.48 -23.02 -3.10
CA GLY A 4 14.61 -21.64 -2.67
C GLY A 4 14.53 -21.49 -1.17
N SER A 5 14.86 -20.30 -0.68
CA SER A 5 14.83 -20.03 0.76
C SER A 5 13.40 -19.76 1.22
N SER A 6 13.23 -19.66 2.54
CA SER A 6 11.92 -19.41 3.12
C SER A 6 11.39 -18.04 2.69
N GLY A 7 10.62 -18.04 1.60
CA GLY A 7 10.06 -16.80 1.10
C GLY A 7 8.86 -16.34 1.90
N ILE A 8 8.44 -15.10 1.68
CA ILE A 8 7.29 -14.54 2.38
C ILE A 8 6.06 -14.49 1.48
N MET A 9 5.00 -15.18 1.90
CA MET A 9 3.76 -15.21 1.13
C MET A 9 2.74 -14.25 1.72
N VAL A 10 2.02 -13.54 0.85
CA VAL A 10 1.00 -12.59 1.29
C VAL A 10 -0.29 -13.31 1.69
N THR A 11 -0.47 -13.48 3.00
CA THR A 11 -1.66 -14.16 3.52
C THR A 11 -2.92 -13.36 3.22
N LYS A 12 -2.83 -12.03 3.35
CA LYS A 12 -3.96 -11.16 3.10
C LYS A 12 -3.65 -10.20 1.94
N GLN A 13 -4.16 -10.52 0.77
CA GLN A 13 -3.95 -9.69 -0.42
C GLN A 13 -4.56 -8.30 -0.22
N LEU A 14 -4.00 -7.31 -0.93
CA LEU A 14 -4.50 -5.94 -0.84
C LEU A 14 -5.95 -5.85 -1.28
N GLU A 15 -6.63 -4.80 -0.83
CA GLU A 15 -8.03 -4.60 -1.19
C GLU A 15 -8.24 -3.23 -1.84
N ASP A 16 -8.96 -3.21 -2.95
CA ASP A 16 -9.22 -1.96 -3.66
C ASP A 16 -9.74 -0.89 -2.70
N THR A 17 -9.23 0.33 -2.86
CA THR A 17 -9.63 1.44 -2.01
C THR A 17 -10.10 2.62 -2.84
N THR A 18 -11.05 3.39 -2.30
CA THR A 18 -11.58 4.55 -3.00
C THR A 18 -11.49 5.80 -2.13
N ALA A 19 -10.57 6.70 -2.48
CA ALA A 19 -10.39 7.93 -1.73
C ALA A 19 -10.70 9.15 -2.60
N TYR A 20 -10.66 10.34 -1.99
CA TYR A 20 -10.94 11.57 -2.70
C TYR A 20 -9.69 12.44 -2.81
N CYS A 21 -9.81 13.56 -3.51
CA CYS A 21 -8.68 14.48 -3.69
C CYS A 21 -8.35 15.19 -2.38
N GLY A 22 -7.24 14.80 -1.76
CA GLY A 22 -6.84 15.41 -0.51
C GLY A 22 -7.04 14.49 0.68
N GLU A 23 -7.61 13.32 0.43
CA GLU A 23 -7.86 12.35 1.48
C GLU A 23 -6.64 11.46 1.71
N ARG A 24 -6.62 10.77 2.85
CA ARG A 24 -5.51 9.89 3.19
C ARG A 24 -5.90 8.42 2.99
N VAL A 25 -5.18 7.73 2.11
CA VAL A 25 -5.45 6.33 1.83
C VAL A 25 -4.59 5.42 2.70
N GLU A 26 -5.17 4.32 3.16
CA GLU A 26 -4.45 3.37 4.00
C GLU A 26 -4.65 1.94 3.49
N LEU A 27 -3.57 1.36 2.98
CA LEU A 27 -3.62 -0.01 2.46
C LEU A 27 -3.03 -0.99 3.46
N GLU A 28 -3.88 -1.85 4.01
CA GLU A 28 -3.45 -2.85 4.98
C GLU A 28 -3.29 -4.21 4.32
N CYS A 29 -2.33 -4.99 4.82
CA CYS A 29 -2.07 -6.32 4.27
C CYS A 29 -1.32 -7.19 5.29
N GLU A 30 -1.33 -8.50 5.07
CA GLU A 30 -0.65 -9.43 5.96
C GLU A 30 0.32 -10.31 5.19
N VAL A 31 1.34 -10.81 5.89
CA VAL A 31 2.34 -11.67 5.26
C VAL A 31 2.53 -12.95 6.05
N SER A 32 3.29 -13.89 5.50
CA SER A 32 3.54 -15.16 6.16
C SER A 32 4.49 -14.98 7.34
N GLU A 33 5.44 -14.06 7.20
CA GLU A 33 6.39 -13.79 8.26
C GLU A 33 5.98 -12.58 9.09
N ASP A 34 6.66 -12.36 10.20
CA ASP A 34 6.35 -11.24 11.08
C ASP A 34 7.40 -10.14 10.93
N ASP A 35 7.00 -8.91 11.25
CA ASP A 35 7.91 -7.76 11.15
C ASP A 35 8.75 -7.85 9.88
N ALA A 36 8.16 -8.39 8.82
CA ALA A 36 8.85 -8.54 7.55
C ALA A 36 9.05 -7.17 6.88
N ASN A 37 9.77 -7.16 5.77
CA ASN A 37 10.02 -5.92 5.03
C ASN A 37 9.50 -6.02 3.61
N VAL A 38 8.26 -5.60 3.40
CA VAL A 38 7.64 -5.64 2.09
C VAL A 38 7.99 -4.39 1.28
N LYS A 39 7.84 -4.49 -0.04
CA LYS A 39 8.14 -3.38 -0.92
C LYS A 39 6.89 -2.90 -1.65
N TRP A 40 6.48 -1.67 -1.38
CA TRP A 40 5.29 -1.11 -2.01
C TRP A 40 5.65 -0.40 -3.30
N PHE A 41 4.91 -0.68 -4.36
CA PHE A 41 5.15 -0.08 -5.66
C PHE A 41 3.88 0.58 -6.20
N LYS A 42 4.05 1.77 -6.78
CA LYS A 42 2.92 2.52 -7.33
C LYS A 42 2.90 2.41 -8.85
N ASN A 43 2.19 1.41 -9.36
CA ASN A 43 2.08 1.21 -10.80
C ASN A 43 3.39 0.69 -11.38
N GLY A 44 4.10 -0.13 -10.60
CA GLY A 44 5.36 -0.68 -11.04
C GLY A 44 6.55 0.06 -10.46
N GLU A 45 6.38 1.35 -10.20
CA GLU A 45 7.44 2.18 -9.64
C GLU A 45 7.69 1.82 -8.18
N GLU A 46 8.93 2.01 -7.73
CA GLU A 46 9.30 1.71 -6.35
C GLU A 46 9.13 2.95 -5.47
N ILE A 47 8.40 2.78 -4.36
CA ILE A 47 8.18 3.89 -3.43
C ILE A 47 9.27 3.94 -2.36
N ILE A 48 9.76 5.14 -2.09
CA ILE A 48 10.80 5.34 -1.09
C ILE A 48 10.36 6.35 -0.04
N PRO A 49 9.81 5.85 1.08
CA PRO A 49 9.36 6.70 2.18
C PRO A 49 10.51 7.35 2.92
N GLY A 50 10.19 7.98 4.06
CA GLY A 50 11.22 8.64 4.85
C GLY A 50 10.70 9.87 5.57
N PRO A 51 11.62 10.68 6.10
CA PRO A 51 11.26 11.91 6.83
C PRO A 51 10.72 12.99 5.90
N LYS A 52 9.54 13.51 6.24
CA LYS A 52 8.91 14.55 5.44
C LYS A 52 8.54 14.03 4.06
N SER A 53 8.07 12.78 4.01
CA SER A 53 7.67 12.16 2.75
C SER A 53 6.16 11.96 2.68
N ARG A 54 5.65 11.76 1.48
CA ARG A 54 4.22 11.56 1.27
C ARG A 54 3.81 10.15 1.68
N TYR A 55 4.60 9.17 1.24
CA TYR A 55 4.31 7.77 1.56
C TYR A 55 5.00 7.35 2.86
N ARG A 56 4.28 6.61 3.69
CA ARG A 56 4.82 6.15 4.96
C ARG A 56 4.49 4.68 5.19
N ILE A 57 5.49 3.82 5.08
CA ILE A 57 5.30 2.39 5.27
C ILE A 57 5.52 2.00 6.73
N ARG A 58 4.45 1.58 7.40
CA ARG A 58 4.53 1.18 8.79
C ARG A 58 4.38 -0.33 8.94
N VAL A 59 5.04 -0.90 9.95
CA VAL A 59 4.98 -2.33 10.20
C VAL A 59 4.35 -2.64 11.56
N GLU A 60 3.20 -3.31 11.53
CA GLU A 60 2.51 -3.65 12.76
C GLU A 60 2.31 -5.17 12.86
N GLY A 61 3.05 -5.80 13.76
CA GLY A 61 2.94 -7.23 13.93
C GLY A 61 3.28 -8.00 12.68
N LYS A 62 2.27 -8.63 12.08
CA LYS A 62 2.46 -9.40 10.86
C LYS A 62 1.68 -8.80 9.70
N LYS A 63 1.27 -7.53 9.87
CA LYS A 63 0.51 -6.84 8.83
C LYS A 63 1.09 -5.45 8.57
N HIS A 64 1.23 -5.09 7.30
CA HIS A 64 1.77 -3.80 6.92
C HIS A 64 0.65 -2.80 6.62
N ILE A 65 0.99 -1.53 6.55
CA ILE A 65 0.02 -0.48 6.27
C ILE A 65 0.66 0.68 5.53
N LEU A 66 0.28 0.85 4.27
CA LEU A 66 0.82 1.94 3.45
C LEU A 66 -0.13 3.14 3.44
N ILE A 67 0.24 4.19 4.18
CA ILE A 67 -0.57 5.39 4.25
C ILE A 67 -0.10 6.43 3.24
N ILE A 68 -1.06 7.11 2.61
CA ILE A 68 -0.75 8.13 1.63
C ILE A 68 -1.34 9.48 2.02
N GLU A 69 -0.48 10.48 2.16
CA GLU A 69 -0.92 11.82 2.54
C GLU A 69 -1.27 12.64 1.31
N GLY A 70 -2.56 12.82 1.06
CA GLY A 70 -3.00 13.59 -0.08
C GLY A 70 -3.17 12.74 -1.32
N ALA A 71 -4.28 12.03 -1.41
CA ALA A 71 -4.55 11.16 -2.55
C ALA A 71 -5.09 11.96 -3.73
N THR A 72 -4.25 12.19 -4.73
CA THR A 72 -4.65 12.95 -5.92
C THR A 72 -4.79 12.04 -7.13
N LYS A 73 -5.37 12.58 -8.20
CA LYS A 73 -5.56 11.81 -9.42
C LYS A 73 -4.27 11.13 -9.85
N ALA A 74 -3.14 11.79 -9.59
CA ALA A 74 -1.84 11.24 -9.94
C ALA A 74 -1.52 10.00 -9.12
N ASP A 75 -1.87 10.05 -7.84
CA ASP A 75 -1.63 8.91 -6.95
C ASP A 75 -2.53 7.74 -7.30
N ALA A 76 -3.62 8.02 -8.00
CA ALA A 76 -4.56 6.99 -8.41
C ALA A 76 -3.91 5.99 -9.36
N ALA A 77 -3.33 4.94 -8.81
CA ALA A 77 -2.67 3.92 -9.61
C ALA A 77 -2.74 2.55 -8.94
N GLU A 78 -2.33 1.51 -9.65
CA GLU A 78 -2.35 0.16 -9.13
C GLU A 78 -1.21 -0.05 -8.14
N TYR A 79 -1.56 -0.14 -6.85
CA TYR A 79 -0.57 -0.34 -5.80
C TYR A 79 -0.28 -1.82 -5.60
N SER A 80 0.93 -2.24 -5.95
CA SER A 80 1.33 -3.63 -5.80
C SER A 80 2.53 -3.76 -4.89
N VAL A 81 2.47 -4.72 -3.96
CA VAL A 81 3.56 -4.94 -3.02
C VAL A 81 4.43 -6.11 -3.45
N MET A 82 5.67 -6.14 -2.98
CA MET A 82 6.59 -7.21 -3.32
C MET A 82 7.33 -7.72 -2.09
N THR A 83 7.36 -9.03 -1.92
CA THR A 83 8.03 -9.63 -0.77
C THR A 83 9.10 -10.63 -1.21
N THR A 84 9.84 -11.18 -0.25
CA THR A 84 10.88 -12.14 -0.55
C THR A 84 10.31 -13.41 -1.17
N GLY A 85 8.98 -13.49 -1.21
CA GLY A 85 8.33 -14.65 -1.80
C GLY A 85 6.84 -14.46 -1.96
N GLY A 86 6.45 -13.27 -2.42
CA GLY A 86 5.04 -12.98 -2.62
C GLY A 86 4.81 -11.62 -3.26
N GLN A 87 3.64 -11.45 -3.88
CA GLN A 87 3.31 -10.19 -4.53
C GLN A 87 1.80 -9.98 -4.55
N SER A 88 1.39 -8.71 -4.42
CA SER A 88 -0.04 -8.38 -4.43
C SER A 88 -0.29 -7.12 -5.25
N SER A 89 -1.55 -6.91 -5.61
CA SER A 89 -1.93 -5.74 -6.41
C SER A 89 -3.30 -5.22 -5.99
N ALA A 90 -3.50 -3.92 -6.14
CA ALA A 90 -4.77 -3.29 -5.78
C ALA A 90 -5.02 -2.03 -6.61
N LYS A 91 -6.28 -1.62 -6.68
CA LYS A 91 -6.65 -0.44 -7.44
C LYS A 91 -7.08 0.70 -6.51
N LEU A 92 -6.66 1.91 -6.84
CA LEU A 92 -6.98 3.09 -6.03
C LEU A 92 -7.58 4.19 -6.90
N SER A 93 -8.83 4.56 -6.60
CA SER A 93 -9.52 5.60 -7.35
C SER A 93 -9.58 6.90 -6.55
N VAL A 94 -9.40 8.03 -7.23
CA VAL A 94 -9.44 9.33 -6.59
C VAL A 94 -10.58 10.19 -7.14
N ASP A 95 -11.48 10.61 -6.27
CA ASP A 95 -12.60 11.44 -6.66
C ASP A 95 -12.46 12.86 -6.13
N LEU A 96 -13.29 13.77 -6.63
CA LEU A 96 -13.24 15.16 -6.21
C LEU A 96 -14.43 15.49 -5.31
N LYS A 97 -14.14 15.98 -4.10
CA LYS A 97 -15.17 16.34 -3.15
C LYS A 97 -15.59 17.80 -3.32
N SER A 98 -16.57 18.02 -4.19
CA SER A 98 -17.06 19.38 -4.45
C SER A 98 -18.51 19.35 -4.93
N GLY A 99 -19.43 19.76 -4.06
CA GLY A 99 -20.83 19.77 -4.41
C GLY A 99 -21.70 20.35 -3.32
N PRO A 100 -23.03 20.23 -3.48
CA PRO A 100 -24.00 20.75 -2.51
C PRO A 100 -23.98 19.97 -1.21
N SER A 101 -24.77 20.42 -0.24
CA SER A 101 -24.86 19.76 1.05
C SER A 101 -26.31 19.52 1.45
N SER A 102 -26.68 18.25 1.54
CA SER A 102 -28.04 17.88 1.91
C SER A 102 -28.47 18.56 3.21
N GLY A 103 -29.77 18.58 3.46
CA GLY A 103 -30.29 19.21 4.66
C GLY A 103 -30.35 20.73 4.55
N GLY A 1 19.91 -31.88 4.59
CA GLY A 1 20.40 -30.54 4.29
C GLY A 1 20.21 -30.18 2.83
N SER A 2 19.74 -28.96 2.58
CA SER A 2 19.51 -28.49 1.21
C SER A 2 19.44 -26.97 1.17
N SER A 3 19.48 -26.41 -0.04
CA SER A 3 19.41 -24.97 -0.21
C SER A 3 17.96 -24.50 -0.32
N GLY A 4 17.20 -24.74 0.73
CA GLY A 4 15.80 -24.34 0.73
C GLY A 4 15.63 -22.85 0.54
N SER A 5 14.93 -22.46 -0.53
CA SER A 5 14.70 -21.06 -0.82
C SER A 5 13.54 -20.51 0.00
N SER A 6 13.85 -20.03 1.20
CA SER A 6 12.83 -19.48 2.10
C SER A 6 12.31 -18.15 1.57
N GLY A 7 11.03 -17.87 1.81
CA GLY A 7 10.44 -16.64 1.36
C GLY A 7 9.17 -16.28 2.12
N ILE A 8 8.62 -15.11 1.84
CA ILE A 8 7.41 -14.66 2.50
C ILE A 8 6.25 -14.52 1.50
N MET A 9 5.11 -15.10 1.85
CA MET A 9 3.93 -15.04 0.98
C MET A 9 2.86 -14.15 1.59
N VAL A 10 2.28 -13.29 0.76
CA VAL A 10 1.23 -12.38 1.21
C VAL A 10 -0.10 -13.10 1.36
N THR A 11 -0.46 -13.44 2.60
CA THR A 11 -1.70 -14.13 2.88
C THR A 11 -2.90 -13.26 2.54
N LYS A 12 -2.91 -12.04 3.07
CA LYS A 12 -4.00 -11.10 2.82
C LYS A 12 -3.67 -10.17 1.66
N GLN A 13 -4.17 -10.50 0.48
CA GLN A 13 -3.93 -9.69 -0.71
C GLN A 13 -4.51 -8.29 -0.55
N LEU A 14 -3.99 -7.35 -1.32
CA LEU A 14 -4.46 -5.96 -1.26
C LEU A 14 -5.85 -5.84 -1.88
N GLU A 15 -6.73 -5.09 -1.20
CA GLU A 15 -8.08 -4.89 -1.69
C GLU A 15 -8.25 -3.50 -2.30
N ASP A 16 -9.13 -3.40 -3.29
CA ASP A 16 -9.37 -2.14 -3.97
C ASP A 16 -9.94 -1.10 -3.00
N THR A 17 -9.34 0.09 -3.00
CA THR A 17 -9.77 1.16 -2.12
C THR A 17 -10.24 2.38 -2.91
N THR A 18 -11.16 3.14 -2.34
CA THR A 18 -11.69 4.33 -2.99
C THR A 18 -11.64 5.54 -2.07
N ALA A 19 -10.68 6.42 -2.30
CA ALA A 19 -10.52 7.62 -1.49
C ALA A 19 -10.89 8.87 -2.27
N TYR A 20 -10.82 10.03 -1.62
CA TYR A 20 -11.14 11.29 -2.26
C TYR A 20 -9.88 12.14 -2.45
N CYS A 21 -9.96 13.12 -3.36
CA CYS A 21 -8.84 13.99 -3.64
C CYS A 21 -8.39 14.72 -2.37
N GLY A 22 -7.17 14.43 -1.93
CA GLY A 22 -6.64 15.06 -0.74
C GLY A 22 -6.67 14.14 0.47
N GLU A 23 -7.70 13.30 0.55
CA GLU A 23 -7.85 12.38 1.66
C GLU A 23 -6.61 11.48 1.78
N ARG A 24 -6.49 10.82 2.93
CA ARG A 24 -5.35 9.93 3.18
C ARG A 24 -5.73 8.48 2.91
N VAL A 25 -4.94 7.82 2.07
CA VAL A 25 -5.19 6.42 1.73
C VAL A 25 -4.36 5.49 2.59
N GLU A 26 -5.00 4.46 3.12
CA GLU A 26 -4.32 3.49 3.97
C GLU A 26 -4.61 2.06 3.52
N LEU A 27 -3.59 1.39 2.98
CA LEU A 27 -3.74 0.03 2.50
C LEU A 27 -3.16 -0.97 3.51
N GLU A 28 -4.02 -1.86 4.00
CA GLU A 28 -3.59 -2.87 4.97
C GLU A 28 -3.37 -4.22 4.28
N CYS A 29 -2.40 -4.96 4.77
CA CYS A 29 -2.08 -6.28 4.21
C CYS A 29 -1.36 -7.15 5.24
N GLU A 30 -1.34 -8.45 4.99
CA GLU A 30 -0.68 -9.40 5.89
C GLU A 30 0.30 -10.30 5.13
N VAL A 31 1.28 -10.82 5.84
CA VAL A 31 2.27 -11.70 5.23
C VAL A 31 2.38 -13.02 6.00
N SER A 32 3.14 -13.96 5.43
CA SER A 32 3.32 -15.26 6.06
C SER A 32 4.19 -15.14 7.31
N GLU A 33 5.14 -14.21 7.28
CA GLU A 33 6.02 -14.00 8.42
C GLU A 33 5.61 -12.76 9.22
N ASP A 34 6.28 -12.53 10.33
CA ASP A 34 5.99 -11.39 11.18
C ASP A 34 7.08 -10.33 11.07
N ASP A 35 6.75 -9.11 11.47
CA ASP A 35 7.70 -8.00 11.41
C ASP A 35 8.57 -8.10 10.16
N ALA A 36 7.93 -8.34 9.02
CA ALA A 36 8.65 -8.46 7.75
C ALA A 36 8.80 -7.10 7.09
N ASN A 37 9.62 -7.04 6.04
CA ASN A 37 9.86 -5.81 5.32
C ASN A 37 9.39 -5.93 3.86
N VAL A 38 8.15 -5.53 3.61
CA VAL A 38 7.58 -5.59 2.27
C VAL A 38 8.00 -4.39 1.44
N LYS A 39 7.90 -4.53 0.12
CA LYS A 39 8.27 -3.44 -0.79
C LYS A 39 7.06 -2.98 -1.60
N TRP A 40 6.61 -1.76 -1.34
CA TRP A 40 5.46 -1.20 -2.04
C TRP A 40 5.91 -0.52 -3.34
N PHE A 41 5.14 -0.73 -4.40
CA PHE A 41 5.45 -0.14 -5.69
C PHE A 41 4.23 0.56 -6.28
N LYS A 42 4.44 1.74 -6.85
CA LYS A 42 3.37 2.51 -7.44
C LYS A 42 3.35 2.35 -8.96
N ASN A 43 2.46 1.48 -9.45
CA ASN A 43 2.35 1.24 -10.88
C ASN A 43 3.63 0.62 -11.43
N GLY A 44 4.34 -0.12 -10.59
CA GLY A 44 5.57 -0.75 -11.01
C GLY A 44 6.80 -0.08 -10.41
N GLU A 45 6.70 1.22 -10.19
CA GLU A 45 7.81 1.97 -9.62
C GLU A 45 7.96 1.70 -8.13
N GLU A 46 9.20 1.71 -7.65
CA GLU A 46 9.48 1.45 -6.24
C GLU A 46 9.26 2.71 -5.40
N ILE A 47 8.53 2.57 -4.31
CA ILE A 47 8.24 3.69 -3.42
C ILE A 47 9.31 3.82 -2.34
N ILE A 48 9.75 5.04 -2.09
CA ILE A 48 10.76 5.31 -1.07
C ILE A 48 10.26 6.31 -0.04
N PRO A 49 9.63 5.80 1.03
CA PRO A 49 9.10 6.64 2.11
C PRO A 49 10.21 7.29 2.94
N GLY A 50 9.80 8.11 3.91
CA GLY A 50 10.77 8.78 4.76
C GLY A 50 10.19 9.98 5.47
N PRO A 51 11.06 10.81 6.06
CA PRO A 51 10.64 12.01 6.78
C PRO A 51 10.11 13.09 5.85
N LYS A 52 10.64 13.13 4.64
CA LYS A 52 10.21 14.11 3.65
C LYS A 52 9.24 13.49 2.64
N SER A 53 9.52 12.26 2.25
CA SER A 53 8.67 11.54 1.29
C SER A 53 7.21 11.65 1.69
N ARG A 54 6.33 11.39 0.73
CA ARG A 54 4.89 11.45 0.97
C ARG A 54 4.37 10.11 1.49
N TYR A 55 4.93 9.03 0.97
CA TYR A 55 4.51 7.69 1.38
C TYR A 55 5.21 7.27 2.67
N ARG A 56 4.52 6.49 3.48
CA ARG A 56 5.07 6.02 4.75
C ARG A 56 4.66 4.57 5.02
N ILE A 57 5.62 3.66 4.96
CA ILE A 57 5.35 2.25 5.20
C ILE A 57 5.43 1.92 6.68
N ARG A 58 4.27 1.66 7.29
CA ARG A 58 4.20 1.33 8.71
C ARG A 58 4.11 -0.18 8.91
N VAL A 59 4.78 -0.67 9.95
CA VAL A 59 4.77 -2.09 10.25
C VAL A 59 4.04 -2.37 11.56
N GLU A 60 2.96 -3.15 11.48
CA GLU A 60 2.18 -3.49 12.66
C GLU A 60 1.99 -5.00 12.77
N GLY A 61 2.76 -5.62 13.66
CA GLY A 61 2.65 -7.06 13.85
C GLY A 61 2.99 -7.84 12.58
N LYS A 62 2.03 -8.63 12.12
CA LYS A 62 2.23 -9.43 10.91
C LYS A 62 1.52 -8.80 9.72
N LYS A 63 1.07 -7.56 9.89
CA LYS A 63 0.38 -6.84 8.82
C LYS A 63 1.01 -5.47 8.59
N HIS A 64 1.04 -5.05 7.33
CA HIS A 64 1.61 -3.75 6.97
C HIS A 64 0.52 -2.75 6.64
N ILE A 65 0.88 -1.47 6.64
CA ILE A 65 -0.08 -0.42 6.34
C ILE A 65 0.60 0.74 5.60
N LEU A 66 0.23 0.91 4.33
CA LEU A 66 0.79 1.98 3.52
C LEU A 66 -0.11 3.21 3.53
N ILE A 67 0.38 4.28 4.17
CA ILE A 67 -0.38 5.53 4.26
C ILE A 67 0.10 6.54 3.21
N ILE A 68 -0.85 7.24 2.61
CA ILE A 68 -0.52 8.25 1.60
C ILE A 68 -1.09 9.61 1.97
N GLU A 69 -0.24 10.49 2.48
CA GLU A 69 -0.66 11.83 2.87
C GLU A 69 -1.02 12.67 1.65
N GLY A 70 -2.31 12.87 1.43
CA GLY A 70 -2.75 13.66 0.29
C GLY A 70 -2.94 12.81 -0.96
N ALA A 71 -4.07 12.14 -1.05
CA ALA A 71 -4.38 11.29 -2.20
C ALA A 71 -5.01 12.11 -3.33
N THR A 72 -4.18 12.61 -4.23
CA THR A 72 -4.66 13.41 -5.36
C THR A 72 -5.06 12.52 -6.54
N LYS A 73 -5.74 13.11 -7.51
CA LYS A 73 -6.17 12.36 -8.69
C LYS A 73 -5.00 11.61 -9.32
N ALA A 74 -3.80 12.14 -9.14
CA ALA A 74 -2.60 11.52 -9.69
C ALA A 74 -2.24 10.26 -8.91
N ASP A 75 -2.43 10.31 -7.61
CA ASP A 75 -2.12 9.16 -6.75
C ASP A 75 -2.84 7.91 -7.24
N ALA A 76 -4.07 8.08 -7.70
CA ALA A 76 -4.86 6.96 -8.20
C ALA A 76 -4.04 6.09 -9.15
N ALA A 77 -3.44 5.05 -8.62
CA ALA A 77 -2.62 4.14 -9.42
C ALA A 77 -2.65 2.72 -8.85
N GLU A 78 -2.13 1.77 -9.62
CA GLU A 78 -2.09 0.38 -9.18
C GLU A 78 -0.96 0.16 -8.18
N TYR A 79 -1.33 0.04 -6.91
CA TYR A 79 -0.34 -0.17 -5.85
C TYR A 79 -0.10 -1.66 -5.64
N SER A 80 1.10 -2.11 -5.99
CA SER A 80 1.48 -3.52 -5.83
C SER A 80 2.67 -3.66 -4.90
N VAL A 81 2.58 -4.62 -3.98
CA VAL A 81 3.66 -4.87 -3.03
C VAL A 81 4.51 -6.06 -3.46
N MET A 82 5.70 -6.16 -2.89
CA MET A 82 6.62 -7.25 -3.22
C MET A 82 7.44 -7.66 -1.99
N THR A 83 7.09 -8.80 -1.41
CA THR A 83 7.80 -9.31 -0.24
C THR A 83 8.95 -10.23 -0.63
N THR A 84 9.65 -10.76 0.36
CA THR A 84 10.76 -11.66 0.13
C THR A 84 10.37 -12.76 -0.87
N GLY A 85 9.11 -13.16 -0.83
CA GLY A 85 8.64 -14.20 -1.73
C GLY A 85 7.16 -14.08 -2.04
N GLY A 86 6.66 -12.85 -2.02
CA GLY A 86 5.26 -12.61 -2.30
C GLY A 86 5.02 -11.34 -3.08
N GLN A 87 3.84 -11.23 -3.69
CA GLN A 87 3.50 -10.05 -4.48
C GLN A 87 1.98 -9.87 -4.55
N SER A 88 1.54 -8.62 -4.52
CA SER A 88 0.12 -8.31 -4.57
C SER A 88 -0.13 -7.02 -5.36
N SER A 89 -1.37 -6.83 -5.80
CA SER A 89 -1.74 -5.65 -6.56
C SER A 89 -3.14 -5.18 -6.20
N ALA A 90 -3.32 -3.86 -6.15
CA ALA A 90 -4.62 -3.28 -5.81
C ALA A 90 -4.94 -2.10 -6.72
N LYS A 91 -6.19 -1.63 -6.65
CA LYS A 91 -6.62 -0.50 -7.46
C LYS A 91 -7.17 0.62 -6.58
N LEU A 92 -6.58 1.81 -6.71
CA LEU A 92 -7.01 2.96 -5.93
C LEU A 92 -7.76 3.96 -6.81
N SER A 93 -8.90 4.43 -6.33
CA SER A 93 -9.72 5.39 -7.07
C SER A 93 -9.88 6.68 -6.28
N VAL A 94 -9.58 7.80 -6.93
CA VAL A 94 -9.70 9.11 -6.28
C VAL A 94 -10.80 9.94 -6.92
N ASP A 95 -11.72 10.45 -6.09
CA ASP A 95 -12.82 11.26 -6.58
C ASP A 95 -12.81 12.64 -5.91
N LEU A 96 -13.47 13.60 -6.57
CA LEU A 96 -13.54 14.96 -6.03
C LEU A 96 -14.76 15.14 -5.15
N LYS A 97 -14.53 15.18 -3.84
CA LYS A 97 -15.61 15.35 -2.87
C LYS A 97 -16.38 16.64 -3.13
N SER A 98 -17.71 16.55 -3.06
CA SER A 98 -18.55 17.72 -3.30
C SER A 98 -20.01 17.40 -2.96
N GLY A 99 -20.71 18.40 -2.42
CA GLY A 99 -22.10 18.21 -2.06
C GLY A 99 -23.05 18.86 -3.04
N PRO A 100 -24.24 19.25 -2.56
CA PRO A 100 -25.26 19.90 -3.39
C PRO A 100 -24.86 21.31 -3.81
N SER A 101 -24.14 21.41 -4.92
CA SER A 101 -23.69 22.71 -5.42
C SER A 101 -22.79 23.40 -4.40
N SER A 102 -21.95 22.62 -3.73
CA SER A 102 -21.03 23.15 -2.73
C SER A 102 -19.68 23.46 -3.35
N GLY A 103 -19.14 22.51 -4.12
CA GLY A 103 -17.85 22.71 -4.75
C GLY A 103 -17.90 22.43 -6.24
N GLY A 1 15.33 -16.27 13.89
CA GLY A 1 15.86 -17.26 12.97
C GLY A 1 15.16 -17.25 11.62
N SER A 2 15.77 -17.88 10.63
CA SER A 2 15.19 -17.93 9.29
C SER A 2 14.60 -19.31 9.01
N SER A 3 15.15 -20.33 9.66
CA SER A 3 14.68 -21.70 9.48
C SER A 3 14.23 -21.93 8.04
N GLY A 4 15.11 -21.61 7.09
CA GLY A 4 14.79 -21.78 5.69
C GLY A 4 14.34 -20.50 5.03
N SER A 5 14.70 -20.33 3.75
CA SER A 5 14.34 -19.14 3.01
C SER A 5 13.20 -19.42 2.03
N SER A 6 12.25 -20.25 2.46
CA SER A 6 11.12 -20.61 1.62
C SER A 6 10.51 -19.38 0.96
N GLY A 7 10.38 -18.30 1.73
CA GLY A 7 9.82 -17.08 1.20
C GLY A 7 8.62 -16.61 1.99
N ILE A 8 8.16 -15.39 1.71
CA ILE A 8 7.01 -14.82 2.41
C ILE A 8 5.79 -14.78 1.49
N MET A 9 4.67 -15.29 1.97
CA MET A 9 3.44 -15.30 1.20
C MET A 9 2.43 -14.30 1.76
N VAL A 10 1.79 -13.54 0.87
CA VAL A 10 0.81 -12.55 1.27
C VAL A 10 -0.51 -13.21 1.65
N THR A 11 -0.74 -13.38 2.95
CA THR A 11 -1.96 -14.00 3.44
C THR A 11 -3.18 -13.13 3.12
N LYS A 12 -3.05 -11.83 3.32
CA LYS A 12 -4.13 -10.89 3.06
C LYS A 12 -3.75 -9.92 1.95
N GLN A 13 -4.22 -10.19 0.75
CA GLN A 13 -3.93 -9.34 -0.40
C GLN A 13 -4.55 -7.95 -0.22
N LEU A 14 -4.18 -7.03 -1.09
CA LEU A 14 -4.69 -5.67 -1.03
C LEU A 14 -6.12 -5.59 -1.58
N GLU A 15 -6.90 -4.66 -1.06
CA GLU A 15 -8.28 -4.48 -1.50
C GLU A 15 -8.48 -3.11 -2.16
N ASP A 16 -9.22 -3.10 -3.25
CA ASP A 16 -9.49 -1.85 -3.97
C ASP A 16 -10.03 -0.78 -3.03
N THR A 17 -9.33 0.34 -2.97
CA THR A 17 -9.74 1.44 -2.09
C THR A 17 -10.09 2.69 -2.91
N THR A 18 -11.10 3.41 -2.47
CA THR A 18 -11.54 4.62 -3.16
C THR A 18 -11.47 5.83 -2.23
N ALA A 19 -10.57 6.76 -2.54
CA ALA A 19 -10.41 7.97 -1.74
C ALA A 19 -10.67 9.22 -2.57
N TYR A 20 -10.80 10.35 -1.90
CA TYR A 20 -11.06 11.62 -2.58
C TYR A 20 -9.79 12.46 -2.65
N CYS A 21 -9.82 13.47 -3.52
CA CYS A 21 -8.67 14.35 -3.68
C CYS A 21 -8.30 15.04 -2.37
N GLY A 22 -7.25 14.55 -1.72
CA GLY A 22 -6.83 15.12 -0.46
C GLY A 22 -7.08 14.20 0.72
N GLU A 23 -7.93 13.20 0.51
CA GLU A 23 -8.25 12.24 1.56
C GLU A 23 -7.04 11.41 1.94
N ARG A 24 -7.13 10.71 3.06
CA ARG A 24 -6.03 9.88 3.55
C ARG A 24 -6.26 8.42 3.18
N VAL A 25 -5.35 7.86 2.38
CA VAL A 25 -5.44 6.48 1.96
C VAL A 25 -4.66 5.56 2.88
N GLU A 26 -5.27 4.44 3.27
CA GLU A 26 -4.63 3.48 4.16
C GLU A 26 -4.81 2.06 3.64
N LEU A 27 -3.74 1.50 3.08
CA LEU A 27 -3.78 0.15 2.54
C LEU A 27 -3.16 -0.85 3.53
N GLU A 28 -3.98 -1.76 4.04
CA GLU A 28 -3.52 -2.76 4.99
C GLU A 28 -3.32 -4.11 4.31
N CYS A 29 -2.41 -4.92 4.85
CA CYS A 29 -2.14 -6.23 4.29
C CYS A 29 -1.43 -7.12 5.31
N GLU A 30 -1.46 -8.42 5.08
CA GLU A 30 -0.84 -9.38 5.98
C GLU A 30 0.08 -10.33 5.21
N VAL A 31 1.13 -10.80 5.88
CA VAL A 31 2.09 -11.71 5.26
C VAL A 31 2.22 -13.00 6.08
N SER A 32 3.13 -13.87 5.65
CA SER A 32 3.35 -15.14 6.33
C SER A 32 4.29 -14.95 7.52
N GLU A 33 5.33 -14.16 7.32
CA GLU A 33 6.31 -13.90 8.38
C GLU A 33 5.93 -12.65 9.18
N ASP A 34 6.64 -12.43 10.26
CA ASP A 34 6.38 -11.26 11.13
C ASP A 34 7.44 -10.19 10.93
N ASP A 35 7.14 -8.98 11.37
CA ASP A 35 8.07 -7.86 11.24
C ASP A 35 8.87 -7.97 9.95
N ALA A 36 8.21 -8.38 8.88
CA ALA A 36 8.86 -8.53 7.58
C ALA A 36 9.11 -7.17 6.93
N ASN A 37 9.67 -7.19 5.73
CA ASN A 37 9.96 -5.96 5.01
C ASN A 37 9.47 -6.04 3.57
N VAL A 38 8.22 -5.63 3.34
CA VAL A 38 7.63 -5.65 2.01
C VAL A 38 8.02 -4.41 1.22
N LYS A 39 7.92 -4.52 -0.11
CA LYS A 39 8.26 -3.40 -0.99
C LYS A 39 7.03 -2.90 -1.73
N TRP A 40 6.57 -1.71 -1.39
CA TRP A 40 5.40 -1.12 -2.04
C TRP A 40 5.80 -0.41 -3.33
N PHE A 41 5.11 -0.75 -4.42
CA PHE A 41 5.39 -0.14 -5.71
C PHE A 41 4.13 0.51 -6.29
N LYS A 42 4.31 1.69 -6.88
CA LYS A 42 3.19 2.43 -7.46
C LYS A 42 3.19 2.30 -8.99
N ASN A 43 2.35 1.40 -9.49
CA ASN A 43 2.25 1.17 -10.93
C ASN A 43 3.56 0.63 -11.49
N GLY A 44 4.33 -0.03 -10.63
CA GLY A 44 5.59 -0.60 -11.05
C GLY A 44 6.79 0.11 -10.44
N GLU A 45 6.63 1.40 -10.17
CA GLU A 45 7.70 2.20 -9.59
C GLU A 45 7.84 1.90 -8.10
N GLU A 46 9.06 2.03 -7.59
CA GLU A 46 9.33 1.77 -6.18
C GLU A 46 9.15 3.04 -5.35
N ILE A 47 8.41 2.90 -4.24
CA ILE A 47 8.17 4.04 -3.36
C ILE A 47 9.29 4.20 -2.35
N ILE A 48 9.65 5.45 -2.07
CA ILE A 48 10.71 5.75 -1.13
C ILE A 48 10.23 6.73 -0.05
N PRO A 49 9.70 6.18 1.05
CA PRO A 49 9.20 6.98 2.17
C PRO A 49 10.32 7.67 2.94
N GLY A 50 9.96 8.34 4.03
CA GLY A 50 10.95 9.03 4.84
C GLY A 50 10.38 10.25 5.53
N PRO A 51 11.26 11.06 6.13
CA PRO A 51 10.86 12.27 6.85
C PRO A 51 10.36 13.37 5.91
N LYS A 52 10.85 13.35 4.67
CA LYS A 52 10.45 14.33 3.67
C LYS A 52 9.76 13.65 2.49
N SER A 53 8.77 12.82 2.79
CA SER A 53 8.03 12.11 1.75
C SER A 53 6.54 12.09 2.06
N ARG A 54 5.76 11.61 1.10
CA ARG A 54 4.30 11.54 1.27
C ARG A 54 3.88 10.16 1.74
N TYR A 55 4.50 9.12 1.18
CA TYR A 55 4.17 7.75 1.54
C TYR A 55 4.91 7.33 2.81
N ARG A 56 4.23 6.61 3.69
CA ARG A 56 4.81 6.15 4.93
C ARG A 56 4.49 4.69 5.19
N ILE A 57 5.47 3.82 4.98
CA ILE A 57 5.28 2.38 5.18
C ILE A 57 5.45 2.01 6.65
N ARG A 58 4.43 1.36 7.22
CA ARG A 58 4.47 0.95 8.61
C ARG A 58 4.23 -0.55 8.74
N VAL A 59 5.05 -1.21 9.56
CA VAL A 59 4.93 -2.65 9.76
C VAL A 59 4.34 -2.96 11.13
N GLU A 60 3.11 -3.46 11.14
CA GLU A 60 2.43 -3.80 12.39
C GLU A 60 2.36 -5.32 12.58
N GLY A 61 3.29 -5.85 13.37
CA GLY A 61 3.33 -7.28 13.62
C GLY A 61 3.50 -8.08 12.35
N LYS A 62 2.41 -8.69 11.88
CA LYS A 62 2.45 -9.49 10.66
C LYS A 62 1.65 -8.83 9.54
N LYS A 63 1.22 -7.61 9.78
CA LYS A 63 0.45 -6.86 8.79
C LYS A 63 1.02 -5.46 8.60
N HIS A 64 1.12 -5.02 7.36
CA HIS A 64 1.65 -3.70 7.03
C HIS A 64 0.53 -2.73 6.68
N ILE A 65 0.84 -1.44 6.70
CA ILE A 65 -0.15 -0.42 6.38
C ILE A 65 0.49 0.74 5.63
N LEU A 66 0.18 0.84 4.33
CA LEU A 66 0.71 1.91 3.50
C LEU A 66 -0.18 3.14 3.54
N ILE A 67 0.19 4.11 4.36
CA ILE A 67 -0.58 5.35 4.48
C ILE A 67 -0.10 6.40 3.48
N ILE A 68 -1.05 6.98 2.75
CA ILE A 68 -0.72 8.00 1.76
C ILE A 68 -1.45 9.30 2.06
N GLU A 69 -0.73 10.26 2.62
CA GLU A 69 -1.31 11.57 2.96
C GLU A 69 -1.54 12.40 1.70
N GLY A 70 -2.76 12.92 1.56
CA GLY A 70 -3.09 13.72 0.41
C GLY A 70 -3.13 12.91 -0.88
N ALA A 71 -4.21 12.15 -1.07
CA ALA A 71 -4.37 11.33 -2.25
C ALA A 71 -4.91 12.15 -3.43
N THR A 72 -4.06 12.37 -4.43
CA THR A 72 -4.45 13.13 -5.60
C THR A 72 -4.69 12.22 -6.80
N LYS A 73 -5.37 12.76 -7.81
CA LYS A 73 -5.67 11.99 -9.02
C LYS A 73 -4.48 11.13 -9.42
N ALA A 74 -3.28 11.69 -9.31
CA ALA A 74 -2.06 10.97 -9.65
C ALA A 74 -1.84 9.78 -8.73
N ASP A 75 -2.10 9.98 -7.44
CA ASP A 75 -1.93 8.93 -6.45
C ASP A 75 -2.74 7.69 -6.83
N ALA A 76 -3.87 7.91 -7.47
CA ALA A 76 -4.75 6.82 -7.89
C ALA A 76 -4.05 5.93 -8.91
N ALA A 77 -3.36 4.90 -8.42
CA ALA A 77 -2.65 3.97 -9.29
C ALA A 77 -2.64 2.57 -8.71
N GLU A 78 -2.20 1.60 -9.50
CA GLU A 78 -2.14 0.21 -9.06
C GLU A 78 -0.94 -0.02 -8.14
N TYR A 79 -1.21 -0.04 -6.83
CA TYR A 79 -0.16 -0.24 -5.84
C TYR A 79 0.08 -1.73 -5.59
N SER A 80 1.25 -2.22 -5.98
CA SER A 80 1.59 -3.62 -5.80
C SER A 80 2.78 -3.77 -4.87
N VAL A 81 2.69 -4.73 -3.95
CA VAL A 81 3.76 -4.98 -2.99
C VAL A 81 4.60 -6.18 -3.41
N MET A 82 5.83 -6.24 -2.90
CA MET A 82 6.73 -7.35 -3.22
C MET A 82 7.46 -7.83 -1.97
N THR A 83 7.42 -9.13 -1.74
CA THR A 83 8.07 -9.73 -0.58
C THR A 83 9.11 -10.76 -1.00
N THR A 84 9.74 -11.39 -0.01
CA THR A 84 10.76 -12.40 -0.28
C THR A 84 10.22 -13.51 -1.18
N GLY A 85 8.94 -13.85 -0.99
CA GLY A 85 8.32 -14.89 -1.78
C GLY A 85 6.84 -14.65 -1.98
N GLY A 86 6.48 -13.43 -2.39
CA GLY A 86 5.09 -13.11 -2.60
C GLY A 86 4.90 -11.72 -3.18
N GLN A 87 3.72 -11.47 -3.75
CA GLN A 87 3.42 -10.17 -4.35
C GLN A 87 1.92 -9.90 -4.36
N SER A 88 1.55 -8.63 -4.26
CA SER A 88 0.14 -8.25 -4.25
C SER A 88 -0.10 -7.04 -5.13
N SER A 89 -1.35 -6.82 -5.50
CA SER A 89 -1.71 -5.69 -6.35
C SER A 89 -3.13 -5.21 -6.04
N ALA A 90 -3.34 -3.89 -6.16
CA ALA A 90 -4.64 -3.30 -5.90
C ALA A 90 -4.93 -2.14 -6.85
N LYS A 91 -6.13 -1.61 -6.78
CA LYS A 91 -6.54 -0.49 -7.63
C LYS A 91 -7.09 0.65 -6.80
N LEU A 92 -6.38 1.77 -6.79
CA LEU A 92 -6.80 2.95 -6.02
C LEU A 92 -7.40 4.00 -6.96
N SER A 93 -8.62 4.42 -6.66
CA SER A 93 -9.31 5.42 -7.46
C SER A 93 -9.49 6.72 -6.68
N VAL A 94 -9.15 7.84 -7.30
CA VAL A 94 -9.27 9.14 -6.66
C VAL A 94 -10.38 9.97 -7.31
N ASP A 95 -11.33 10.41 -6.51
CA ASP A 95 -12.44 11.22 -7.01
C ASP A 95 -12.51 12.56 -6.28
N LEU A 96 -13.30 13.48 -6.82
CA LEU A 96 -13.46 14.79 -6.22
C LEU A 96 -14.77 14.89 -5.44
N LYS A 97 -14.65 14.94 -4.11
CA LYS A 97 -15.82 15.04 -3.24
C LYS A 97 -16.50 16.39 -3.40
N SER A 98 -17.83 16.38 -3.39
CA SER A 98 -18.60 17.62 -3.54
C SER A 98 -20.08 17.35 -3.28
N GLY A 99 -20.66 18.10 -2.34
CA GLY A 99 -22.06 17.93 -2.01
C GLY A 99 -22.77 19.25 -1.82
N PRO A 100 -23.89 19.23 -1.09
CA PRO A 100 -24.69 20.44 -0.82
C PRO A 100 -23.98 21.40 0.13
N SER A 101 -22.75 21.05 0.51
CA SER A 101 -21.97 21.88 1.42
C SER A 101 -21.00 22.76 0.64
N SER A 102 -21.25 24.06 0.66
CA SER A 102 -20.39 25.02 -0.04
C SER A 102 -19.50 25.76 0.93
N GLY A 103 -18.35 26.24 0.44
CA GLY A 103 -17.43 26.97 1.29
C GLY A 103 -16.25 26.12 1.73
N GLY A 1 14.84 -25.99 5.65
CA GLY A 1 14.51 -25.73 4.26
C GLY A 1 13.18 -26.35 3.85
N SER A 2 12.11 -25.55 3.92
CA SER A 2 10.78 -26.03 3.56
C SER A 2 10.78 -26.65 2.16
N SER A 3 9.63 -27.17 1.76
CA SER A 3 9.50 -27.80 0.44
C SER A 3 9.51 -26.75 -0.65
N GLY A 4 10.58 -26.75 -1.45
CA GLY A 4 10.70 -25.80 -2.54
C GLY A 4 11.76 -24.75 -2.27
N SER A 5 11.39 -23.72 -1.51
CA SER A 5 12.33 -22.65 -1.18
C SER A 5 11.84 -21.85 0.02
N SER A 6 12.63 -20.87 0.44
CA SER A 6 12.28 -20.04 1.59
C SER A 6 11.81 -18.66 1.13
N GLY A 7 10.55 -18.34 1.41
CA GLY A 7 10.01 -17.05 1.02
C GLY A 7 8.79 -16.66 1.83
N ILE A 8 8.36 -15.42 1.70
CA ILE A 8 7.18 -14.94 2.41
C ILE A 8 5.96 -14.90 1.50
N MET A 9 4.84 -15.40 2.01
CA MET A 9 3.60 -15.42 1.25
C MET A 9 2.61 -14.39 1.79
N VAL A 10 1.92 -13.70 0.88
CA VAL A 10 0.94 -12.69 1.27
C VAL A 10 -0.39 -13.33 1.64
N THR A 11 -0.63 -13.49 2.93
CA THR A 11 -1.86 -14.09 3.41
C THR A 11 -3.07 -13.21 3.09
N LYS A 12 -2.87 -11.90 3.19
CA LYS A 12 -3.93 -10.94 2.91
C LYS A 12 -3.55 -10.04 1.74
N GLN A 13 -4.35 -10.07 0.67
CA GLN A 13 -4.11 -9.25 -0.50
C GLN A 13 -4.77 -7.90 -0.37
N LEU A 14 -4.16 -6.88 -0.96
CA LEU A 14 -4.70 -5.52 -0.90
C LEU A 14 -6.12 -5.49 -1.46
N GLU A 15 -6.96 -4.64 -0.87
CA GLU A 15 -8.34 -4.50 -1.30
C GLU A 15 -8.58 -3.15 -1.95
N ASP A 16 -9.29 -3.15 -3.08
CA ASP A 16 -9.59 -1.93 -3.80
C ASP A 16 -10.03 -0.82 -2.84
N THR A 17 -9.40 0.34 -2.96
CA THR A 17 -9.73 1.48 -2.10
C THR A 17 -10.18 2.68 -2.93
N THR A 18 -11.21 3.36 -2.45
CA THR A 18 -11.74 4.53 -3.14
C THR A 18 -11.70 5.76 -2.25
N ALA A 19 -10.72 6.64 -2.48
CA ALA A 19 -10.58 7.86 -1.70
C ALA A 19 -10.87 9.08 -2.56
N TYR A 20 -10.90 10.25 -1.90
CA TYR A 20 -11.17 11.51 -2.61
C TYR A 20 -9.89 12.32 -2.76
N CYS A 21 -9.88 13.21 -3.75
CA CYS A 21 -8.73 14.06 -4.01
C CYS A 21 -8.34 14.84 -2.77
N GLY A 22 -7.24 14.41 -2.12
CA GLY A 22 -6.79 15.08 -0.92
C GLY A 22 -6.94 14.22 0.32
N GLU A 23 -7.83 13.23 0.24
CA GLU A 23 -8.07 12.34 1.37
C GLU A 23 -6.84 11.48 1.65
N ARG A 24 -6.90 10.73 2.75
CA ARG A 24 -5.79 9.87 3.14
C ARG A 24 -6.13 8.41 2.89
N VAL A 25 -5.32 7.74 2.08
CA VAL A 25 -5.54 6.33 1.77
C VAL A 25 -4.74 5.42 2.70
N GLU A 26 -5.34 4.29 3.05
CA GLU A 26 -4.68 3.33 3.95
C GLU A 26 -4.79 1.92 3.39
N LEU A 27 -3.69 1.42 2.85
CA LEU A 27 -3.65 0.08 2.28
C LEU A 27 -3.11 -0.93 3.30
N GLU A 28 -3.99 -1.81 3.78
CA GLU A 28 -3.61 -2.81 4.75
C GLU A 28 -3.39 -4.17 4.08
N CYS A 29 -2.56 -5.00 4.71
CA CYS A 29 -2.26 -6.32 4.17
C CYS A 29 -1.55 -7.19 5.20
N GLU A 30 -1.34 -8.45 4.87
CA GLU A 30 -0.67 -9.38 5.77
C GLU A 30 0.27 -10.30 5.01
N VAL A 31 1.22 -10.90 5.73
CA VAL A 31 2.19 -11.80 5.11
C VAL A 31 2.29 -13.11 5.89
N SER A 32 3.17 -13.99 5.44
CA SER A 32 3.36 -15.29 6.09
C SER A 32 4.28 -15.16 7.30
N GLU A 33 5.31 -14.33 7.16
CA GLU A 33 6.26 -14.12 8.25
C GLU A 33 5.88 -12.90 9.07
N ASP A 34 6.63 -12.66 10.15
CA ASP A 34 6.36 -11.53 11.03
C ASP A 34 7.44 -10.46 10.88
N ASP A 35 7.17 -9.28 11.40
CA ASP A 35 8.12 -8.18 11.33
C ASP A 35 8.91 -8.22 10.02
N ALA A 36 8.23 -8.58 8.94
CA ALA A 36 8.86 -8.67 7.63
C ALA A 36 9.00 -7.28 7.00
N ASN A 37 9.70 -7.23 5.87
CA ASN A 37 9.90 -5.97 5.16
C ASN A 37 9.40 -6.07 3.72
N VAL A 38 8.18 -5.61 3.50
CA VAL A 38 7.58 -5.64 2.16
C VAL A 38 8.01 -4.43 1.35
N LYS A 39 7.98 -4.57 0.03
CA LYS A 39 8.36 -3.49 -0.88
C LYS A 39 7.14 -2.97 -1.63
N TRP A 40 6.74 -1.74 -1.32
CA TRP A 40 5.60 -1.12 -1.96
C TRP A 40 6.01 -0.45 -3.27
N PHE A 41 5.24 -0.70 -4.33
CA PHE A 41 5.52 -0.13 -5.64
C PHE A 41 4.29 0.56 -6.21
N LYS A 42 4.48 1.75 -6.76
CA LYS A 42 3.38 2.52 -7.34
C LYS A 42 3.32 2.31 -8.86
N ASN A 43 2.44 1.42 -9.29
CA ASN A 43 2.28 1.13 -10.72
C ASN A 43 3.55 0.51 -11.29
N GLY A 44 4.32 -0.15 -10.43
CA GLY A 44 5.54 -0.79 -10.86
C GLY A 44 6.78 -0.11 -10.29
N GLU A 45 6.70 1.20 -10.12
CA GLU A 45 7.82 1.97 -9.59
C GLU A 45 7.96 1.76 -8.08
N GLU A 46 9.19 1.81 -7.59
CA GLU A 46 9.46 1.62 -6.17
C GLU A 46 9.25 2.92 -5.39
N ILE A 47 8.63 2.80 -4.23
CA ILE A 47 8.37 3.96 -3.39
C ILE A 47 9.44 4.13 -2.32
N ILE A 48 9.91 5.37 -2.15
CA ILE A 48 10.93 5.67 -1.17
C ILE A 48 10.41 6.63 -0.10
N PRO A 49 9.90 6.07 1.00
CA PRO A 49 9.36 6.86 2.11
C PRO A 49 10.46 7.60 2.89
N GLY A 50 10.08 8.19 4.01
CA GLY A 50 11.04 8.92 4.82
C GLY A 50 10.43 10.14 5.47
N PRO A 51 11.28 11.00 6.05
CA PRO A 51 10.85 12.23 6.72
C PRO A 51 10.32 13.27 5.73
N LYS A 52 11.05 13.47 4.64
CA LYS A 52 10.64 14.44 3.63
C LYS A 52 9.91 13.75 2.49
N SER A 53 9.21 12.66 2.80
CA SER A 53 8.46 11.91 1.80
C SER A 53 6.97 12.09 2.01
N ARG A 54 6.18 11.52 1.08
CA ARG A 54 4.73 11.62 1.16
C ARG A 54 4.13 10.31 1.66
N TYR A 55 4.80 9.21 1.37
CA TYR A 55 4.33 7.89 1.79
C TYR A 55 4.99 7.47 3.10
N ARG A 56 4.29 6.65 3.87
CA ARG A 56 4.80 6.16 5.15
C ARG A 56 4.47 4.69 5.34
N ILE A 57 5.49 3.85 5.24
CA ILE A 57 5.31 2.41 5.41
C ILE A 57 5.56 1.99 6.86
N ARG A 58 4.49 1.60 7.55
CA ARG A 58 4.59 1.16 8.93
C ARG A 58 4.46 -0.35 9.05
N VAL A 59 5.15 -0.93 10.03
CA VAL A 59 5.10 -2.36 10.24
C VAL A 59 4.48 -2.70 11.59
N GLU A 60 3.37 -3.43 11.57
CA GLU A 60 2.67 -3.82 12.80
C GLU A 60 2.42 -5.32 12.82
N GLY A 61 3.09 -6.01 13.74
CA GLY A 61 2.92 -7.45 13.85
C GLY A 61 3.24 -8.18 12.56
N LYS A 62 2.22 -8.82 11.97
CA LYS A 62 2.39 -9.55 10.73
C LYS A 62 1.59 -8.90 9.60
N LYS A 63 1.19 -7.65 9.82
CA LYS A 63 0.43 -6.91 8.81
C LYS A 63 1.06 -5.55 8.54
N HIS A 64 0.95 -5.10 7.29
CA HIS A 64 1.51 -3.81 6.90
C HIS A 64 0.40 -2.82 6.56
N ILE A 65 0.69 -1.53 6.74
CA ILE A 65 -0.28 -0.48 6.44
C ILE A 65 0.38 0.72 5.77
N LEU A 66 0.13 0.88 4.48
CA LEU A 66 0.70 1.99 3.72
C LEU A 66 -0.25 3.18 3.70
N ILE A 67 0.09 4.21 4.46
CA ILE A 67 -0.72 5.42 4.52
C ILE A 67 -0.23 6.48 3.55
N ILE A 68 -1.15 7.07 2.80
CA ILE A 68 -0.81 8.10 1.83
C ILE A 68 -1.41 9.44 2.22
N GLU A 69 -0.55 10.40 2.53
CA GLU A 69 -1.00 11.74 2.91
C GLU A 69 -1.29 12.60 1.68
N GLY A 70 -2.56 12.80 1.39
CA GLY A 70 -2.95 13.59 0.24
C GLY A 70 -3.06 12.77 -1.03
N ALA A 71 -4.16 12.04 -1.17
CA ALA A 71 -4.39 11.21 -2.34
C ALA A 71 -5.02 12.00 -3.46
N THR A 72 -4.19 12.58 -4.33
CA THR A 72 -4.67 13.37 -5.44
C THR A 72 -5.09 12.47 -6.61
N LYS A 73 -5.70 13.09 -7.63
CA LYS A 73 -6.15 12.35 -8.80
C LYS A 73 -5.02 11.49 -9.38
N ALA A 74 -3.85 12.09 -9.50
CA ALA A 74 -2.68 11.38 -10.03
C ALA A 74 -2.32 10.18 -9.17
N ASP A 75 -2.27 10.40 -7.86
CA ASP A 75 -1.93 9.34 -6.91
C ASP A 75 -2.67 8.06 -7.27
N ALA A 76 -3.93 8.20 -7.70
CA ALA A 76 -4.74 7.04 -8.06
C ALA A 76 -3.98 6.12 -9.02
N ALA A 77 -3.37 5.08 -8.46
CA ALA A 77 -2.61 4.12 -9.26
C ALA A 77 -2.64 2.74 -8.62
N GLU A 78 -2.24 1.73 -9.40
CA GLU A 78 -2.22 0.36 -8.91
C GLU A 78 -1.03 0.12 -7.99
N TYR A 79 -1.29 0.07 -6.69
CA TYR A 79 -0.23 -0.15 -5.71
C TYR A 79 0.00 -1.64 -5.49
N SER A 80 1.17 -2.11 -5.92
CA SER A 80 1.52 -3.52 -5.78
C SER A 80 2.75 -3.69 -4.88
N VAL A 81 2.68 -4.65 -3.98
CA VAL A 81 3.79 -4.91 -3.06
C VAL A 81 4.62 -6.09 -3.55
N MET A 82 5.81 -6.23 -2.97
CA MET A 82 6.72 -7.33 -3.34
C MET A 82 7.53 -7.79 -2.13
N THR A 83 7.29 -9.02 -1.70
CA THR A 83 7.99 -9.59 -0.55
C THR A 83 9.07 -10.56 -1.00
N THR A 84 9.77 -11.15 -0.03
CA THR A 84 10.83 -12.10 -0.32
C THR A 84 10.32 -13.25 -1.19
N GLY A 85 9.03 -13.57 -1.03
CA GLY A 85 8.44 -14.65 -1.80
C GLY A 85 6.95 -14.46 -2.01
N GLY A 86 6.55 -13.24 -2.33
CA GLY A 86 5.14 -12.95 -2.54
C GLY A 86 4.92 -11.60 -3.21
N GLN A 87 3.72 -11.40 -3.74
CA GLN A 87 3.38 -10.15 -4.41
C GLN A 87 1.88 -9.90 -4.36
N SER A 88 1.50 -8.62 -4.35
CA SER A 88 0.09 -8.25 -4.30
C SER A 88 -0.16 -6.98 -5.11
N SER A 89 -1.42 -6.76 -5.48
CA SER A 89 -1.79 -5.58 -6.26
C SER A 89 -3.18 -5.09 -5.87
N ALA A 90 -3.39 -3.79 -5.95
CA ALA A 90 -4.67 -3.18 -5.61
C ALA A 90 -4.99 -2.01 -6.53
N LYS A 91 -6.26 -1.63 -6.58
CA LYS A 91 -6.69 -0.52 -7.41
C LYS A 91 -7.17 0.65 -6.56
N LEU A 92 -6.56 1.81 -6.75
CA LEU A 92 -6.93 3.01 -5.99
C LEU A 92 -7.56 4.06 -6.90
N SER A 93 -8.81 4.40 -6.62
CA SER A 93 -9.52 5.39 -7.41
C SER A 93 -9.74 6.68 -6.62
N VAL A 94 -9.38 7.81 -7.23
CA VAL A 94 -9.54 9.11 -6.58
C VAL A 94 -10.68 9.89 -7.20
N ASP A 95 -11.68 10.23 -6.37
CA ASP A 95 -12.83 10.99 -6.83
C ASP A 95 -12.82 12.40 -6.25
N LEU A 96 -13.33 13.36 -7.02
CA LEU A 96 -13.39 14.74 -6.57
C LEU A 96 -14.64 15.00 -5.74
N LYS A 97 -14.46 15.12 -4.43
CA LYS A 97 -15.57 15.38 -3.52
C LYS A 97 -15.91 16.87 -3.47
N SER A 98 -14.94 17.66 -3.02
CA SER A 98 -15.15 19.10 -2.92
C SER A 98 -13.92 19.86 -3.43
N GLY A 99 -14.03 21.18 -3.52
CA GLY A 99 -12.94 22.00 -4.00
C GLY A 99 -12.94 23.39 -3.40
N PRO A 100 -13.62 24.33 -4.06
CA PRO A 100 -13.71 25.72 -3.60
C PRO A 100 -14.55 25.85 -2.34
N SER A 101 -14.43 27.00 -1.67
CA SER A 101 -15.17 27.26 -0.45
C SER A 101 -16.67 27.36 -0.74
N SER A 102 -17.38 26.26 -0.49
CA SER A 102 -18.83 26.22 -0.73
C SER A 102 -19.50 27.48 -0.20
N GLY A 103 -20.69 27.76 -0.71
CA GLY A 103 -21.43 28.94 -0.29
C GLY A 103 -22.89 28.86 -0.65
N GLY A 1 17.26 -26.97 14.65
CA GLY A 1 18.28 -25.93 14.76
C GLY A 1 18.46 -25.16 13.46
N SER A 2 18.76 -25.87 12.39
CA SER A 2 18.96 -25.24 11.09
C SER A 2 17.63 -25.06 10.36
N SER A 3 17.11 -23.84 10.40
CA SER A 3 15.84 -23.54 9.74
C SER A 3 16.07 -22.98 8.34
N GLY A 4 15.90 -23.84 7.34
CA GLY A 4 16.09 -23.41 5.97
C GLY A 4 15.27 -22.19 5.61
N SER A 5 15.93 -21.05 5.50
CA SER A 5 15.26 -19.79 5.16
C SER A 5 14.26 -20.00 4.03
N SER A 6 13.05 -19.49 4.22
CA SER A 6 11.99 -19.62 3.21
C SER A 6 11.38 -18.26 2.89
N GLY A 7 10.91 -18.13 1.66
CA GLY A 7 10.30 -16.87 1.24
C GLY A 7 9.04 -16.54 2.02
N ILE A 8 8.51 -15.34 1.80
CA ILE A 8 7.29 -14.91 2.49
C ILE A 8 6.13 -14.77 1.51
N MET A 9 4.97 -15.30 1.90
CA MET A 9 3.79 -15.23 1.06
C MET A 9 2.78 -14.23 1.62
N VAL A 10 1.99 -13.63 0.74
CA VAL A 10 0.98 -12.65 1.15
C VAL A 10 -0.34 -13.34 1.46
N THR A 11 -0.61 -13.55 2.76
CA THR A 11 -1.84 -14.19 3.19
C THR A 11 -3.05 -13.32 2.88
N LYS A 12 -2.96 -12.04 3.25
CA LYS A 12 -4.05 -11.10 3.02
C LYS A 12 -3.69 -10.12 1.90
N GLN A 13 -4.16 -10.42 0.69
CA GLN A 13 -3.90 -9.56 -0.46
C GLN A 13 -4.61 -8.22 -0.32
N LEU A 14 -4.09 -7.21 -1.01
CA LEU A 14 -4.68 -5.87 -0.97
C LEU A 14 -6.07 -5.88 -1.58
N GLU A 15 -6.92 -4.95 -1.13
CA GLU A 15 -8.28 -4.85 -1.63
C GLU A 15 -8.54 -3.46 -2.24
N ASP A 16 -9.08 -3.44 -3.44
CA ASP A 16 -9.38 -2.18 -4.12
C ASP A 16 -9.95 -1.16 -3.16
N THR A 17 -9.45 0.07 -3.23
CA THR A 17 -9.92 1.14 -2.35
C THR A 17 -10.26 2.39 -3.15
N THR A 18 -11.31 3.09 -2.72
CA THR A 18 -11.74 4.30 -3.40
C THR A 18 -11.72 5.50 -2.45
N ALA A 19 -10.73 6.37 -2.62
CA ALA A 19 -10.59 7.56 -1.78
C ALA A 19 -10.93 8.82 -2.57
N TYR A 20 -10.80 9.97 -1.90
CA TYR A 20 -11.10 11.25 -2.53
C TYR A 20 -9.82 12.07 -2.71
N CYS A 21 -9.86 13.04 -3.62
CA CYS A 21 -8.72 13.89 -3.88
C CYS A 21 -8.32 14.67 -2.63
N GLY A 22 -7.12 14.39 -2.12
CA GLY A 22 -6.64 15.06 -0.93
C GLY A 22 -6.79 14.22 0.32
N GLU A 23 -7.77 13.32 0.31
CA GLU A 23 -8.02 12.45 1.45
C GLU A 23 -6.81 11.56 1.72
N ARG A 24 -6.81 10.91 2.89
CA ARG A 24 -5.70 10.03 3.27
C ARG A 24 -6.01 8.58 2.90
N VAL A 25 -5.10 7.96 2.15
CA VAL A 25 -5.27 6.58 1.72
C VAL A 25 -4.40 5.64 2.55
N GLU A 26 -5.01 4.58 3.07
CA GLU A 26 -4.29 3.61 3.88
C GLU A 26 -4.60 2.18 3.42
N LEU A 27 -3.58 1.50 2.90
CA LEU A 27 -3.73 0.14 2.42
C LEU A 27 -3.15 -0.86 3.42
N GLU A 28 -4.01 -1.73 3.96
CA GLU A 28 -3.58 -2.73 4.92
C GLU A 28 -3.38 -4.09 4.24
N CYS A 29 -2.47 -4.89 4.78
CA CYS A 29 -2.19 -6.21 4.23
C CYS A 29 -1.45 -7.07 5.25
N GLU A 30 -1.46 -8.38 5.02
CA GLU A 30 -0.78 -9.32 5.91
C GLU A 30 0.17 -10.22 5.13
N VAL A 31 1.10 -10.85 5.85
CA VAL A 31 2.07 -11.74 5.23
C VAL A 31 2.11 -13.09 5.96
N SER A 32 3.02 -13.96 5.51
CA SER A 32 3.16 -15.27 6.11
C SER A 32 4.11 -15.23 7.30
N GLU A 33 4.97 -14.21 7.32
CA GLU A 33 5.93 -14.05 8.41
C GLU A 33 5.77 -12.69 9.07
N ASP A 34 6.25 -12.58 10.31
CA ASP A 34 6.16 -11.33 11.06
C ASP A 34 7.42 -10.49 10.87
N ASP A 35 7.44 -9.32 11.48
CA ASP A 35 8.59 -8.42 11.38
C ASP A 35 9.23 -8.52 10.00
N ALA A 36 8.40 -8.63 8.97
CA ALA A 36 8.88 -8.73 7.60
C ALA A 36 8.96 -7.36 6.94
N ASN A 37 9.82 -7.23 5.94
CA ASN A 37 9.98 -5.96 5.23
C ASN A 37 9.47 -6.08 3.79
N VAL A 38 8.25 -5.60 3.57
CA VAL A 38 7.65 -5.65 2.24
C VAL A 38 8.05 -4.45 1.41
N LYS A 39 7.97 -4.58 0.09
CA LYS A 39 8.33 -3.50 -0.82
C LYS A 39 7.10 -2.99 -1.57
N TRP A 40 6.72 -1.75 -1.29
CA TRP A 40 5.57 -1.13 -1.93
C TRP A 40 5.97 -0.43 -3.22
N PHE A 41 5.18 -0.63 -4.28
CA PHE A 41 5.47 0.00 -5.57
C PHE A 41 4.24 0.74 -6.09
N LYS A 42 4.48 1.86 -6.75
CA LYS A 42 3.40 2.67 -7.30
C LYS A 42 3.25 2.43 -8.80
N ASN A 43 2.35 1.52 -9.16
CA ASN A 43 2.10 1.20 -10.56
C ASN A 43 3.36 0.63 -11.22
N GLY A 44 4.18 -0.05 -10.42
CA GLY A 44 5.41 -0.63 -10.93
C GLY A 44 6.65 0.08 -10.44
N GLU A 45 6.50 1.36 -10.12
CA GLU A 45 7.61 2.17 -9.63
C GLU A 45 7.90 1.87 -8.15
N GLU A 46 9.14 2.07 -7.74
CA GLU A 46 9.54 1.83 -6.37
C GLU A 46 9.27 3.06 -5.50
N ILE A 47 8.63 2.84 -4.35
CA ILE A 47 8.33 3.94 -3.44
C ILE A 47 9.44 4.12 -2.41
N ILE A 48 9.78 5.37 -2.13
CA ILE A 48 10.81 5.69 -1.16
C ILE A 48 10.29 6.61 -0.08
N PRO A 49 9.77 6.02 1.01
CA PRO A 49 9.23 6.78 2.15
C PRO A 49 10.32 7.48 2.93
N GLY A 50 9.91 8.19 3.99
CA GLY A 50 10.86 8.91 4.82
C GLY A 50 10.24 10.07 5.56
N PRO A 51 11.08 10.94 6.14
CA PRO A 51 10.63 12.11 6.89
C PRO A 51 10.01 13.17 5.99
N LYS A 52 10.59 13.34 4.80
CA LYS A 52 10.10 14.31 3.84
C LYS A 52 9.14 13.68 2.85
N SER A 53 9.44 12.44 2.44
CA SER A 53 8.60 11.73 1.49
C SER A 53 7.13 11.77 1.93
N ARG A 54 6.24 11.50 0.99
CA ARG A 54 4.80 11.50 1.27
C ARG A 54 4.34 10.13 1.72
N TYR A 55 4.90 9.08 1.13
CA TYR A 55 4.54 7.71 1.47
C TYR A 55 5.24 7.27 2.75
N ARG A 56 4.50 6.58 3.62
CA ARG A 56 5.06 6.09 4.87
C ARG A 56 4.67 4.63 5.11
N ILE A 57 5.66 3.75 4.98
CA ILE A 57 5.42 2.32 5.18
C ILE A 57 5.61 1.94 6.65
N ARG A 58 4.50 1.61 7.31
CA ARG A 58 4.54 1.22 8.72
C ARG A 58 4.36 -0.28 8.87
N VAL A 59 4.95 -0.83 9.93
CA VAL A 59 4.86 -2.27 10.19
C VAL A 59 4.18 -2.53 11.52
N GLU A 60 3.04 -3.23 11.47
CA GLU A 60 2.29 -3.56 12.67
C GLU A 60 2.08 -5.07 12.79
N GLY A 61 2.88 -5.70 13.63
CA GLY A 61 2.77 -7.13 13.83
C GLY A 61 3.10 -7.92 12.56
N LYS A 62 2.08 -8.55 11.98
CA LYS A 62 2.26 -9.32 10.77
C LYS A 62 1.53 -8.68 9.59
N LYS A 63 1.10 -7.44 9.78
CA LYS A 63 0.39 -6.71 8.73
C LYS A 63 1.03 -5.35 8.48
N HIS A 64 1.04 -4.92 7.23
CA HIS A 64 1.62 -3.64 6.85
C HIS A 64 0.54 -2.64 6.48
N ILE A 65 0.88 -1.35 6.53
CA ILE A 65 -0.07 -0.30 6.19
C ILE A 65 0.62 0.83 5.43
N LEU A 66 0.23 0.99 4.17
CA LEU A 66 0.80 2.03 3.32
C LEU A 66 -0.09 3.28 3.31
N ILE A 67 0.27 4.26 4.12
CA ILE A 67 -0.50 5.50 4.19
C ILE A 67 0.01 6.52 3.17
N ILE A 68 -0.93 7.23 2.55
CA ILE A 68 -0.59 8.24 1.56
C ILE A 68 -1.16 9.61 1.93
N GLU A 69 -0.30 10.48 2.44
CA GLU A 69 -0.71 11.82 2.84
C GLU A 69 -1.09 12.66 1.63
N GLY A 70 -2.38 12.93 1.48
CA GLY A 70 -2.85 13.72 0.36
C GLY A 70 -2.98 12.90 -0.91
N ALA A 71 -4.03 12.10 -0.99
CA ALA A 71 -4.26 11.27 -2.17
C ALA A 71 -4.88 12.07 -3.31
N THR A 72 -4.03 12.64 -4.16
CA THR A 72 -4.49 13.43 -5.29
C THR A 72 -4.91 12.55 -6.45
N LYS A 73 -5.66 13.12 -7.40
CA LYS A 73 -6.12 12.39 -8.55
C LYS A 73 -5.05 11.45 -9.09
N ALA A 74 -3.80 11.90 -9.04
CA ALA A 74 -2.67 11.10 -9.50
C ALA A 74 -2.46 9.88 -8.61
N ASP A 75 -2.49 10.11 -7.30
CA ASP A 75 -2.29 9.04 -6.34
C ASP A 75 -3.03 7.77 -6.77
N ALA A 76 -4.17 7.96 -7.43
CA ALA A 76 -4.97 6.84 -7.91
C ALA A 76 -4.19 5.99 -8.91
N ALA A 77 -3.55 4.94 -8.42
CA ALA A 77 -2.77 4.05 -9.26
C ALA A 77 -2.75 2.63 -8.71
N GLU A 78 -2.24 1.69 -9.49
CA GLU A 78 -2.18 0.30 -9.08
C GLU A 78 -1.04 0.08 -8.09
N TYR A 79 -1.39 0.01 -6.81
CA TYR A 79 -0.39 -0.19 -5.76
C TYR A 79 -0.13 -1.69 -5.54
N SER A 80 1.08 -2.12 -5.87
CA SER A 80 1.46 -3.52 -5.71
C SER A 80 2.70 -3.65 -4.83
N VAL A 81 2.65 -4.60 -3.89
CA VAL A 81 3.77 -4.83 -2.98
C VAL A 81 4.61 -6.01 -3.44
N MET A 82 5.78 -6.17 -2.84
CA MET A 82 6.69 -7.26 -3.18
C MET A 82 7.47 -7.72 -1.96
N THR A 83 7.32 -8.99 -1.61
CA THR A 83 8.01 -9.56 -0.46
C THR A 83 9.11 -10.52 -0.89
N THR A 84 9.75 -11.17 0.08
CA THR A 84 10.82 -12.12 -0.21
C THR A 84 10.33 -13.22 -1.15
N GLY A 85 9.07 -13.60 -1.00
CA GLY A 85 8.51 -14.65 -1.84
C GLY A 85 7.02 -14.47 -2.07
N GLY A 86 6.59 -13.23 -2.27
CA GLY A 86 5.18 -12.96 -2.49
C GLY A 86 4.95 -11.60 -3.13
N GLN A 87 3.74 -11.40 -3.65
CA GLN A 87 3.39 -10.14 -4.29
C GLN A 87 1.89 -9.90 -4.24
N SER A 88 1.50 -8.63 -4.31
CA SER A 88 0.08 -8.26 -4.27
C SER A 88 -0.18 -7.01 -5.11
N SER A 89 -1.43 -6.83 -5.52
CA SER A 89 -1.81 -5.68 -6.32
C SER A 89 -3.16 -5.12 -5.86
N ALA A 90 -3.34 -3.82 -6.03
CA ALA A 90 -4.57 -3.16 -5.64
C ALA A 90 -4.85 -1.93 -6.51
N LYS A 91 -6.12 -1.66 -6.76
CA LYS A 91 -6.52 -0.53 -7.58
C LYS A 91 -7.09 0.59 -6.72
N LEU A 92 -6.52 1.78 -6.85
CA LEU A 92 -6.98 2.93 -6.08
C LEU A 92 -7.57 4.00 -7.00
N SER A 93 -8.76 4.48 -6.65
CA SER A 93 -9.44 5.50 -7.44
C SER A 93 -9.73 6.74 -6.60
N VAL A 94 -9.33 7.90 -7.11
CA VAL A 94 -9.54 9.16 -6.42
C VAL A 94 -10.61 9.99 -7.10
N ASP A 95 -11.54 10.52 -6.30
CA ASP A 95 -12.62 11.34 -6.83
C ASP A 95 -12.73 12.66 -6.08
N LEU A 96 -13.34 13.65 -6.72
CA LEU A 96 -13.50 14.96 -6.10
C LEU A 96 -14.82 15.05 -5.34
N LYS A 97 -14.74 15.03 -4.01
CA LYS A 97 -15.92 15.12 -3.17
C LYS A 97 -16.58 16.48 -3.29
N SER A 98 -17.82 16.57 -2.81
CA SER A 98 -18.57 17.82 -2.87
C SER A 98 -18.07 18.81 -1.82
N GLY A 99 -16.84 19.28 -2.00
CA GLY A 99 -16.26 20.23 -1.06
C GLY A 99 -14.92 19.77 -0.54
N PRO A 100 -13.85 20.04 -1.30
CA PRO A 100 -12.49 19.66 -0.92
C PRO A 100 -11.97 20.47 0.26
N SER A 101 -12.78 21.41 0.74
CA SER A 101 -12.40 22.25 1.87
C SER A 101 -11.72 21.43 2.96
N SER A 102 -10.96 22.11 3.82
CA SER A 102 -10.25 21.45 4.90
C SER A 102 -11.12 20.36 5.52
N GLY A 103 -12.37 20.70 5.81
CA GLY A 103 -13.28 19.74 6.40
C GLY A 103 -13.57 20.05 7.86
#